data_8JNR
#
_entry.id   8JNR
#
_cell.length_a   108.615
_cell.length_b   142.171
_cell.length_c   130.110
_cell.angle_alpha   90.00
_cell.angle_beta   113.07
_cell.angle_gamma   90.00
#
_symmetry.space_group_name_H-M   'P 1 21 1'
#
loop_
_entity.id
_entity.type
_entity.pdbx_description
1 polymer 'Alpha-ketoglutarate-dependent dioxygenase alkB homolog 3'
2 polymer DNA
3 polymer 'Synthetic antibody heavy chain'
4 polymer 'Synthetic antibody light chain'
5 non-polymer N-OXALYLGLYCINE
6 non-polymer 'MANGANESE (II) ION'
7 non-polymer '[(2R,3S,5R)-5-(4-azanyl-3-methyl-2-oxo-pyrimidin-3-ium-1-yl)-3-hydroxy-oxolan-2-yl]methyl dihydrogen phosphate'
#
loop_
_entity_poly.entity_id
_entity_poly.type
_entity_poly.pdbx_seq_one_letter_code
_entity_poly.pdbx_strand_id
1 'polypeptide(L)'
;MGSSHHHHHHSSGLVPRGSHMRVIDREGVYEISLSPTGVSRVCLYPGFVDVKEADWILEQLSQDVPWKQRTGIREDITYQ
QPRLTAWYGELPYTYSRITMEPNPHWHPVLRTLKNRIEENTGHTFNSLLCNLYRNEKDSVCWHSDDEPSLGRSPIIASLS
FGATRTFEMRKKPPPEENGDYTYVERVKIPLDHGTLLIMEGATQADWQHRVPKEYHSREPRVNLTFRTVYPDPRGAPW
;
A,C,D,E
2 'polydeoxyribonucleotide' (DT)(ME6)(DT) B,F
3 'polypeptide(L)'
;EVQLVESGGGLVQPGGSLRLSCAASGFNFSYSSIHWVRQAPGKGLEWVAYIYSSSGYTSYADSVKGRFTISADTSKNTAY
LQMNSLRAEDTAVYYCARGDSWYAMDYWGQGTLVTVSSASTKGPSVFPLAPSSGTAALGCLVKDYFPEPVTVSWNSGALT
SGVHTFPAVLQSSGLYSLSSVVTVPSSSLGTQTYICNVNHKPSNTKVDKKVEPKSC
;
G,H,I,J
4 'polypeptide(L)'
;SDIQMTQSPSSLSASVGDRVTITCRASQSVSSAVAWYQQKPGKAPKLLIYSASSLYSGVPSRFSGSRSGTDFTLTISSLQ
PEDFATYYCQQPSYIYYPVTFGQGTKVEIKRTVAAPSVFIFPPSDSQLKSGTASVVCLLNNFYPREAKVQWKVDNALQSG
NSQESVTEQDSKDSTYSLSSTLTLSKADYEKHKVYACEVTHQGLSSPVTKSFNRGEC
;
K,L,M,N
#
# COMPACT_ATOMS: atom_id res chain seq x y z
N MET A 21 -22.93 31.07 -31.86
CA MET A 21 -21.91 31.61 -30.92
C MET A 21 -22.22 31.19 -29.47
N ARG A 22 -21.35 30.35 -28.91
CA ARG A 22 -21.47 29.92 -27.51
C ARG A 22 -20.19 30.28 -26.74
N VAL A 23 -20.38 30.77 -25.52
CA VAL A 23 -19.29 31.06 -24.59
C VAL A 23 -19.36 30.06 -23.45
N ILE A 24 -18.22 29.42 -23.14
CA ILE A 24 -18.12 28.41 -22.08
C ILE A 24 -17.07 28.81 -21.07
N ASP A 25 -17.49 29.06 -19.83
CA ASP A 25 -16.54 29.35 -18.76
C ASP A 25 -16.80 28.58 -17.46
N ARG A 26 -17.66 27.57 -17.50
CA ARG A 26 -18.02 26.82 -16.29
C ARG A 26 -17.35 25.46 -16.33
N GLU A 27 -16.94 24.97 -15.17
CA GLU A 27 -16.51 23.58 -15.07
C GLU A 27 -17.63 22.67 -15.56
N GLY A 28 -17.28 21.70 -16.40
CA GLY A 28 -18.30 20.82 -16.94
C GLY A 28 -17.87 20.06 -18.17
N VAL A 29 -18.76 19.17 -18.59
CA VAL A 29 -18.65 18.43 -19.83
C VAL A 29 -19.68 18.98 -20.81
N TYR A 30 -19.21 19.41 -21.98
CA TYR A 30 -20.02 20.04 -22.97
C TYR A 30 -19.96 19.24 -24.26
N GLU A 31 -21.14 18.80 -24.73
CA GLU A 31 -21.28 18.20 -26.06
C GLU A 31 -21.62 19.33 -27.04
N ILE A 32 -20.62 19.77 -27.78
CA ILE A 32 -20.75 20.97 -28.63
C ILE A 32 -21.44 20.72 -29.97
N SER A 33 -21.45 19.47 -30.44
CA SER A 33 -22.18 19.08 -31.63
C SER A 33 -22.37 17.58 -31.69
N LEU A 34 -23.38 17.16 -32.44
CA LEU A 34 -23.73 15.74 -32.58
C LEU A 34 -23.67 15.22 -34.01
N SER A 35 -23.32 16.08 -34.96
CA SER A 35 -23.30 15.72 -36.37
C SER A 35 -22.36 16.67 -37.12
N PRO A 36 -21.94 16.30 -38.35
CA PRO A 36 -22.27 15.10 -39.12
C PRO A 36 -21.53 13.82 -38.71
N THR A 37 -20.35 13.95 -38.12
CA THR A 37 -19.50 12.78 -37.88
C THR A 37 -19.94 11.97 -36.67
N GLY A 38 -20.39 12.68 -35.63
CA GLY A 38 -20.76 12.06 -34.36
C GLY A 38 -20.70 13.10 -33.25
N VAL A 39 -20.65 12.60 -32.02
CA VAL A 39 -20.57 13.49 -30.85
C VAL A 39 -19.19 14.17 -30.77
N SER A 40 -19.20 15.49 -30.68
CA SER A 40 -18.00 16.26 -30.39
C SER A 40 -18.07 16.68 -28.93
N ARG A 41 -17.11 16.21 -28.14
CA ARG A 41 -17.12 16.40 -26.69
C ARG A 41 -15.86 17.11 -26.23
N VAL A 42 -16.04 18.15 -25.43
CA VAL A 42 -14.95 18.86 -24.76
C VAL A 42 -15.25 18.90 -23.27
N CYS A 43 -14.20 18.72 -22.45
CA CYS A 43 -14.32 18.70 -20.99
C CYS A 43 -13.38 19.73 -20.42
N LEU A 44 -13.92 20.57 -19.52
CA LEU A 44 -13.16 21.64 -18.91
C LEU A 44 -13.02 21.40 -17.40
N TYR A 45 -11.79 21.57 -16.89
CA TYR A 45 -11.51 21.43 -15.48
C TYR A 45 -10.66 22.61 -15.04
N PRO A 46 -11.31 23.72 -14.63
CA PRO A 46 -10.57 24.83 -14.04
C PRO A 46 -9.89 24.44 -12.72
N GLY A 47 -8.71 25.00 -12.48
CA GLY A 47 -7.99 24.77 -11.23
C GLY A 47 -7.43 23.38 -11.05
N PHE A 48 -7.23 22.65 -12.14
CA PHE A 48 -6.61 21.33 -12.11
C PHE A 48 -5.23 21.39 -11.45
N VAL A 49 -4.47 22.42 -11.80
CA VAL A 49 -3.22 22.76 -11.11
C VAL A 49 -3.48 23.99 -10.24
N ASP A 50 -3.10 23.91 -8.96
CA ASP A 50 -3.29 25.01 -8.01
C ASP A 50 -2.39 26.18 -8.36
N VAL A 51 -2.82 27.38 -7.97
CA VAL A 51 -2.19 28.61 -8.41
C VAL A 51 -0.69 28.64 -8.17
N LYS A 52 -0.26 28.28 -6.97
CA LYS A 52 1.15 28.40 -6.64
C LYS A 52 2.00 27.39 -7.39
N GLU A 53 1.49 26.17 -7.50
CA GLU A 53 2.16 25.15 -8.27
C GLU A 53 2.19 25.50 -9.74
N ALA A 54 1.10 26.05 -10.24
CA ALA A 54 1.07 26.48 -11.64
C ALA A 54 2.10 27.59 -11.89
N ASP A 55 2.24 28.51 -10.93
CA ASP A 55 3.26 29.57 -11.00
C ASP A 55 4.66 28.97 -11.09
N TRP A 56 4.93 28.00 -10.23
CA TRP A 56 6.24 27.37 -10.20
C TRP A 56 6.51 26.56 -11.46
N ILE A 57 5.50 25.85 -11.94
CA ILE A 57 5.62 25.09 -13.19
C ILE A 57 5.89 26.03 -14.35
N LEU A 58 5.18 27.15 -14.40
CA LEU A 58 5.40 28.14 -15.45
C LEU A 58 6.86 28.60 -15.48
N GLU A 59 7.38 28.97 -14.30
CA GLU A 59 8.77 29.44 -14.19
C GLU A 59 9.76 28.38 -14.61
N GLN A 60 9.47 27.16 -14.20
CA GLN A 60 10.32 26.06 -14.51
C GLN A 60 10.38 25.73 -15.98
N LEU A 61 9.20 25.65 -16.60
CA LEU A 61 9.10 25.31 -18.00
C LEU A 61 9.63 26.42 -18.88
N SER A 62 9.43 27.67 -18.47
CA SER A 62 10.01 28.79 -19.19
C SER A 62 11.54 28.77 -19.17
N GLN A 63 12.13 28.29 -18.08
CA GLN A 63 13.59 28.22 -17.97
C GLN A 63 14.19 26.97 -18.62
N ASP A 64 13.54 25.82 -18.46
CA ASP A 64 14.18 24.52 -18.72
C ASP A 64 13.85 23.92 -20.09
N VAL A 65 12.66 24.18 -20.61
CA VAL A 65 12.24 23.59 -21.88
C VAL A 65 13.11 24.20 -22.98
N PRO A 66 13.58 23.37 -23.95
CA PRO A 66 14.39 23.92 -25.05
C PRO A 66 13.55 24.61 -26.13
N TRP A 67 13.06 25.81 -25.80
CA TRP A 67 12.17 26.57 -26.67
C TRP A 67 12.93 27.05 -27.90
N LYS A 68 12.30 26.89 -29.07
CA LYS A 68 12.85 27.40 -30.31
C LYS A 68 11.75 28.02 -31.15
N GLN A 69 12.13 29.05 -31.91
CA GLN A 69 11.26 29.64 -32.91
C GLN A 69 11.48 28.89 -34.21
N ARG A 70 10.47 28.14 -34.63
CA ARG A 70 10.63 27.23 -35.76
C ARG A 70 9.99 27.83 -37.02
N THR A 71 10.42 27.29 -38.16
CA THR A 71 9.91 27.69 -39.47
C THR A 71 8.63 26.92 -39.88
N GLY A 72 7.79 27.60 -40.64
CA GLY A 72 6.66 26.99 -41.33
C GLY A 72 6.90 27.10 -42.83
N ILE A 73 5.94 26.61 -43.62
CA ILE A 73 6.12 26.52 -45.07
C ILE A 73 4.96 27.10 -45.86
N ARG A 74 3.74 26.64 -45.58
CA ARG A 74 2.55 27.02 -46.36
C ARG A 74 2.63 26.46 -47.80
N GLU A 75 3.02 27.29 -48.77
CA GLU A 75 3.01 26.93 -50.19
C GLU A 75 4.20 27.57 -50.91
N ASP A 76 5.36 26.92 -50.79
CA ASP A 76 6.62 27.37 -51.42
C ASP A 76 7.13 28.71 -50.85
N ILE A 77 6.75 29.02 -49.61
CA ILE A 77 7.13 30.28 -48.93
C ILE A 77 7.68 29.87 -47.57
N THR A 78 8.29 30.81 -46.86
CA THR A 78 8.97 30.53 -45.62
C THR A 78 8.68 31.64 -44.64
N TYR A 79 8.43 31.27 -43.38
CA TYR A 79 8.11 32.24 -42.34
C TYR A 79 8.40 31.68 -40.95
N GLN A 80 8.63 32.60 -40.02
CA GLN A 80 8.80 32.27 -38.61
C GLN A 80 7.44 32.17 -37.95
N GLN A 81 7.19 31.08 -37.25
CA GLN A 81 5.92 30.90 -36.55
C GLN A 81 5.87 31.92 -35.43
N PRO A 82 4.71 32.58 -35.22
CA PRO A 82 4.60 33.55 -34.12
C PRO A 82 4.34 32.89 -32.76
N ARG A 83 5.22 31.96 -32.42
CA ARG A 83 5.18 31.23 -31.16
C ARG A 83 6.41 30.34 -31.08
N LEU A 84 6.83 30.03 -29.87
CA LEU A 84 7.93 29.11 -29.61
C LEU A 84 7.38 27.72 -29.39
N THR A 85 8.17 26.72 -29.76
CA THR A 85 7.73 25.35 -29.64
C THR A 85 8.86 24.43 -29.20
N ALA A 86 8.45 23.28 -28.68
CA ALA A 86 9.34 22.16 -28.34
C ALA A 86 8.49 20.90 -28.33
N TRP A 87 9.15 19.76 -28.53
CA TRP A 87 8.44 18.49 -28.62
C TRP A 87 9.06 17.46 -27.70
N TYR A 88 8.19 16.59 -27.16
CA TYR A 88 8.61 15.47 -26.32
C TYR A 88 7.89 14.20 -26.78
N GLY A 89 8.62 13.10 -26.84
CA GLY A 89 8.09 11.83 -27.27
C GLY A 89 9.10 11.07 -28.08
N GLU A 90 8.82 9.81 -28.35
CA GLU A 90 9.71 8.96 -29.16
C GLU A 90 9.37 8.94 -30.65
N LEU A 91 8.27 9.59 -31.05
CA LEU A 91 7.82 9.64 -32.44
C LEU A 91 7.74 11.06 -32.97
N PRO A 92 8.06 11.25 -34.27
CA PRO A 92 8.04 12.60 -34.82
C PRO A 92 6.62 13.09 -35.11
N TYR A 93 6.47 14.41 -35.02
CA TYR A 93 5.21 15.09 -35.35
C TYR A 93 5.50 16.14 -36.40
N THR A 94 4.85 16.00 -37.55
CA THR A 94 5.06 16.88 -38.69
C THR A 94 3.78 17.67 -38.99
N TYR A 95 3.82 18.97 -38.73
CA TYR A 95 2.74 19.90 -39.11
C TYR A 95 3.33 21.13 -39.78
N SER A 96 2.51 21.78 -40.62
CA SER A 96 2.96 22.93 -41.42
C SER A 96 4.17 22.57 -42.28
N ARG A 97 4.23 21.30 -42.68
CA ARG A 97 5.29 20.77 -43.53
C ARG A 97 6.69 20.74 -42.92
N ILE A 98 6.76 20.95 -41.62
CA ILE A 98 8.03 20.92 -40.90
C ILE A 98 7.93 19.84 -39.83
N THR A 99 9.03 19.11 -39.65
CA THR A 99 9.09 18.03 -38.68
C THR A 99 9.85 18.50 -37.45
N MET A 100 9.33 18.11 -36.28
CA MET A 100 9.95 18.41 -35.01
C MET A 100 10.68 17.16 -34.55
N GLU A 101 11.91 17.37 -34.07
CA GLU A 101 12.76 16.28 -33.59
C GLU A 101 12.23 15.69 -32.27
N PRO A 102 11.81 14.40 -32.30
CA PRO A 102 11.26 13.81 -31.07
C PRO A 102 12.26 13.72 -29.94
N ASN A 103 11.85 14.12 -28.74
CA ASN A 103 12.72 14.07 -27.56
C ASN A 103 12.40 12.83 -26.73
N PRO A 104 13.37 11.92 -26.53
CA PRO A 104 13.07 10.74 -25.73
C PRO A 104 12.96 11.00 -24.21
N HIS A 105 13.76 11.95 -23.71
CA HIS A 105 13.80 12.23 -22.27
CA HIS A 105 13.81 12.23 -22.27
C HIS A 105 12.79 13.31 -21.90
N TRP A 106 11.67 12.90 -21.33
CA TRP A 106 10.65 13.84 -20.89
C TRP A 106 11.15 14.55 -19.64
N HIS A 107 10.93 15.85 -19.57
CA HIS A 107 11.19 16.60 -18.34
C HIS A 107 10.39 15.96 -17.20
N PRO A 108 11.01 15.77 -16.02
CA PRO A 108 10.32 15.06 -14.93
C PRO A 108 8.94 15.64 -14.57
N VAL A 109 8.82 16.97 -14.61
CA VAL A 109 7.55 17.63 -14.36
C VAL A 109 6.53 17.29 -15.41
N LEU A 110 6.98 17.27 -16.66
CA LEU A 110 6.10 16.90 -17.76
C LEU A 110 5.63 15.46 -17.67
N ARG A 111 6.51 14.61 -17.15
CA ARG A 111 6.15 13.22 -16.94
C ARG A 111 5.05 13.16 -15.91
N THR A 112 5.34 13.78 -14.77
CA THR A 112 4.42 13.80 -13.66
C THR A 112 3.05 14.29 -14.10
N LEU A 113 3.01 15.39 -14.85
CA LEU A 113 1.75 15.92 -15.33
C LEU A 113 1.06 14.95 -16.29
N LYS A 114 1.84 14.33 -17.16
CA LYS A 114 1.31 13.31 -18.05
C LYS A 114 0.61 12.23 -17.23
N ASN A 115 1.31 11.68 -16.24
CA ASN A 115 0.75 10.61 -15.43
C ASN A 115 -0.50 11.06 -14.68
N ARG A 116 -0.48 12.29 -14.18
CA ARG A 116 -1.64 12.84 -13.46
C ARG A 116 -2.85 12.92 -14.37
N ILE A 117 -2.62 13.40 -15.58
CA ILE A 117 -3.69 13.51 -16.54
C ILE A 117 -4.24 12.12 -16.85
N GLU A 118 -3.36 11.15 -17.06
CA GLU A 118 -3.79 9.81 -17.43
C GLU A 118 -4.61 9.15 -16.33
N GLU A 119 -4.14 9.25 -15.10
CA GLU A 119 -4.84 8.62 -13.99
C GLU A 119 -6.20 9.28 -13.74
N ASN A 120 -6.28 10.58 -13.93
CA ASN A 120 -7.52 11.32 -13.66
C ASN A 120 -8.51 11.30 -14.81
N THR A 121 -8.02 11.33 -16.03
CA THR A 121 -8.90 11.32 -17.20
C THR A 121 -9.23 9.91 -17.74
N GLY A 122 -8.33 8.96 -17.49
CA GLY A 122 -8.48 7.61 -17.99
C GLY A 122 -7.95 7.38 -19.40
N HIS A 123 -7.34 8.40 -20.01
CA HIS A 123 -6.77 8.31 -21.37
C HIS A 123 -5.26 8.37 -21.29
N THR A 124 -4.59 7.66 -22.17
CA THR A 124 -3.13 7.61 -22.15
C THR A 124 -2.56 8.42 -23.30
N PHE A 125 -1.31 8.87 -23.11
CA PHE A 125 -0.64 9.73 -24.08
C PHE A 125 0.82 9.29 -24.22
N ASN A 126 1.40 9.56 -25.38
CA ASN A 126 2.83 9.32 -25.61
C ASN A 126 3.56 10.48 -26.28
N SER A 127 2.88 11.62 -26.42
CA SER A 127 3.44 12.74 -27.15
C SER A 127 2.98 14.04 -26.52
N LEU A 128 3.90 15.00 -26.43
CA LEU A 128 3.62 16.32 -25.86
C LEU A 128 4.19 17.41 -26.75
N LEU A 129 3.34 18.36 -27.14
CA LEU A 129 3.76 19.53 -27.88
C LEU A 129 3.64 20.74 -26.99
N CYS A 130 4.73 21.47 -26.85
CA CYS A 130 4.78 22.65 -25.98
C CYS A 130 4.72 23.93 -26.82
N ASN A 131 3.76 24.80 -26.48
CA ASN A 131 3.60 26.10 -27.12
C ASN A 131 3.87 27.18 -26.09
N LEU A 132 4.68 28.16 -26.46
CA LEU A 132 4.93 29.33 -25.62
C LEU A 132 4.51 30.57 -26.41
N TYR A 133 3.53 31.29 -25.88
CA TYR A 133 3.08 32.58 -26.42
C TYR A 133 3.72 33.72 -25.64
N ARG A 134 4.78 34.29 -26.21
CA ARG A 134 5.66 35.22 -25.51
C ARG A 134 4.93 36.43 -24.99
N ASN A 135 3.97 36.93 -25.77
CA ASN A 135 3.16 38.07 -25.36
C ASN A 135 1.88 38.10 -26.19
N GLU A 136 1.12 39.19 -26.08
CA GLU A 136 -0.11 39.38 -26.86
C GLU A 136 0.02 39.25 -28.38
N LYS A 137 1.22 39.47 -28.92
CA LYS A 137 1.44 39.40 -30.37
C LYS A 137 1.62 37.98 -30.91
N ASP A 138 1.81 37.02 -30.02
CA ASP A 138 1.94 35.62 -30.41
C ASP A 138 0.57 35.00 -30.52
N SER A 139 0.49 33.94 -31.33
CA SER A 139 -0.78 33.33 -31.69
C SER A 139 -0.57 32.01 -32.42
N VAL A 140 -1.67 31.31 -32.64
CA VAL A 140 -1.73 30.17 -33.55
C VAL A 140 -3.07 30.39 -34.23
N CYS A 141 -3.08 30.33 -35.56
CA CYS A 141 -4.30 30.64 -36.31
C CYS A 141 -5.05 29.35 -36.61
N TRP A 142 -6.11 29.44 -37.41
CA TRP A 142 -7.00 28.31 -37.63
C TRP A 142 -6.43 27.03 -38.19
N HIS A 143 -6.72 25.93 -37.51
CA HIS A 143 -6.37 24.60 -37.99
C HIS A 143 -7.14 23.55 -37.19
N SER A 144 -7.09 22.32 -37.67
CA SER A 144 -7.55 21.16 -36.92
C SER A 144 -6.37 20.25 -36.69
N ASP A 145 -6.43 19.49 -35.62
CA ASP A 145 -5.40 18.49 -35.35
C ASP A 145 -5.85 17.15 -35.94
N ASP A 146 -5.78 17.07 -37.26
CA ASP A 146 -6.24 15.87 -37.98
C ASP A 146 -5.12 15.20 -38.78
N GLU A 147 -3.88 15.41 -38.33
CA GLU A 147 -2.72 14.77 -38.93
C GLU A 147 -2.93 13.25 -38.81
N PRO A 148 -2.66 12.50 -39.89
CA PRO A 148 -3.01 11.08 -39.89
C PRO A 148 -2.30 10.22 -38.83
N SER A 149 -1.12 10.66 -38.36
CA SER A 149 -0.39 9.93 -37.31
C SER A 149 -1.06 10.05 -35.94
N LEU A 150 -2.04 10.94 -35.83
CA LEU A 150 -2.91 11.02 -34.64
C LEU A 150 -3.99 9.94 -34.59
N GLY A 151 -4.20 9.22 -35.70
CA GLY A 151 -5.24 8.20 -35.76
C GLY A 151 -6.62 8.79 -36.00
N ARG A 152 -7.60 7.89 -36.04
CA ARG A 152 -9.01 8.27 -36.18
C ARG A 152 -9.54 8.82 -34.87
N SER A 153 -10.15 10.00 -34.91
CA SER A 153 -10.75 10.68 -33.74
C SER A 153 -9.81 10.70 -32.52
N PRO A 154 -8.74 11.52 -32.58
CA PRO A 154 -7.77 11.51 -31.49
C PRO A 154 -8.30 12.17 -30.23
N ILE A 155 -7.71 11.77 -29.09
CA ILE A 155 -7.98 12.40 -27.82
C ILE A 155 -6.82 13.35 -27.54
N ILE A 156 -7.12 14.61 -27.31
CA ILE A 156 -6.11 15.66 -27.08
C ILE A 156 -6.41 16.39 -25.77
N ALA A 157 -5.39 16.52 -24.92
CA ALA A 157 -5.49 17.20 -23.62
C ALA A 157 -4.63 18.46 -23.61
N SER A 158 -5.19 19.56 -23.12
CA SER A 158 -4.56 20.87 -23.17
C SER A 158 -4.50 21.45 -21.80
N LEU A 159 -3.29 21.77 -21.34
CA LEU A 159 -3.06 22.35 -20.02
C LEU A 159 -2.33 23.68 -20.17
N SER A 160 -2.87 24.71 -19.54
CA SER A 160 -2.40 26.09 -19.71
C SER A 160 -1.79 26.69 -18.44
N PHE A 161 -0.78 27.53 -18.63
CA PHE A 161 -0.11 28.23 -17.55
C PHE A 161 0.22 29.63 -18.00
N GLY A 162 0.18 30.57 -17.06
CA GLY A 162 0.50 31.97 -17.32
C GLY A 162 -0.72 32.81 -17.59
N ALA A 163 -0.56 33.82 -18.44
CA ALA A 163 -1.63 34.76 -18.74
C ALA A 163 -2.79 34.05 -19.44
N THR A 164 -3.99 34.53 -19.17
CA THR A 164 -5.18 34.04 -19.84
C THR A 164 -5.17 34.45 -21.32
N ARG A 165 -5.51 33.51 -22.18
CA ARG A 165 -5.76 33.74 -23.59
C ARG A 165 -7.01 32.97 -23.97
N THR A 166 -7.62 33.38 -25.08
CA THR A 166 -8.90 32.80 -25.50
C THR A 166 -8.65 31.70 -26.53
N PHE A 167 -9.26 30.53 -26.27
CA PHE A 167 -9.24 29.40 -27.20
C PHE A 167 -10.54 29.43 -27.99
N GLU A 168 -10.45 29.84 -29.26
CA GLU A 168 -11.62 29.96 -30.12
C GLU A 168 -11.79 28.71 -30.98
N MET A 169 -13.05 28.31 -31.20
CA MET A 169 -13.41 27.16 -32.03
C MET A 169 -14.48 27.55 -33.03
N ARG A 170 -14.35 27.03 -34.24
CA ARG A 170 -15.37 27.22 -35.29
C ARG A 170 -15.68 25.87 -35.90
N LYS A 171 -16.95 25.62 -36.17
CA LYS A 171 -17.38 24.36 -36.75
C LYS A 171 -17.10 24.40 -38.24
N LYS A 172 -16.66 23.27 -38.79
CA LYS A 172 -16.38 23.20 -40.21
C LYS A 172 -17.69 23.24 -40.99
N PRO A 173 -17.68 23.89 -42.17
CA PRO A 173 -18.82 23.83 -43.08
C PRO A 173 -18.90 22.50 -43.81
N PRO A 174 -20.12 22.08 -44.19
CA PRO A 174 -20.23 20.82 -44.91
C PRO A 174 -19.86 21.07 -46.38
N PRO A 175 -19.38 20.03 -47.10
CA PRO A 175 -18.87 20.22 -48.48
C PRO A 175 -19.80 20.86 -49.52
N GLU A 176 -21.09 20.96 -49.21
CA GLU A 176 -22.04 21.67 -50.07
C GLU A 176 -21.85 23.20 -50.08
N GLU A 177 -21.26 23.76 -49.01
CA GLU A 177 -21.10 25.21 -48.86
C GLU A 177 -19.72 25.74 -49.28
N ASN A 178 -18.90 24.87 -49.86
CA ASN A 178 -17.60 25.26 -50.45
C ASN A 178 -16.70 25.99 -49.47
N GLY A 179 -16.63 25.49 -48.26
CA GLY A 179 -15.74 26.02 -47.24
C GLY A 179 -16.03 27.46 -46.84
N ASP A 180 -17.28 27.73 -46.47
CA ASP A 180 -17.67 29.07 -46.05
C ASP A 180 -17.12 29.34 -44.65
N TYR A 181 -16.28 30.36 -44.56
CA TYR A 181 -15.58 30.66 -43.29
C TYR A 181 -16.48 31.35 -42.27
N THR A 182 -17.68 31.76 -42.70
CA THR A 182 -18.58 32.56 -41.86
C THR A 182 -19.92 31.87 -41.62
N TYR A 183 -20.64 32.37 -40.63
CA TYR A 183 -22.00 31.94 -40.25
C TYR A 183 -22.10 30.57 -39.56
N VAL A 184 -20.99 29.85 -39.44
CA VAL A 184 -21.00 28.54 -38.81
C VAL A 184 -20.80 28.79 -37.31
N GLU A 185 -21.17 27.80 -36.50
CA GLU A 185 -21.12 27.94 -35.03
C GLU A 185 -19.72 28.15 -34.47
N ARG A 186 -19.62 29.17 -33.61
CA ARG A 186 -18.35 29.61 -33.04
C ARG A 186 -18.41 29.41 -31.55
N VAL A 187 -17.30 28.99 -30.97
CA VAL A 187 -17.22 28.75 -29.54
C VAL A 187 -15.91 29.37 -29.02
N LYS A 188 -15.98 30.13 -27.93
CA LYS A 188 -14.80 30.68 -27.26
C LYS A 188 -14.70 30.12 -25.85
N ILE A 189 -13.51 29.63 -25.50
CA ILE A 189 -13.23 29.00 -24.20
C ILE A 189 -12.03 29.70 -23.56
N PRO A 190 -12.26 30.55 -22.55
CA PRO A 190 -11.13 31.14 -21.87
C PRO A 190 -10.36 30.09 -21.09
N LEU A 191 -9.05 30.09 -21.27
CA LEU A 191 -8.14 29.15 -20.63
C LEU A 191 -7.30 29.93 -19.62
N ASP A 192 -7.64 29.80 -18.35
CA ASP A 192 -6.99 30.55 -17.29
C ASP A 192 -5.89 29.71 -16.63
N HIS A 193 -5.14 30.36 -15.76
CA HIS A 193 -3.95 29.79 -15.12
C HIS A 193 -4.30 28.46 -14.45
N GLY A 194 -3.71 27.37 -14.92
CA GLY A 194 -3.92 26.06 -14.30
C GLY A 194 -5.15 25.31 -14.77
N THR A 195 -5.79 25.79 -15.84
CA THR A 195 -6.98 25.13 -16.39
C THR A 195 -6.63 23.98 -17.36
N LEU A 196 -7.27 22.84 -17.15
CA LEU A 196 -7.12 21.67 -18.01
C LEU A 196 -8.31 21.57 -18.96
N LEU A 197 -8.00 21.37 -20.24
CA LEU A 197 -9.00 21.15 -21.29
C LEU A 197 -8.76 19.79 -21.93
N ILE A 198 -9.84 19.01 -22.12
CA ILE A 198 -9.77 17.75 -22.84
C ILE A 198 -10.68 17.83 -24.05
N MET A 199 -10.16 17.41 -25.21
CA MET A 199 -10.95 17.25 -26.45
C MET A 199 -10.96 15.79 -26.87
N GLU A 200 -12.15 15.27 -27.17
CA GLU A 200 -12.28 13.90 -27.64
C GLU A 200 -13.41 13.79 -28.64
N GLY A 201 -13.57 12.61 -29.22
CA GLY A 201 -14.62 12.35 -30.19
C GLY A 201 -14.31 12.99 -31.54
N ALA A 202 -15.36 13.54 -32.15
CA ALA A 202 -15.27 14.11 -33.48
C ALA A 202 -14.74 15.54 -33.53
N THR A 203 -14.20 16.03 -32.42
CA THR A 203 -13.81 17.44 -32.31
C THR A 203 -12.79 17.85 -33.37
N GLN A 204 -11.83 16.99 -33.66
CA GLN A 204 -10.81 17.32 -34.66
C GLN A 204 -11.31 17.16 -36.09
N ALA A 205 -12.26 16.24 -36.30
CA ALA A 205 -12.84 16.06 -37.62
C ALA A 205 -13.80 17.18 -38.03
N ASP A 206 -14.58 17.68 -37.07
CA ASP A 206 -15.69 18.59 -37.35
C ASP A 206 -15.44 20.05 -36.99
N TRP A 207 -14.41 20.33 -36.19
CA TRP A 207 -14.12 21.71 -35.73
C TRP A 207 -12.67 22.11 -36.00
N GLN A 208 -12.46 23.42 -36.13
CA GLN A 208 -11.12 24.01 -36.12
C GLN A 208 -11.00 24.89 -34.91
N HIS A 209 -9.77 25.18 -34.53
CA HIS A 209 -9.49 26.03 -33.40
C HIS A 209 -8.27 26.87 -33.65
N ARG A 210 -8.13 27.91 -32.83
CA ARG A 210 -6.99 28.82 -32.89
C ARG A 210 -6.87 29.59 -31.60
N VAL A 211 -5.78 30.32 -31.47
CA VAL A 211 -5.58 31.26 -30.36
C VAL A 211 -5.22 32.60 -30.97
N PRO A 212 -6.14 33.58 -30.94
CA PRO A 212 -5.88 34.83 -31.62
C PRO A 212 -4.92 35.73 -30.85
N LYS A 213 -4.33 36.67 -31.57
CA LYS A 213 -3.59 37.76 -30.95
C LYS A 213 -4.54 38.63 -30.14
N GLU A 214 -3.99 39.34 -29.18
CA GLU A 214 -4.77 40.24 -28.34
C GLU A 214 -4.29 41.67 -28.52
N TYR A 215 -5.13 42.62 -28.10
CA TYR A 215 -4.89 44.05 -28.30
C TYR A 215 -4.60 44.79 -26.99
N HIS A 216 -4.47 44.05 -25.89
CA HIS A 216 -3.99 44.58 -24.63
C HIS A 216 -2.81 43.74 -24.18
N SER A 217 -2.01 44.29 -23.28
CA SER A 217 -0.83 43.60 -22.78
C SER A 217 -1.21 42.22 -22.22
N ARG A 218 -0.44 41.22 -22.61
CA ARG A 218 -0.56 39.89 -22.05
C ARG A 218 0.81 39.47 -21.58
N GLU A 219 0.86 38.85 -20.40
CA GLU A 219 2.06 38.19 -19.94
C GLU A 219 2.27 36.91 -20.77
N PRO A 220 3.44 36.24 -20.63
CA PRO A 220 3.64 35.01 -21.39
C PRO A 220 2.72 33.87 -20.96
N ARG A 221 2.36 33.03 -21.92
CA ARG A 221 1.55 31.84 -21.65
C ARG A 221 2.30 30.61 -22.18
N VAL A 222 2.35 29.56 -21.36
CA VAL A 222 2.82 28.25 -21.79
C VAL A 222 1.65 27.29 -21.84
N ASN A 223 1.50 26.59 -22.97
CA ASN A 223 0.46 25.59 -23.15
C ASN A 223 1.07 24.22 -23.41
N LEU A 224 0.51 23.20 -22.77
CA LEU A 224 0.90 21.82 -22.94
C LEU A 224 -0.23 21.03 -23.60
N THR A 225 0.06 20.49 -24.77
CA THR A 225 -0.89 19.69 -25.55
C THR A 225 -0.40 18.25 -25.66
N PHE A 226 -1.13 17.34 -25.02
CA PHE A 226 -0.77 15.92 -25.00
C PHE A 226 -1.58 15.16 -26.02
N ARG A 227 -0.93 14.21 -26.66
CA ARG A 227 -1.60 13.41 -27.67
C ARG A 227 -0.89 12.10 -27.89
N THR A 228 -1.53 11.23 -28.67
CA THR A 228 -0.98 9.94 -29.00
C THR A 228 -0.63 9.95 -30.49
N VAL A 229 0.65 9.71 -30.77
CA VAL A 229 1.18 9.56 -32.12
C VAL A 229 1.39 8.07 -32.42
N TYR A 230 0.87 7.60 -33.55
CA TYR A 230 1.02 6.22 -33.97
C TYR A 230 2.01 6.09 -35.13
N PRO A 231 2.79 4.98 -35.17
CA PRO A 231 3.58 4.57 -36.32
C PRO A 231 2.94 4.83 -37.70
N MET C 21 13.25 -28.61 -54.28
CA MET C 21 12.09 -28.95 -53.39
C MET C 21 12.56 -29.21 -51.96
N ARG C 22 12.24 -28.29 -51.06
CA ARG C 22 12.54 -28.41 -49.63
C ARG C 22 11.27 -28.61 -48.82
N VAL C 23 11.31 -29.55 -47.88
CA VAL C 23 10.20 -29.79 -46.98
C VAL C 23 10.60 -29.33 -45.59
N ILE C 24 9.76 -28.50 -44.99
CA ILE C 24 10.02 -27.93 -43.67
C ILE C 24 8.83 -28.27 -42.79
N ASP C 25 9.09 -29.00 -41.71
CA ASP C 25 8.05 -29.29 -40.72
C ASP C 25 8.48 -29.09 -39.26
N ARG C 26 9.64 -28.50 -39.03
CA ARG C 26 10.18 -28.36 -37.68
C ARG C 26 10.01 -26.92 -37.20
N GLU C 27 9.86 -26.77 -35.88
CA GLU C 27 9.86 -25.47 -35.25
C GLU C 27 11.20 -24.81 -35.54
N GLY C 28 11.15 -23.54 -35.97
CA GLY C 28 12.37 -22.84 -36.30
C GLY C 28 12.13 -21.59 -37.11
N VAL C 29 13.22 -20.88 -37.37
CA VAL C 29 13.25 -19.75 -38.26
C VAL C 29 14.06 -20.17 -39.48
N TYR C 30 13.46 -20.05 -40.66
CA TYR C 30 14.04 -20.54 -41.90
C TYR C 30 14.17 -19.40 -42.90
N GLU C 31 15.40 -19.14 -43.33
CA GLU C 31 15.69 -18.20 -44.41
C GLU C 31 15.66 -18.97 -45.72
N ILE C 32 14.55 -18.89 -46.45
CA ILE C 32 14.30 -19.73 -47.63
C ILE C 32 14.99 -19.23 -48.90
N SER C 33 15.31 -17.95 -48.94
CA SER C 33 16.09 -17.37 -50.04
C SER C 33 16.74 -16.06 -49.60
N LEU C 34 17.77 -15.65 -50.34
CA LEU C 34 18.51 -14.41 -50.06
C LEU C 34 18.53 -13.39 -51.21
N SER C 35 17.88 -13.72 -52.33
CA SER C 35 17.91 -12.85 -53.49
C SER C 35 16.69 -13.17 -54.36
N PRO C 36 16.35 -12.28 -55.32
CA PRO C 36 16.99 -11.00 -55.67
C PRO C 36 16.69 -9.80 -54.76
N THR C 37 15.59 -9.84 -54.02
CA THR C 37 15.13 -8.68 -53.26
C THR C 37 15.82 -8.56 -51.89
N GLY C 38 16.08 -9.70 -51.26
CA GLY C 38 16.65 -9.74 -49.92
C GLY C 38 16.29 -11.05 -49.26
N VAL C 39 16.44 -11.08 -47.93
CA VAL C 39 16.13 -12.28 -47.17
C VAL C 39 14.62 -12.53 -47.17
N SER C 40 14.24 -13.75 -47.53
CA SER C 40 12.88 -14.26 -47.35
C SER C 40 12.86 -15.18 -46.15
N ARG C 41 12.04 -14.83 -45.15
CA ARG C 41 12.00 -15.55 -43.89
C ARG C 41 10.59 -16.05 -43.61
N VAL C 42 10.50 -17.32 -43.24
CA VAL C 42 9.25 -17.92 -42.76
C VAL C 42 9.52 -18.60 -41.42
N CYS C 43 8.55 -18.50 -40.50
CA CYS C 43 8.66 -19.07 -39.17
C CYS C 43 7.46 -19.95 -38.89
N LEU C 44 7.73 -21.17 -38.40
CA LEU C 44 6.69 -22.17 -38.17
C LEU C 44 6.64 -22.52 -36.68
N TYR C 45 5.43 -22.52 -36.13
CA TYR C 45 5.20 -22.85 -34.73
C TYR C 45 4.04 -23.84 -34.63
N PRO C 46 4.33 -25.14 -34.77
CA PRO C 46 3.28 -26.13 -34.53
C PRO C 46 2.81 -26.13 -33.08
N GLY C 47 1.51 -26.34 -32.87
CA GLY C 47 0.93 -26.41 -31.53
C GLY C 47 0.88 -25.09 -30.77
N PHE C 48 0.92 -23.97 -31.50
CA PHE C 48 0.80 -22.64 -30.90
C PHE C 48 -0.52 -22.50 -30.14
N VAL C 49 -1.59 -23.07 -30.71
CA VAL C 49 -2.86 -23.22 -30.01
C VAL C 49 -3.01 -24.70 -29.65
N ASP C 50 -3.37 -24.96 -28.40
CA ASP C 50 -3.53 -26.33 -27.90
C ASP C 50 -4.75 -26.98 -28.54
N VAL C 51 -4.72 -28.32 -28.60
CA VAL C 51 -5.70 -29.10 -29.36
C VAL C 51 -7.14 -28.77 -28.97
N LYS C 52 -7.43 -28.73 -27.68
CA LYS C 52 -8.82 -28.53 -27.25
C LYS C 52 -9.34 -27.13 -27.51
N GLU C 53 -8.47 -26.13 -27.34
CA GLU C 53 -8.82 -24.76 -27.68
C GLU C 53 -8.98 -24.59 -29.19
N ALA C 54 -8.09 -25.18 -29.97
CA ALA C 54 -8.19 -25.11 -31.43
C ALA C 54 -9.49 -25.73 -31.93
N ASP C 55 -9.88 -26.87 -31.33
CA ASP C 55 -11.17 -27.52 -31.63
C ASP C 55 -12.34 -26.58 -31.33
N TRP C 56 -12.31 -25.93 -30.18
CA TRP C 56 -13.40 -25.04 -29.80
C TRP C 56 -13.44 -23.81 -30.67
N ILE C 57 -12.28 -23.28 -31.02
CA ILE C 57 -12.20 -22.12 -31.91
C ILE C 57 -12.76 -22.48 -33.27
N LEU C 58 -12.37 -23.64 -33.79
CA LEU C 58 -12.87 -24.12 -35.08
C LEU C 58 -14.39 -24.18 -35.10
N GLU C 59 -14.97 -24.77 -34.05
CA GLU C 59 -16.42 -24.89 -33.95
C GLU C 59 -17.10 -23.53 -33.89
N GLN C 60 -16.58 -22.63 -33.06
CA GLN C 60 -17.19 -21.33 -32.91
C GLN C 60 -17.08 -20.51 -34.20
N LEU C 61 -15.93 -20.54 -34.85
CA LEU C 61 -15.73 -19.76 -36.07
C LEU C 61 -16.52 -20.33 -37.25
N SER C 62 -16.67 -21.64 -37.30
CA SER C 62 -17.52 -22.27 -38.29
C SER C 62 -18.99 -21.90 -38.10
N GLN C 63 -19.42 -21.71 -36.86
CA GLN C 63 -20.82 -21.39 -36.58
C GLN C 63 -21.13 -19.90 -36.65
N ASP C 64 -20.21 -19.06 -36.18
CA ASP C 64 -20.50 -17.62 -35.95
C ASP C 64 -20.01 -16.64 -37.01
N VAL C 65 -18.90 -16.96 -37.68
CA VAL C 65 -18.35 -16.07 -38.70
C VAL C 65 -19.30 -16.02 -39.90
N PRO C 66 -19.59 -14.81 -40.43
CA PRO C 66 -20.51 -14.74 -41.58
C PRO C 66 -19.83 -15.13 -42.90
N TRP C 67 -19.61 -16.43 -43.07
CA TRP C 67 -18.92 -16.96 -44.24
C TRP C 67 -19.80 -16.75 -45.47
N LYS C 68 -19.18 -16.30 -46.56
CA LYS C 68 -19.89 -16.18 -47.83
C LYS C 68 -19.03 -16.65 -48.98
N GLN C 69 -19.68 -17.25 -49.97
CA GLN C 69 -19.07 -17.59 -51.24
C GLN C 69 -19.26 -16.40 -52.19
N ARG C 70 -18.17 -15.70 -52.50
CA ARG C 70 -18.26 -14.44 -53.26
C ARG C 70 -17.91 -14.64 -54.71
N THR C 71 -18.36 -13.71 -55.55
CA THR C 71 -18.05 -13.71 -56.96
C THR C 71 -16.70 -13.04 -57.22
N ASP C 76 -15.36 -10.09 -69.31
CA ASP C 76 -16.73 -10.59 -69.21
C ASP C 76 -16.71 -12.08 -68.90
N ILE C 77 -16.56 -12.40 -67.63
CA ILE C 77 -16.47 -13.80 -67.22
C ILE C 77 -17.54 -14.11 -66.16
N THR C 78 -17.17 -13.80 -64.90
CA THR C 78 -17.86 -14.14 -63.63
C THR C 78 -17.68 -15.59 -63.24
N TYR C 79 -17.56 -15.83 -61.95
CA TYR C 79 -17.38 -17.18 -61.40
C TYR C 79 -17.52 -17.19 -59.89
N GLN C 80 -17.73 -18.37 -59.34
CA GLN C 80 -17.85 -18.52 -57.90
C GLN C 80 -16.50 -18.98 -57.35
N GLN C 81 -15.97 -18.27 -56.36
CA GLN C 81 -14.69 -18.64 -55.75
C GLN C 81 -14.84 -20.01 -55.05
N PRO C 82 -13.86 -20.91 -55.22
CA PRO C 82 -13.95 -22.21 -54.54
C PRO C 82 -13.47 -22.14 -53.10
N ARG C 83 -14.05 -21.22 -52.33
CA ARG C 83 -13.76 -21.05 -50.92
C ARG C 83 -14.70 -20.01 -50.31
N LEU C 84 -14.90 -20.12 -48.99
CA LEU C 84 -15.68 -19.14 -48.23
C LEU C 84 -14.74 -18.12 -47.61
N THR C 85 -15.20 -16.88 -47.51
CA THR C 85 -14.37 -15.79 -47.00
C THR C 85 -15.18 -14.86 -46.10
N ALA C 86 -14.45 -14.11 -45.28
CA ALA C 86 -14.99 -13.02 -44.46
C ALA C 86 -13.84 -12.06 -44.16
N TRP C 87 -14.18 -10.80 -43.96
CA TRP C 87 -13.16 -9.78 -43.72
C TRP C 87 -13.44 -9.03 -42.42
N TYR C 88 -12.37 -8.58 -41.76
CA TYR C 88 -12.48 -7.74 -40.58
C TYR C 88 -11.51 -6.55 -40.64
N GLU C 101 -16.09 -5.59 -47.78
CA GLU C 101 -16.47 -4.51 -46.88
C GLU C 101 -15.72 -4.66 -45.54
N PRO C 102 -14.98 -3.60 -45.10
CA PRO C 102 -14.27 -3.71 -43.82
C PRO C 102 -15.22 -3.81 -42.64
N ASN C 103 -14.94 -4.75 -41.74
CA ASN C 103 -15.79 -4.99 -40.57
C ASN C 103 -15.15 -4.28 -39.38
N PRO C 104 -15.88 -3.32 -38.77
CA PRO C 104 -15.36 -2.68 -37.57
C PRO C 104 -15.37 -3.57 -36.32
N HIS C 105 -16.33 -4.50 -36.26
CA HIS C 105 -16.55 -5.33 -35.07
C HIS C 105 -15.88 -6.68 -35.26
N TRP C 106 -14.69 -6.82 -34.69
CA TRP C 106 -13.97 -8.10 -34.73
C TRP C 106 -14.66 -9.05 -33.76
N HIS C 107 -14.79 -10.30 -34.15
CA HIS C 107 -15.27 -11.34 -33.23
C HIS C 107 -14.29 -11.40 -32.05
N PRO C 108 -14.81 -11.52 -30.82
CA PRO C 108 -13.92 -11.51 -29.63
C PRO C 108 -12.78 -12.53 -29.63
N VAL C 109 -13.05 -13.72 -30.15
CA VAL C 109 -12.03 -14.75 -30.30
C VAL C 109 -10.94 -14.30 -31.27
N LEU C 110 -11.35 -13.64 -32.34
CA LEU C 110 -10.40 -13.12 -33.33
C LEU C 110 -9.54 -12.01 -32.75
N ARG C 111 -10.14 -11.17 -31.90
CA ARG C 111 -9.39 -10.11 -31.18
C ARG C 111 -8.35 -10.72 -30.24
N THR C 112 -8.76 -11.75 -29.50
CA THR C 112 -7.88 -12.44 -28.58
C THR C 112 -6.69 -13.06 -29.32
N LEU C 113 -6.97 -13.77 -30.41
CA LEU C 113 -5.90 -14.39 -31.18
C LEU C 113 -4.97 -13.36 -31.80
N LYS C 114 -5.55 -12.29 -32.32
CA LYS C 114 -4.78 -11.17 -32.85
C LYS C 114 -3.81 -10.65 -31.79
N ASN C 115 -4.34 -10.36 -30.60
CA ASN C 115 -3.52 -9.83 -29.52
C ASN C 115 -2.40 -10.78 -29.12
N ARG C 116 -2.72 -12.07 -29.02
CA ARG C 116 -1.71 -13.07 -28.67
C ARG C 116 -0.59 -13.12 -29.71
N ILE C 117 -0.98 -13.09 -30.98
CA ILE C 117 0.00 -13.09 -32.06
C ILE C 117 0.89 -11.86 -31.97
N GLU C 118 0.29 -10.71 -31.75
CA GLU C 118 1.06 -9.46 -31.67
C GLU C 118 2.03 -9.49 -30.51
N GLU C 119 1.56 -9.91 -29.34
CA GLU C 119 2.40 -9.96 -28.14
C GLU C 119 3.56 -10.93 -28.26
N ASN C 120 3.36 -12.04 -28.97
CA ASN C 120 4.42 -13.04 -29.10
C ASN C 120 5.40 -12.74 -30.23
N THR C 121 4.89 -12.19 -31.34
CA THR C 121 5.74 -11.89 -32.50
C THR C 121 6.36 -10.48 -32.46
N GLY C 122 5.69 -9.56 -31.79
CA GLY C 122 6.15 -8.17 -31.76
C GLY C 122 5.71 -7.33 -32.95
N HIS C 123 4.85 -7.87 -33.80
CA HIS C 123 4.32 -7.16 -34.96
C HIS C 123 2.84 -6.91 -34.77
N THR C 124 2.35 -5.79 -35.27
CA THR C 124 0.94 -5.43 -35.10
C THR C 124 0.19 -5.59 -36.39
N PHE C 125 -1.12 -5.77 -36.27
CA PHE C 125 -2.00 -6.02 -37.40
C PHE C 125 -3.30 -5.25 -37.25
N ASN C 126 -3.92 -4.91 -38.37
CA ASN C 126 -5.23 -4.24 -38.37
C ASN C 126 -6.25 -4.84 -39.31
N SER C 127 -5.92 -6.00 -39.90
CA SER C 127 -6.77 -6.62 -40.92
C SER C 127 -6.70 -8.14 -40.82
N LEU C 128 -7.87 -8.78 -40.92
CA LEU C 128 -7.95 -10.22 -40.88
C LEU C 128 -8.84 -10.71 -41.99
N LEU C 129 -8.32 -11.64 -42.78
CA LEU C 129 -9.09 -12.36 -43.78
C LEU C 129 -9.30 -13.79 -43.28
N CYS C 130 -10.57 -14.19 -43.15
CA CYS C 130 -10.91 -15.53 -42.72
C CYS C 130 -11.22 -16.40 -43.94
N ASN C 131 -10.57 -17.56 -44.02
CA ASN C 131 -10.79 -18.51 -45.09
C ASN C 131 -11.34 -19.80 -44.48
N LEU C 132 -12.39 -20.34 -45.12
CA LEU C 132 -12.96 -21.65 -44.77
C LEU C 132 -12.91 -22.52 -46.02
N TYR C 133 -12.17 -23.62 -45.93
CA TYR C 133 -12.09 -24.64 -46.99
C TYR C 133 -13.07 -25.75 -46.63
N ARG C 134 -14.22 -25.78 -47.30
CA ARG C 134 -15.33 -26.66 -46.91
C ARG C 134 -14.96 -28.14 -46.98
N ASN C 135 -14.21 -28.52 -48.01
CA ASN C 135 -13.77 -29.90 -48.18
C ASN C 135 -12.56 -29.95 -49.13
N GLU C 136 -12.17 -31.15 -49.53
CA GLU C 136 -11.03 -31.36 -50.43
C GLU C 136 -11.12 -30.62 -51.77
N LYS C 137 -12.34 -30.26 -52.20
CA LYS C 137 -12.52 -29.57 -53.47
C LYS C 137 -12.27 -28.07 -53.42
N ASP C 138 -12.16 -27.49 -52.23
CA ASP C 138 -11.86 -26.07 -52.07
C ASP C 138 -10.35 -25.85 -52.05
N SER C 139 -9.96 -24.66 -52.48
CA SER C 139 -8.55 -24.34 -52.71
C SER C 139 -8.35 -22.84 -52.95
N VAL C 140 -7.09 -22.45 -52.99
CA VAL C 140 -6.68 -21.13 -53.48
C VAL C 140 -5.45 -21.48 -54.28
N CYS C 141 -5.36 -20.93 -55.49
CA CYS C 141 -4.25 -21.26 -56.40
C CYS C 141 -3.07 -20.35 -56.13
N TRP C 142 -2.05 -20.42 -56.99
CA TRP C 142 -0.85 -19.60 -56.85
C TRP C 142 -0.99 -18.09 -56.84
N HIS C 143 -0.49 -17.46 -55.79
CA HIS C 143 -0.44 -16.00 -55.70
C HIS C 143 0.56 -15.58 -54.66
N SER C 144 0.86 -14.30 -54.64
CA SER C 144 1.60 -13.67 -53.54
C SER C 144 0.68 -12.63 -52.92
N ASP C 145 0.86 -12.37 -51.64
CA ASP C 145 0.09 -11.33 -50.97
C ASP C 145 0.86 -10.03 -51.08
N ASP C 146 0.83 -9.46 -52.29
CA ASP C 146 1.57 -8.24 -52.64
C ASP C 146 0.62 -7.14 -53.13
N GLU C 147 -0.61 -7.17 -52.62
CA GLU C 147 -1.56 -6.08 -52.84
C GLU C 147 -0.96 -4.78 -52.27
N PRO C 148 -1.04 -3.67 -53.03
CA PRO C 148 -0.29 -2.47 -52.63
C PRO C 148 -0.66 -1.86 -51.27
N SER C 149 -1.87 -2.09 -50.79
CA SER C 149 -2.30 -1.59 -49.48
C SER C 149 -1.61 -2.30 -48.30
N LEU C 150 -0.94 -3.42 -48.58
CA LEU C 150 -0.06 -4.08 -47.60
C LEU C 150 1.28 -3.37 -47.41
N GLY C 151 1.62 -2.43 -48.30
CA GLY C 151 2.90 -1.74 -48.24
C GLY C 151 4.02 -2.59 -48.78
N ARG C 152 5.23 -2.04 -48.74
CA ARG C 152 6.44 -2.75 -49.15
C ARG C 152 6.86 -3.77 -48.08
N SER C 153 7.14 -5.00 -48.53
CA SER C 153 7.58 -6.12 -47.68
C SER C 153 6.67 -6.36 -46.47
N PRO C 154 5.43 -6.81 -46.71
CA PRO C 154 4.50 -6.96 -45.62
C PRO C 154 4.81 -8.13 -44.71
N ILE C 155 4.34 -8.02 -43.47
CA ILE C 155 4.42 -9.08 -42.49
C ILE C 155 3.04 -9.73 -42.47
N ILE C 156 3.01 -11.04 -42.68
CA ILE C 156 1.77 -11.79 -42.77
C ILE C 156 1.81 -12.99 -41.83
N ALA C 157 0.77 -13.12 -41.02
CA ALA C 157 0.64 -14.24 -40.08
C ALA C 157 -0.49 -15.14 -40.54
N SER C 158 -0.30 -16.44 -40.42
CA SER C 158 -1.28 -17.44 -40.88
C SER C 158 -1.54 -18.44 -39.77
N LEU C 159 -2.79 -18.54 -39.34
CA LEU C 159 -3.19 -19.47 -38.28
C LEU C 159 -4.22 -20.44 -38.80
N SER C 160 -4.01 -21.72 -38.56
CA SER C 160 -4.84 -22.77 -39.15
C SER C 160 -5.58 -23.56 -38.08
N PHE C 161 -6.77 -24.03 -38.44
CA PHE C 161 -7.60 -24.87 -37.59
C PHE C 161 -8.28 -25.93 -38.45
N GLY C 162 -8.51 -27.11 -37.88
CA GLY C 162 -9.22 -28.20 -38.54
C GLY C 162 -8.31 -29.19 -39.22
N ALA C 163 -8.79 -29.74 -40.33
CA ALA C 163 -8.06 -30.77 -41.06
C ALA C 163 -6.75 -30.23 -41.61
N THR C 164 -5.75 -31.09 -41.68
CA THR C 164 -4.46 -30.74 -42.26
C THR C 164 -4.58 -30.58 -43.78
N ARG C 165 -4.02 -29.48 -44.26
CA ARG C 165 -3.84 -29.22 -45.69
C ARG C 165 -2.38 -28.85 -45.90
N THR C 166 -1.97 -28.79 -47.16
CA THR C 166 -0.59 -28.48 -47.51
C THR C 166 -0.46 -27.04 -48.01
N PHE C 167 0.50 -26.31 -47.43
CA PHE C 167 0.86 -24.97 -47.86
C PHE C 167 2.08 -25.09 -48.78
N GLU C 168 1.85 -24.88 -50.08
CA GLU C 168 2.91 -24.98 -51.07
C GLU C 168 3.44 -23.61 -51.41
N MET C 169 4.76 -23.54 -51.61
CA MET C 169 5.43 -22.30 -51.99
C MET C 169 6.29 -22.57 -53.21
N ARG C 170 6.34 -21.62 -54.12
CA ARG C 170 7.23 -21.68 -55.28
C ARG C 170 7.96 -20.36 -55.43
N LYS C 171 9.24 -20.42 -55.77
CA LYS C 171 10.05 -19.23 -55.93
C LYS C 171 9.80 -18.63 -57.30
N LYS C 172 9.69 -17.31 -57.38
CA LYS C 172 9.49 -16.63 -58.65
C LYS C 172 10.75 -16.72 -59.51
N PRO C 173 10.58 -16.81 -60.84
CA PRO C 173 11.75 -16.76 -61.72
C PRO C 173 12.30 -15.34 -61.83
N PRO C 174 13.60 -15.20 -62.15
CA PRO C 174 14.22 -13.89 -62.32
C PRO C 174 14.03 -13.29 -63.72
N ARG C 186 10.88 -24.50 -54.89
CA ARG C 186 9.64 -24.92 -54.27
C ARG C 186 9.85 -25.37 -52.83
N VAL C 187 8.90 -25.04 -51.97
CA VAL C 187 8.92 -25.40 -50.55
C VAL C 187 7.53 -25.91 -50.18
N LYS C 188 7.47 -27.01 -49.43
CA LYS C 188 6.21 -27.58 -48.96
C LYS C 188 6.20 -27.54 -47.44
N ILE C 189 5.12 -27.00 -46.88
CA ILE C 189 4.96 -26.84 -45.43
C ILE C 189 3.60 -27.42 -45.01
N PRO C 190 3.60 -28.61 -44.38
CA PRO C 190 2.33 -29.10 -43.81
C PRO C 190 1.85 -28.20 -42.67
N LEU C 191 0.58 -27.80 -42.74
CA LEU C 191 -0.04 -26.95 -41.72
C LEU C 191 -1.10 -27.73 -40.98
N ASP C 192 -0.74 -28.16 -39.78
CA ASP C 192 -1.59 -29.05 -38.99
C ASP C 192 -2.45 -28.22 -38.02
N HIS C 193 -3.31 -28.92 -37.29
CA HIS C 193 -4.27 -28.30 -36.38
C HIS C 193 -3.57 -27.45 -35.32
N GLY C 194 -3.83 -26.15 -35.34
CA GLY C 194 -3.25 -25.21 -34.37
C GLY C 194 -1.86 -24.67 -34.70
N THR C 195 -1.41 -24.87 -35.94
CA THR C 195 -0.09 -24.39 -36.34
C THR C 195 -0.16 -22.93 -36.80
N LEU C 196 0.78 -22.12 -36.31
CA LEU C 196 0.96 -20.73 -36.71
C LEU C 196 2.15 -20.62 -37.66
N LEU C 197 1.94 -19.92 -38.78
CA LEU C 197 2.96 -19.62 -39.76
C LEU C 197 3.12 -18.10 -39.89
N ILE C 198 4.37 -17.64 -39.88
CA ILE C 198 4.68 -16.23 -40.11
C ILE C 198 5.55 -16.11 -41.35
N MET C 199 5.17 -15.18 -42.22
CA MET C 199 5.98 -14.79 -43.39
C MET C 199 6.41 -13.34 -43.23
N GLU C 200 7.70 -13.08 -43.46
CA GLU C 200 8.23 -11.71 -43.42
C GLU C 200 9.28 -11.50 -44.50
N GLY C 201 9.78 -10.26 -44.56
CA GLY C 201 10.84 -9.90 -45.50
C GLY C 201 10.35 -9.85 -46.92
N ALA C 202 11.21 -10.30 -47.84
CA ALA C 202 10.97 -10.24 -49.28
C ALA C 202 10.09 -11.37 -49.82
N THR C 203 9.53 -12.19 -48.93
CA THR C 203 8.82 -13.40 -49.32
C THR C 203 7.72 -13.11 -50.34
N GLN C 204 6.92 -12.08 -50.09
CA GLN C 204 5.81 -11.77 -50.98
C GLN C 204 6.31 -11.17 -52.29
N ALA C 205 7.45 -10.50 -52.24
CA ALA C 205 8.09 -10.01 -53.46
C ALA C 205 8.72 -11.14 -54.26
N ASP C 206 9.27 -12.13 -53.58
CA ASP C 206 10.10 -13.16 -54.22
C ASP C 206 9.48 -14.56 -54.34
N TRP C 207 8.39 -14.82 -53.62
CA TRP C 207 7.76 -16.13 -53.62
C TRP C 207 6.26 -16.01 -53.87
N GLN C 208 5.69 -17.08 -54.41
CA GLN C 208 4.25 -17.26 -54.43
C GLN C 208 3.89 -18.46 -53.58
N HIS C 209 2.62 -18.52 -53.17
CA HIS C 209 2.11 -19.64 -52.39
C HIS C 209 0.68 -19.98 -52.82
N ARG C 210 0.25 -21.17 -52.40
CA ARG C 210 -1.11 -21.62 -52.67
C ARG C 210 -1.49 -22.73 -51.72
N VAL C 211 -2.77 -23.09 -51.75
CA VAL C 211 -3.28 -24.25 -51.04
C VAL C 211 -3.95 -25.12 -52.10
N PRO C 212 -3.31 -26.23 -52.48
CA PRO C 212 -3.81 -27.05 -53.56
C PRO C 212 -5.04 -27.87 -53.18
N LYS C 213 -5.72 -28.36 -54.20
CA LYS C 213 -6.76 -29.37 -54.05
C LYS C 213 -6.12 -30.67 -53.62
N GLU C 214 -6.88 -31.48 -52.91
CA GLU C 214 -6.41 -32.78 -52.44
C GLU C 214 -7.15 -33.90 -53.16
N TYR C 215 -6.56 -35.09 -53.13
CA TYR C 215 -7.09 -36.24 -53.86
C TYR C 215 -7.73 -37.30 -52.96
N HIS C 216 -7.84 -37.00 -51.66
CA HIS C 216 -8.58 -37.82 -50.71
C HIS C 216 -9.48 -36.88 -49.89
N SER C 217 -10.49 -37.46 -49.24
CA SER C 217 -11.43 -36.70 -48.44
C SER C 217 -10.72 -35.89 -47.35
N ARG C 218 -11.07 -34.60 -47.25
CA ARG C 218 -10.58 -33.72 -46.18
C ARG C 218 -11.79 -33.15 -45.45
N GLU C 219 -11.70 -33.12 -44.12
CA GLU C 219 -12.66 -32.36 -43.32
C GLU C 219 -12.40 -30.86 -43.53
N PRO C 220 -13.31 -29.99 -43.05
CA PRO C 220 -13.08 -28.56 -43.26
C PRO C 220 -11.86 -28.02 -42.50
N ARG C 221 -11.26 -26.98 -43.08
CA ARG C 221 -10.15 -26.26 -42.47
C ARG C 221 -10.48 -24.78 -42.49
N VAL C 222 -10.25 -24.11 -41.36
CA VAL C 222 -10.35 -22.64 -41.26
C VAL C 222 -8.95 -22.06 -41.12
N ASN C 223 -8.65 -21.06 -41.95
CA ASN C 223 -7.38 -20.34 -41.89
C ASN C 223 -7.61 -18.87 -41.64
N LEU C 224 -6.80 -18.32 -40.74
CA LEU C 224 -6.80 -16.90 -40.40
C LEU C 224 -5.49 -16.28 -40.86
N THR C 225 -5.58 -15.30 -41.76
CA THR C 225 -4.41 -14.60 -42.27
C THR C 225 -4.46 -13.14 -41.86
N PHE C 226 -3.52 -12.75 -41.00
CA PHE C 226 -3.46 -11.39 -40.47
C PHE C 226 -2.45 -10.56 -41.25
N ARG C 227 -2.85 -9.34 -41.57
CA ARG C 227 -2.03 -8.42 -42.34
C ARG C 227 -2.19 -7.01 -41.79
N THR C 228 -1.37 -6.10 -42.27
CA THR C 228 -1.56 -4.67 -42.02
C THR C 228 -1.91 -3.95 -43.33
N VAL C 229 -3.12 -3.42 -43.39
CA VAL C 229 -3.60 -2.64 -44.53
C VAL C 229 -3.45 -1.17 -44.19
N TYR C 230 -2.86 -0.40 -45.12
CA TYR C 230 -2.72 1.03 -44.90
C TYR C 230 -3.69 1.81 -45.80
N PRO C 231 -4.21 2.96 -45.30
CA PRO C 231 -4.95 3.97 -46.07
C PRO C 231 -4.42 4.21 -47.50
N ARG D 22 7.23 23.78 39.13
CA ARG D 22 7.41 24.11 37.69
C ARG D 22 6.08 23.99 36.94
N VAL D 23 5.81 24.95 36.06
CA VAL D 23 4.62 24.94 35.21
C VAL D 23 5.06 24.63 33.80
N ILE D 24 4.40 23.67 33.17
CA ILE D 24 4.69 23.24 31.80
C ILE D 24 3.42 23.35 30.98
N ASP D 25 3.46 24.16 29.92
CA ASP D 25 2.34 24.22 28.98
C ASP D 25 2.72 24.16 27.50
N ARG D 26 3.98 23.83 27.19
CA ARG D 26 4.47 23.83 25.82
C ARG D 26 4.70 22.41 25.33
N GLU D 27 4.41 22.19 24.05
CA GLU D 27 4.74 20.92 23.39
C GLU D 27 6.22 20.60 23.59
N GLY D 28 6.52 19.37 23.98
CA GLY D 28 7.89 19.00 24.26
C GLY D 28 8.02 17.77 25.11
N VAL D 29 9.27 17.31 25.22
CA VAL D 29 9.62 16.19 26.07
C VAL D 29 10.38 16.77 27.26
N TYR D 30 9.89 16.44 28.45
CA TYR D 30 10.43 16.96 29.70
C TYR D 30 10.84 15.81 30.61
N GLU D 31 12.11 15.78 30.97
CA GLU D 31 12.60 14.84 31.97
C GLU D 31 12.50 15.56 33.33
N ILE D 32 11.49 15.18 34.10
CA ILE D 32 11.15 15.87 35.35
C ILE D 32 11.97 15.42 36.58
N SER D 33 12.54 14.22 36.52
CA SER D 33 13.45 13.76 37.56
C SER D 33 14.31 12.61 37.08
N LEU D 34 15.42 12.38 37.77
CA LEU D 34 16.38 11.34 37.41
C LEU D 34 16.62 10.30 38.50
N SER D 35 16.00 10.46 39.66
CA SER D 35 16.23 9.56 40.81
C SER D 35 15.02 9.60 41.75
N PRO D 36 14.90 8.59 42.64
CA PRO D 36 15.79 7.46 42.90
C PRO D 36 15.71 6.29 41.91
N THR D 37 14.56 6.14 41.25
CA THR D 37 14.32 4.93 40.45
C THR D 37 14.98 5.01 39.08
N GLY D 38 14.98 6.21 38.48
CA GLY D 38 15.49 6.42 37.13
C GLY D 38 14.91 7.68 36.52
N VAL D 39 15.02 7.77 35.20
CA VAL D 39 14.49 8.92 34.46
C VAL D 39 12.97 8.90 34.48
N SER D 40 12.37 10.03 34.89
CA SER D 40 10.94 10.25 34.77
C SER D 40 10.73 11.19 33.59
N ARG D 41 9.96 10.71 32.61
CA ARG D 41 9.77 11.41 31.34
C ARG D 41 8.28 11.63 31.12
N VAL D 42 7.92 12.87 30.78
CA VAL D 42 6.57 13.21 30.35
C VAL D 42 6.64 13.92 29.00
N CYS D 43 5.68 13.61 28.13
CA CYS D 43 5.61 14.20 26.79
C CYS D 43 4.25 14.80 26.58
N LEU D 44 4.24 16.04 26.10
CA LEU D 44 3.02 16.79 25.92
C LEU D 44 2.83 17.11 24.44
N TYR D 45 1.61 16.87 23.94
CA TYR D 45 1.29 17.13 22.55
C TYR D 45 -0.07 17.85 22.46
N PRO D 46 -0.05 19.19 22.57
CA PRO D 46 -1.28 19.95 22.32
C PRO D 46 -1.77 19.80 20.88
N GLY D 47 -3.08 19.76 20.72
CA GLY D 47 -3.70 19.66 19.39
C GLY D 47 -3.54 18.32 18.68
N PHE D 48 -3.26 17.26 19.44
CA PHE D 48 -3.16 15.90 18.90
C PHE D 48 -4.45 15.52 18.17
N VAL D 49 -5.58 15.90 18.77
CA VAL D 49 -6.88 15.83 18.10
C VAL D 49 -7.28 17.26 17.73
N ASP D 50 -7.68 17.45 16.46
CA ASP D 50 -8.06 18.77 15.96
C ASP D 50 -9.34 19.25 16.65
N VAL D 51 -9.53 20.56 16.69
CA VAL D 51 -10.59 21.17 17.50
C VAL D 51 -11.97 20.60 17.16
N LYS D 52 -12.29 20.52 15.86
CA LYS D 52 -13.63 20.11 15.45
C LYS D 52 -13.87 18.63 15.69
N GLU D 53 -12.87 17.81 15.42
CA GLU D 53 -12.95 16.41 15.76
C GLU D 53 -13.00 16.18 17.26
N ALA D 54 -12.23 16.94 18.03
CA ALA D 54 -12.27 16.80 19.48
C ALA D 54 -13.65 17.15 20.02
N ASP D 55 -14.25 18.22 19.48
CA ASP D 55 -15.61 18.60 19.84
C ASP D 55 -16.59 17.47 19.58
N TRP D 56 -16.51 16.89 18.39
CA TRP D 56 -17.41 15.82 18.02
C TRP D 56 -17.19 14.57 18.86
N ILE D 57 -15.93 14.23 19.10
CA ILE D 57 -15.59 13.07 19.92
C ILE D 57 -16.14 13.25 21.33
N LEU D 58 -15.94 14.43 21.90
CA LEU D 58 -16.45 14.72 23.23
C LEU D 58 -17.96 14.46 23.28
N GLU D 59 -18.69 14.99 22.29
CA GLU D 59 -20.15 14.85 22.23
C GLU D 59 -20.56 13.42 22.14
N GLN D 60 -19.83 12.67 21.34
CA GLN D 60 -20.18 11.29 21.16
C GLN D 60 -19.91 10.44 22.37
N LEU D 61 -18.72 10.62 22.93
CA LEU D 61 -18.36 9.84 24.10
C LEU D 61 -19.24 10.17 25.30
N SER D 62 -19.62 11.42 25.42
CA SER D 62 -20.62 11.80 26.42
C SER D 62 -21.95 11.08 26.22
N GLN D 63 -22.35 10.86 24.96
CA GLN D 63 -23.60 10.16 24.65
C GLN D 63 -23.51 8.63 24.74
N ASP D 64 -22.40 8.06 24.29
CA ASP D 64 -22.31 6.62 24.03
C ASP D 64 -21.61 5.79 25.11
N VAL D 65 -20.65 6.39 25.81
CA VAL D 65 -19.88 5.63 26.80
C VAL D 65 -20.82 5.28 27.96
N PRO D 66 -20.73 4.04 28.48
CA PRO D 66 -21.58 3.67 29.63
C PRO D 66 -21.02 4.19 30.97
N TRP D 67 -21.14 5.50 31.17
CA TRP D 67 -20.61 6.16 32.35
C TRP D 67 -21.37 5.69 33.57
N LYS D 68 -20.66 5.38 34.65
CA LYS D 68 -21.32 5.09 35.92
C LYS D 68 -20.61 5.78 37.06
N GLN D 69 -21.40 6.12 38.07
CA GLN D 69 -20.88 6.58 39.36
C GLN D 69 -20.72 5.36 40.26
N ARG D 70 -19.47 4.97 40.54
CA ARG D 70 -19.23 3.68 41.16
C ARG D 70 -19.00 3.81 42.66
N THR D 71 -19.25 2.69 43.33
CA THR D 71 -19.08 2.53 44.76
C THR D 71 -17.63 2.22 45.17
N GLY D 72 -17.35 2.54 46.42
CA GLY D 72 -16.15 2.08 47.13
C GLY D 72 -16.54 2.00 48.59
N ILE D 73 -15.61 1.61 49.44
CA ILE D 73 -15.89 1.63 50.87
C ILE D 73 -14.52 1.67 51.51
N ARG D 74 -14.36 2.54 52.50
CA ARG D 74 -13.11 2.65 53.19
C ARG D 74 -13.11 2.43 54.69
N GLU D 75 -14.06 3.07 55.36
CA GLU D 75 -14.19 2.88 56.79
C GLU D 75 -15.54 2.28 57.02
N ASP D 76 -15.72 1.14 56.35
CA ASP D 76 -16.92 0.32 56.44
C ASP D 76 -18.18 1.07 56.08
N ILE D 77 -18.00 2.21 55.40
CA ILE D 77 -19.12 2.99 54.92
C ILE D 77 -18.99 3.11 53.42
N THR D 78 -20.11 2.78 52.78
CA THR D 78 -20.19 2.64 51.35
C THR D 78 -20.23 4.04 50.78
N TYR D 79 -19.53 4.28 49.67
CA TYR D 79 -19.53 5.62 49.10
C TYR D 79 -19.35 5.67 47.59
N GLN D 80 -19.84 6.78 47.07
CA GLN D 80 -19.77 7.13 45.66
C GLN D 80 -18.51 7.91 45.35
N GLN D 81 -17.75 7.46 44.34
CA GLN D 81 -16.56 8.16 43.90
C GLN D 81 -17.01 9.48 43.28
N PRO D 82 -16.28 10.57 43.53
CA PRO D 82 -16.69 11.86 42.95
C PRO D 82 -16.19 12.05 41.51
N ARG D 83 -16.54 11.09 40.67
CA ARG D 83 -16.26 11.11 39.24
C ARG D 83 -16.93 9.88 38.62
N LEU D 84 -17.26 9.99 37.33
CA LEU D 84 -17.82 8.86 36.57
C LEU D 84 -16.71 8.11 35.87
N THR D 85 -16.90 6.80 35.75
CA THR D 85 -15.90 5.93 35.17
C THR D 85 -16.53 4.88 34.24
N ALA D 86 -15.69 4.33 33.38
CA ALA D 86 -16.02 3.19 32.54
C ALA D 86 -14.71 2.51 32.13
N TRP D 87 -14.78 1.20 31.89
CA TRP D 87 -13.60 0.42 31.57
C TRP D 87 -13.77 -0.38 30.28
N TYR D 88 -12.66 -0.49 29.54
CA TYR D 88 -12.60 -1.28 28.32
C TYR D 88 -11.37 -2.15 28.37
N GLY D 89 -11.51 -3.35 27.83
CA GLY D 89 -10.44 -4.35 27.84
C GLY D 89 -10.96 -5.70 28.26
N GLU D 90 -10.14 -6.73 28.04
CA GLU D 90 -10.51 -8.10 28.33
C GLU D 90 -10.09 -8.57 29.72
N LEU D 91 -9.29 -7.77 30.42
CA LEU D 91 -8.79 -8.14 31.75
C LEU D 91 -9.33 -7.18 32.81
N PRO D 92 -9.62 -7.70 34.02
CA PRO D 92 -10.13 -6.82 35.07
C PRO D 92 -9.07 -5.84 35.60
N TYR D 93 -9.56 -4.80 36.26
CA TYR D 93 -8.69 -3.81 36.87
C TYR D 93 -9.29 -3.43 38.21
N THR D 94 -8.54 -3.65 39.27
CA THR D 94 -9.00 -3.43 40.64
C THR D 94 -8.09 -2.40 41.29
N TYR D 95 -8.64 -1.21 41.55
CA TYR D 95 -7.97 -0.18 42.38
C TYR D 95 -8.89 0.27 43.52
N SER D 96 -8.29 0.75 44.61
CA SER D 96 -9.01 1.29 45.77
C SER D 96 -10.06 0.33 46.33
N ARG D 97 -9.79 -0.97 46.23
CA ARG D 97 -10.71 -2.05 46.62
C ARG D 97 -11.98 -2.19 45.76
N ILE D 98 -12.07 -1.40 44.68
CA ILE D 98 -13.21 -1.46 43.77
C ILE D 98 -12.77 -2.22 42.51
N THR D 99 -13.72 -2.91 41.87
CA THR D 99 -13.44 -3.71 40.69
C THR D 99 -14.35 -3.25 39.55
N MET D 100 -13.76 -3.16 38.37
CA MET D 100 -14.47 -2.77 37.16
C MET D 100 -14.56 -3.98 36.24
N GLU D 101 -15.75 -4.21 35.71
CA GLU D 101 -16.01 -5.35 34.84
C GLU D 101 -15.42 -5.07 33.45
N PRO D 102 -14.44 -5.90 33.00
CA PRO D 102 -13.81 -5.64 31.71
C PRO D 102 -14.77 -5.76 30.53
N ASN D 103 -14.71 -4.78 29.64
CA ASN D 103 -15.59 -4.75 28.47
C ASN D 103 -14.82 -5.27 27.24
N PRO D 104 -15.29 -6.38 26.63
CA PRO D 104 -14.58 -6.85 25.44
C PRO D 104 -14.75 -5.98 24.20
N HIS D 105 -15.90 -5.31 24.08
CA HIS D 105 -16.26 -4.53 22.88
C HIS D 105 -15.90 -3.05 23.04
N TRP D 106 -14.76 -2.67 22.48
CA TRP D 106 -14.33 -1.28 22.50
C TRP D 106 -15.22 -0.47 21.57
N HIS D 107 -15.61 0.72 22.01
CA HIS D 107 -16.29 1.67 21.12
C HIS D 107 -15.37 1.96 19.92
N PRO D 108 -15.92 1.99 18.72
CA PRO D 108 -15.06 2.15 17.55
C PRO D 108 -14.18 3.40 17.57
N VAL D 109 -14.70 4.49 18.09
CA VAL D 109 -13.92 5.73 18.25
C VAL D 109 -12.74 5.53 19.18
N LEU D 110 -12.96 4.79 20.26
CA LEU D 110 -11.90 4.51 21.20
C LEU D 110 -10.82 3.63 20.58
N ARG D 111 -11.23 2.65 19.79
CA ARG D 111 -10.28 1.80 19.10
C ARG D 111 -9.43 2.63 18.13
N THR D 112 -10.09 3.52 17.40
CA THR D 112 -9.41 4.40 16.44
C THR D 112 -8.41 5.30 17.15
N LEU D 113 -8.81 5.90 18.26
CA LEU D 113 -7.91 6.76 19.02
C LEU D 113 -6.74 5.97 19.61
N LYS D 114 -7.01 4.76 20.07
CA LYS D 114 -5.97 3.88 20.54
C LYS D 114 -4.94 3.66 19.45
N ASN D 115 -5.42 3.28 18.26
CA ASN D 115 -4.54 2.99 17.12
C ASN D 115 -3.73 4.21 16.71
N ARG D 116 -4.35 5.39 16.73
CA ARG D 116 -3.65 6.61 16.39
C ARG D 116 -2.54 6.92 17.40
N ILE D 117 -2.85 6.74 18.68
CA ILE D 117 -1.85 6.95 19.72
C ILE D 117 -0.69 5.97 19.58
N GLU D 118 -0.99 4.71 19.34
CA GLU D 118 0.05 3.70 19.21
C GLU D 118 0.97 3.95 18.03
N GLU D 119 0.38 4.24 16.86
CA GLU D 119 1.17 4.49 15.64
C GLU D 119 2.08 5.72 15.80
N ASN D 120 1.58 6.75 16.47
CA ASN D 120 2.33 7.99 16.64
C ASN D 120 3.32 7.97 17.78
N THR D 121 2.98 7.29 18.88
CA THR D 121 3.88 7.23 20.03
C THR D 121 4.85 6.04 19.99
N GLY D 122 4.46 4.97 19.31
CA GLY D 122 5.28 3.76 19.26
C GLY D 122 5.07 2.79 20.41
N HIS D 123 4.13 3.07 21.30
CA HIS D 123 3.82 2.19 22.45
C HIS D 123 2.45 1.58 22.25
N THR D 124 2.26 0.37 22.76
CA THR D 124 0.99 -0.34 22.60
C THR D 124 0.26 -0.40 23.91
N PHE D 125 -1.06 -0.52 23.82
CA PHE D 125 -1.94 -0.54 24.98
C PHE D 125 -3.03 -1.59 24.78
N ASN D 126 -3.54 -2.13 25.89
CA ASN D 126 -4.66 -3.07 25.84
C ASN D 126 -5.80 -2.79 26.83
N SER D 127 -5.75 -1.63 27.48
CA SER D 127 -6.72 -1.28 28.50
C SER D 127 -6.97 0.21 28.50
N LEU D 128 -8.24 0.57 28.63
CA LEU D 128 -8.64 1.98 28.64
C LEU D 128 -9.59 2.24 29.80
N LEU D 129 -9.25 3.23 30.61
CA LEU D 129 -10.13 3.72 31.66
C LEU D 129 -10.63 5.10 31.25
N CYS D 130 -11.95 5.26 31.23
CA CYS D 130 -12.58 6.53 30.86
C CYS D 130 -13.04 7.27 32.11
N ASN D 131 -12.61 8.52 32.25
CA ASN D 131 -13.00 9.37 33.38
C ASN D 131 -13.82 10.54 32.86
N LEU D 132 -14.96 10.80 33.50
CA LEU D 132 -15.79 11.97 33.21
C LEU D 132 -15.93 12.82 34.48
N TYR D 133 -15.42 14.05 34.42
CA TYR D 133 -15.56 15.03 35.49
C TYR D 133 -16.74 15.93 35.17
N ARG D 134 -17.88 15.64 35.80
CA ARG D 134 -19.15 16.26 35.44
C ARG D 134 -19.12 17.77 35.55
N ASN D 135 -18.43 18.27 36.57
CA ASN D 135 -18.29 19.71 36.78
C ASN D 135 -17.10 19.95 37.69
N GLU D 136 -16.95 21.20 38.15
CA GLU D 136 -15.86 21.59 39.05
C GLU D 136 -15.75 20.83 40.38
N LYS D 137 -16.84 20.19 40.80
CA LYS D 137 -16.82 19.41 42.05
C LYS D 137 -16.26 18.00 41.90
N ASP D 138 -16.09 17.53 40.67
CA ASP D 138 -15.50 16.21 40.46
C ASP D 138 -13.99 16.32 40.40
N SER D 139 -13.32 15.22 40.75
CA SER D 139 -11.88 15.22 40.89
C SER D 139 -11.36 13.82 41.07
N VAL D 140 -10.03 13.71 41.04
CA VAL D 140 -9.32 12.50 41.47
C VAL D 140 -8.16 13.00 42.33
N CYS D 141 -8.01 12.42 43.53
CA CYS D 141 -6.97 12.88 44.46
C CYS D 141 -5.60 12.31 44.21
N TRP D 142 -4.62 12.61 45.06
CA TRP D 142 -3.26 12.18 44.84
C TRP D 142 -3.13 10.67 44.80
N HIS D 143 -2.48 10.18 43.76
CA HIS D 143 -2.16 8.76 43.63
C HIS D 143 -1.10 8.56 42.56
N SER D 144 -0.56 7.34 42.53
CA SER D 144 0.27 6.88 41.43
C SER D 144 -0.44 5.71 40.82
N ASP D 145 -0.23 5.49 39.53
CA ASP D 145 -0.79 4.31 38.85
C ASP D 145 0.23 3.16 38.93
N ASP D 146 0.38 2.64 40.14
CA ASP D 146 1.40 1.62 40.44
C ASP D 146 0.76 0.33 40.91
N GLU D 147 -0.46 0.07 40.46
CA GLU D 147 -1.13 -1.21 40.72
C GLU D 147 -0.32 -2.34 40.11
N PRO D 148 -0.07 -3.43 40.86
CA PRO D 148 0.92 -4.43 40.41
C PRO D 148 0.62 -5.12 39.08
N SER D 149 -0.66 -5.19 38.69
CA SER D 149 -1.02 -5.80 37.41
C SER D 149 -0.64 -4.93 36.20
N LEU D 150 -0.21 -3.69 36.46
CA LEU D 150 0.42 -2.84 35.47
C LEU D 150 1.88 -3.17 35.21
N GLY D 151 2.47 -4.01 36.04
CA GLY D 151 3.88 -4.36 35.90
C GLY D 151 4.78 -3.26 36.40
N ARG D 152 6.09 -3.52 36.36
CA ARG D 152 7.09 -2.54 36.78
C ARG D 152 7.23 -1.46 35.73
N SER D 153 7.19 -0.21 36.18
CA SER D 153 7.37 0.99 35.34
C SER D 153 6.47 1.03 34.11
N PRO D 154 5.15 1.20 34.32
CA PRO D 154 4.24 1.18 33.19
C PRO D 154 4.31 2.44 32.33
N ILE D 155 3.90 2.29 31.07
CA ILE D 155 3.71 3.42 30.17
C ILE D 155 2.21 3.71 30.11
N ILE D 156 1.86 4.96 30.41
CA ILE D 156 0.46 5.38 30.47
C ILE D 156 0.29 6.60 29.59
N ALA D 157 -0.78 6.59 28.80
CA ALA D 157 -1.14 7.71 27.92
C ALA D 157 -2.46 8.32 28.35
N SER D 158 -2.52 9.64 28.36
CA SER D 158 -3.69 10.40 28.83
C SER D 158 -4.12 11.41 27.78
N LEU D 159 -5.37 11.26 27.34
CA LEU D 159 -5.95 12.13 26.33
C LEU D 159 -7.15 12.81 26.93
N SER D 160 -7.24 14.12 26.74
CA SER D 160 -8.27 14.95 27.36
C SER D 160 -9.18 15.62 26.31
N PHE D 161 -10.43 15.82 26.70
CA PHE D 161 -11.43 16.51 25.90
C PHE D 161 -12.32 17.36 26.80
N GLY D 162 -12.80 18.48 26.30
CA GLY D 162 -13.68 19.37 27.05
C GLY D 162 -12.93 20.45 27.81
N ALA D 163 -13.49 20.85 28.94
CA ALA D 163 -12.96 21.99 29.69
C ALA D 163 -11.55 21.71 30.18
N THR D 164 -10.74 22.76 30.24
CA THR D 164 -9.41 22.65 30.78
C THR D 164 -9.48 22.40 32.28
N ARG D 165 -8.69 21.46 32.74
CA ARG D 165 -8.45 21.22 34.16
C ARG D 165 -6.95 21.06 34.33
N THR D 166 -6.51 21.14 35.58
CA THR D 166 -5.08 21.12 35.86
C THR D 166 -4.70 19.72 36.29
N PHE D 167 -3.60 19.23 35.71
CA PHE D 167 -3.00 17.96 36.09
C PHE D 167 -1.78 18.27 36.95
N GLU D 168 -1.91 18.04 38.25
CA GLU D 168 -0.84 18.34 39.21
C GLU D 168 -0.04 17.10 39.53
N MET D 169 1.28 17.26 39.66
CA MET D 169 2.18 16.17 39.99
C MET D 169 3.05 16.56 41.17
N ARG D 170 3.30 15.60 42.06
CA ARG D 170 4.22 15.80 43.18
C ARG D 170 5.18 14.61 43.27
N LYS D 171 6.44 14.91 43.57
CA LYS D 171 7.46 13.88 43.71
C LYS D 171 7.37 13.24 45.09
N LYS D 172 7.61 11.93 45.15
CA LYS D 172 7.60 11.22 46.43
C LYS D 172 8.83 11.59 47.23
N PRO D 173 8.67 11.68 48.57
CA PRO D 173 9.81 11.93 49.44
C PRO D 173 10.67 10.66 49.56
N PRO D 174 11.98 10.84 49.84
CA PRO D 174 12.83 9.66 50.04
C PRO D 174 12.58 9.08 51.44
N PRO D 175 12.99 7.82 51.68
CA PRO D 175 12.67 7.13 52.95
C PRO D 175 13.09 7.79 54.28
N GLU D 176 13.77 8.95 54.23
CA GLU D 176 14.13 9.68 55.43
C GLU D 176 12.94 10.45 55.99
N GLU D 177 12.26 11.19 55.13
CA GLU D 177 11.09 11.98 55.55
C GLU D 177 9.91 11.07 55.92
N ASN D 178 9.78 9.96 55.20
CA ASN D 178 8.77 8.93 55.46
C ASN D 178 7.33 9.47 55.35
N GLY D 179 6.93 9.75 54.12
CA GLY D 179 5.59 10.25 53.81
C GLY D 179 5.32 11.67 54.26
N ASP D 180 6.22 12.59 53.89
CA ASP D 180 6.09 14.02 54.20
C ASP D 180 6.00 14.82 52.90
N TYR D 181 4.84 14.74 52.26
CA TYR D 181 4.60 15.42 50.98
C TYR D 181 4.36 16.91 51.26
N THR D 182 5.44 17.63 51.52
CA THR D 182 5.38 19.04 51.86
C THR D 182 6.54 19.81 51.23
N TYR D 183 7.75 19.60 51.73
CA TYR D 183 8.94 20.25 51.19
C TYR D 183 9.49 19.41 50.04
N VAL D 184 8.72 19.34 48.97
CA VAL D 184 9.02 18.48 47.82
C VAL D 184 8.58 19.18 46.53
N GLU D 185 9.10 18.68 45.41
CA GLU D 185 8.86 19.27 44.09
C GLU D 185 7.43 19.10 43.62
N ARG D 186 6.93 20.14 42.95
CA ARG D 186 5.56 20.19 42.45
C ARG D 186 5.60 20.64 41.00
N VAL D 187 4.77 20.01 40.17
CA VAL D 187 4.66 20.35 38.75
C VAL D 187 3.19 20.47 38.40
N LYS D 188 2.83 21.55 37.69
CA LYS D 188 1.48 21.78 37.20
C LYS D 188 1.48 21.78 35.68
N ILE D 189 0.54 21.03 35.09
CA ILE D 189 0.41 20.89 33.63
C ILE D 189 -1.03 21.17 33.20
N PRO D 190 -1.28 22.33 32.58
CA PRO D 190 -2.62 22.59 32.04
C PRO D 190 -2.92 21.68 30.87
N LEU D 191 -4.09 21.03 30.92
CA LEU D 191 -4.54 20.09 29.91
C LEU D 191 -5.73 20.67 29.17
N ASP D 192 -5.47 21.14 27.95
CA ASP D 192 -6.50 21.82 27.17
C ASP D 192 -7.13 20.86 26.19
N HIS D 193 -8.16 21.35 25.51
CA HIS D 193 -9.00 20.56 24.60
C HIS D 193 -8.18 19.87 23.50
N GLY D 194 -8.18 18.54 23.51
CA GLY D 194 -7.46 17.77 22.49
C GLY D 194 -5.99 17.49 22.76
N THR D 195 -5.52 17.83 23.96
CA THR D 195 -4.11 17.62 24.28
C THR D 195 -3.87 16.16 24.69
N LEU D 196 -2.79 15.59 24.17
CA LEU D 196 -2.33 14.26 24.57
C LEU D 196 -1.12 14.39 25.49
N LEU D 197 -1.17 13.68 26.61
CA LEU D 197 -0.06 13.59 27.55
C LEU D 197 0.39 12.14 27.65
N ILE D 198 1.70 11.92 27.58
CA ILE D 198 2.28 10.59 27.79
C ILE D 198 3.19 10.64 29.01
N MET D 199 3.04 9.66 29.88
CA MET D 199 3.95 9.44 31.01
C MET D 199 4.63 8.09 30.80
N GLU D 200 5.95 8.07 30.98
CA GLU D 200 6.70 6.82 30.89
C GLU D 200 7.88 6.85 31.84
N GLY D 201 8.60 5.73 31.91
CA GLY D 201 9.77 5.62 32.78
C GLY D 201 9.37 5.49 34.25
N ALA D 202 10.11 6.18 35.12
CA ALA D 202 9.93 6.08 36.57
C ALA D 202 8.80 6.95 37.12
N THR D 203 7.98 7.56 36.26
CA THR D 203 6.97 8.52 36.68
C THR D 203 6.00 7.96 37.69
N GLN D 204 5.57 6.72 37.52
CA GLN D 204 4.64 6.12 38.48
C GLN D 204 5.33 5.65 39.76
N ALA D 205 6.59 5.25 39.66
CA ALA D 205 7.33 4.83 40.84
C ALA D 205 7.72 6.02 41.71
N ASP D 206 8.08 7.14 41.08
CA ASP D 206 8.70 8.29 41.79
C ASP D 206 7.81 9.51 41.98
N TRP D 207 6.66 9.57 41.32
CA TRP D 207 5.74 10.72 41.41
C TRP D 207 4.32 10.26 41.66
N GLN D 208 3.54 11.15 42.26
CA GLN D 208 2.08 11.00 42.32
C GLN D 208 1.45 12.15 41.55
N HIS D 209 0.20 11.96 41.15
CA HIS D 209 -0.54 12.98 40.43
C HIS D 209 -1.98 13.03 40.89
N ARG D 210 -2.64 14.14 40.56
CA ARG D 210 -4.06 14.31 40.83
C ARG D 210 -4.66 15.41 39.95
N VAL D 211 -5.99 15.48 39.97
CA VAL D 211 -6.73 16.58 39.36
C VAL D 211 -7.64 17.15 40.43
N PRO D 212 -7.30 18.34 40.96
CA PRO D 212 -8.08 18.90 42.06
C PRO D 212 -9.42 19.48 41.63
N LYS D 213 -10.33 19.58 42.58
CA LYS D 213 -11.57 20.32 42.38
C LYS D 213 -11.25 21.78 42.12
N GLU D 214 -12.17 22.46 41.44
CA GLU D 214 -12.06 23.88 41.21
C GLU D 214 -13.24 24.57 41.85
N TYR D 215 -13.11 25.88 42.03
CA TYR D 215 -14.12 26.71 42.70
C TYR D 215 -14.86 27.67 41.73
N HIS D 216 -14.59 27.55 40.43
CA HIS D 216 -15.35 28.28 39.43
C HIS D 216 -15.95 27.28 38.48
N SER D 217 -16.99 27.70 37.78
CA SER D 217 -17.68 26.82 36.84
C SER D 217 -16.69 26.16 35.88
N ARG D 218 -16.87 24.86 35.71
CA ARG D 218 -16.18 24.11 34.67
C ARG D 218 -17.22 23.33 33.90
N GLU D 219 -17.09 23.32 32.58
CA GLU D 219 -17.88 22.43 31.77
C GLU D 219 -17.36 21.00 31.98
N PRO D 220 -18.12 20.00 31.50
CA PRO D 220 -17.64 18.64 31.71
C PRO D 220 -16.32 18.38 30.99
N ARG D 221 -15.51 17.51 31.57
CA ARG D 221 -14.27 17.07 30.95
C ARG D 221 -14.25 15.53 30.89
N VAL D 222 -13.90 15.00 29.72
CA VAL D 222 -13.68 13.57 29.51
C VAL D 222 -12.18 13.34 29.34
N ASN D 223 -11.64 12.41 30.12
CA ASN D 223 -10.24 12.00 30.00
C ASN D 223 -10.17 10.51 29.65
N LEU D 224 -9.26 10.19 28.72
CA LEU D 224 -8.98 8.82 28.30
C LEU D 224 -7.57 8.45 28.74
N THR D 225 -7.47 7.43 29.59
CA THR D 225 -6.19 6.95 30.12
C THR D 225 -5.94 5.53 29.61
N PHE D 226 -4.91 5.38 28.79
CA PHE D 226 -4.57 4.11 28.19
C PHE D 226 -3.44 3.46 28.96
N ARG D 227 -3.59 2.17 29.21
CA ARG D 227 -2.61 1.40 29.98
C ARG D 227 -2.42 0.03 29.35
N THR D 228 -1.44 -0.70 29.85
CA THR D 228 -1.29 -2.10 29.53
C THR D 228 -1.49 -2.91 30.81
N VAL D 229 -2.51 -3.77 30.81
CA VAL D 229 -2.81 -4.68 31.92
C VAL D 229 -2.27 -6.09 31.61
N TYR D 230 -1.52 -6.63 32.56
CA TYR D 230 -0.97 -7.98 32.43
C TYR D 230 -1.70 -8.94 33.38
N PRO D 231 -1.83 -10.23 32.98
CA PRO D 231 -2.26 -11.33 33.85
C PRO D 231 -1.75 -11.29 35.31
N ARG E 22 7.20 -46.01 38.01
CA ARG E 22 6.90 -45.85 36.56
C ARG E 22 7.97 -44.99 35.89
N VAL E 23 8.37 -45.38 34.67
CA VAL E 23 9.32 -44.61 33.85
C VAL E 23 8.57 -44.03 32.66
N ILE E 24 8.77 -42.74 32.42
CA ILE E 24 8.10 -42.07 31.31
C ILE E 24 9.11 -41.28 30.49
N ASP E 25 9.19 -41.60 29.21
CA ASP E 25 10.11 -40.91 28.31
C ASP E 25 9.48 -40.50 26.96
N ARG E 26 8.15 -40.54 26.87
CA ARG E 26 7.46 -40.27 25.61
C ARG E 26 6.76 -38.93 25.66
N GLU E 27 6.66 -38.29 24.51
CA GLU E 27 5.90 -37.05 24.38
C GLU E 27 4.46 -37.31 24.81
N GLY E 28 3.92 -36.42 25.63
CA GLY E 28 2.57 -36.57 26.13
C GLY E 28 2.30 -35.74 27.35
N VAL E 29 1.04 -35.76 27.75
CA VAL E 29 0.59 -35.15 29.00
C VAL E 29 0.25 -36.27 29.97
N TYR E 30 0.88 -36.26 31.15
CA TYR E 30 0.78 -37.34 32.13
C TYR E 30 0.28 -36.82 33.46
N GLU E 31 -0.88 -37.30 33.88
CA GLU E 31 -1.43 -36.99 35.19
C GLU E 31 -0.93 -38.04 36.16
N ILE E 32 0.11 -37.67 36.92
CA ILE E 32 0.84 -38.62 37.79
C ILE E 32 0.16 -38.92 39.13
N SER E 33 -0.71 -38.01 39.58
CA SER E 33 -1.52 -38.23 40.77
C SER E 33 -2.73 -37.31 40.79
N LEU E 34 -3.74 -37.71 41.57
CA LEU E 34 -5.00 -36.96 41.68
C LEU E 34 -5.32 -36.49 43.10
N SER E 35 -4.46 -36.78 44.07
CA SER E 35 -4.74 -36.44 45.45
C SER E 35 -3.41 -36.39 46.20
N PRO E 36 -3.39 -35.82 47.41
CA PRO E 36 -4.48 -35.17 48.15
C PRO E 36 -4.88 -33.77 47.67
N THR E 37 -3.96 -33.07 47.02
CA THR E 37 -4.17 -31.66 46.69
C THR E 37 -5.02 -31.48 45.42
N GLY E 38 -4.80 -32.36 44.44
CA GLY E 38 -5.47 -32.25 43.16
C GLY E 38 -4.64 -32.95 42.12
N VAL E 39 -4.95 -32.68 40.86
CA VAL E 39 -4.25 -33.30 39.75
C VAL E 39 -2.79 -32.78 39.69
N SER E 40 -1.85 -33.72 39.64
CA SER E 40 -0.44 -33.41 39.35
C SER E 40 -0.16 -33.81 37.91
N ARG E 41 0.26 -32.82 37.10
CA ARG E 41 0.48 -33.00 35.66
C ARG E 41 1.93 -32.64 35.32
N VAL E 42 2.57 -33.51 34.54
CA VAL E 42 3.87 -33.22 33.94
C VAL E 42 3.77 -33.47 32.44
N CYS E 43 4.42 -32.61 31.67
CA CYS E 43 4.40 -32.69 30.21
C CYS E 43 5.82 -32.72 29.67
N LEU E 44 6.10 -33.69 28.79
CA LEU E 44 7.44 -33.91 28.27
C LEU E 44 7.44 -33.66 26.78
N TYR E 45 8.43 -32.92 26.31
CA TYR E 45 8.58 -32.61 24.89
C TYR E 45 10.04 -32.81 24.51
N PRO E 46 10.42 -34.04 24.14
CA PRO E 46 11.75 -34.26 23.60
C PRO E 46 11.96 -33.51 22.28
N GLY E 47 13.17 -33.03 22.07
CA GLY E 47 13.52 -32.37 20.81
C GLY E 47 12.89 -31.00 20.58
N PHE E 48 12.46 -30.36 21.66
CA PHE E 48 11.91 -29.00 21.59
C PHE E 48 12.91 -28.04 20.95
N VAL E 49 14.18 -28.18 21.31
CA VAL E 49 15.28 -27.52 20.61
C VAL E 49 15.99 -28.59 19.79
N ASP E 50 16.24 -28.31 18.52
CA ASP E 50 16.92 -29.29 17.66
C ASP E 50 18.39 -29.42 18.07
N VAL E 51 18.99 -30.53 17.64
CA VAL E 51 20.29 -30.95 18.15
C VAL E 51 21.40 -29.92 17.94
N LYS E 52 21.47 -29.34 16.75
CA LYS E 52 22.58 -28.44 16.45
C LYS E 52 22.48 -27.13 17.19
N GLU E 53 21.28 -26.59 17.32
CA GLU E 53 21.07 -25.38 18.11
C GLU E 53 21.29 -25.67 19.59
N ALA E 54 20.86 -26.83 20.06
CA ALA E 54 21.07 -27.21 21.46
C ALA E 54 22.57 -27.32 21.78
N ASP E 55 23.34 -27.88 20.83
CA ASP E 55 24.80 -27.97 20.95
C ASP E 55 25.43 -26.58 21.07
N TRP E 56 25.00 -25.66 20.23
CA TRP E 56 25.55 -24.29 20.23
C TRP E 56 25.15 -23.52 21.49
N ILE E 57 23.90 -23.70 21.91
CA ILE E 57 23.41 -23.07 23.14
C ILE E 57 24.21 -23.59 24.32
N LEU E 58 24.39 -24.90 24.41
CA LEU E 58 25.17 -25.48 25.48
C LEU E 58 26.56 -24.87 25.55
N GLU E 59 27.20 -24.71 24.40
CA GLU E 59 28.55 -24.16 24.36
C GLU E 59 28.57 -22.71 24.78
N GLN E 60 27.63 -21.92 24.28
CA GLN E 60 27.58 -20.50 24.63
C GLN E 60 27.23 -20.23 26.08
N LEU E 61 26.32 -21.01 26.66
CA LEU E 61 25.94 -20.85 28.07
C LEU E 61 27.01 -21.34 29.04
N SER E 62 27.72 -22.40 28.67
CA SER E 62 28.89 -22.83 29.43
C SER E 62 29.99 -21.76 29.43
N GLN E 63 30.09 -21.00 28.35
CA GLN E 63 31.11 -19.94 28.24
C GLN E 63 30.71 -18.61 28.85
N ASP E 64 29.43 -18.25 28.76
CA ASP E 64 28.98 -16.88 29.06
C ASP E 64 28.32 -16.70 30.42
N VAL E 65 27.63 -17.72 30.93
CA VAL E 65 26.94 -17.61 32.21
C VAL E 65 27.97 -17.47 33.35
N PRO E 66 27.74 -16.54 34.30
CA PRO E 66 28.69 -16.39 35.40
C PRO E 66 28.51 -17.48 36.46
N TRP E 67 29.00 -18.68 36.15
CA TRP E 67 28.82 -19.83 37.03
C TRP E 67 29.63 -19.65 38.31
N LYS E 68 29.03 -20.00 39.44
CA LYS E 68 29.73 -20.01 40.72
C LYS E 68 29.30 -21.21 41.54
N GLN E 69 30.23 -21.71 42.35
CA GLN E 69 29.95 -22.75 43.32
C GLN E 69 29.54 -22.08 44.63
N ARG E 70 28.29 -22.25 45.01
CA ARG E 70 27.71 -21.50 46.12
C ARG E 70 27.59 -22.36 47.36
N THR E 71 27.52 -21.72 48.52
CA THR E 71 27.40 -22.39 49.82
C THR E 71 25.97 -22.79 50.13
N ASP E 76 23.55 -26.42 60.51
CA ASP E 76 24.51 -25.47 61.06
C ASP E 76 25.99 -25.70 60.69
N ILE E 77 26.22 -26.34 59.55
CA ILE E 77 27.58 -26.63 59.09
C ILE E 77 27.69 -26.23 57.62
N THR E 78 28.78 -25.54 57.31
CA THR E 78 29.00 -24.93 56.01
C THR E 78 29.49 -25.96 55.02
N TYR E 79 28.96 -25.90 53.80
CA TYR E 79 29.33 -26.84 52.76
C TYR E 79 29.06 -26.29 51.37
N GLN E 80 29.81 -26.82 50.41
CA GLN E 80 29.69 -26.49 49.01
C GLN E 80 28.64 -27.38 48.34
N GLN E 81 27.71 -26.75 47.62
CA GLN E 81 26.68 -27.47 46.88
C GLN E 81 27.37 -28.20 45.73
N PRO E 82 26.98 -29.45 45.46
CA PRO E 82 27.61 -30.21 44.38
C PRO E 82 27.03 -29.89 43.01
N ARG E 83 27.03 -28.61 42.67
CA ARG E 83 26.57 -28.10 41.37
C ARG E 83 26.87 -26.61 41.29
N LEU E 84 27.01 -26.11 40.06
CA LEU E 84 27.17 -24.67 39.81
C LEU E 84 25.82 -24.06 39.48
N THR E 85 25.64 -22.80 39.88
CA THR E 85 24.38 -22.12 39.69
C THR E 85 24.59 -20.67 39.29
N ALA E 86 23.53 -20.11 38.70
CA ALA E 86 23.41 -18.69 38.38
C ALA E 86 21.93 -18.34 38.29
N TRP E 87 21.60 -17.09 38.63
CA TRP E 87 20.21 -16.67 38.72
C TRP E 87 19.96 -15.48 37.80
N TYR E 88 18.75 -15.45 37.22
CA TYR E 88 18.28 -14.33 36.43
C TYR E 88 16.85 -13.99 36.86
N GLY E 89 16.51 -12.71 36.77
CA GLY E 89 15.18 -12.25 37.14
C GLY E 89 15.25 -10.94 37.88
N GLU E 90 14.10 -10.32 38.06
CA GLU E 90 14.00 -9.03 38.76
C GLU E 90 13.93 -9.19 40.29
N LEU E 91 13.35 -10.29 40.75
CA LEU E 91 13.17 -10.55 42.19
C LEU E 91 14.10 -11.67 42.67
N PRO E 92 14.57 -11.58 43.93
CA PRO E 92 15.52 -12.59 44.42
C PRO E 92 14.90 -13.96 44.64
N TYR E 93 15.79 -14.93 44.82
CA TYR E 93 15.39 -16.30 45.12
C TYR E 93 16.19 -16.80 46.30
N THR E 94 15.47 -17.17 47.35
CA THR E 94 16.06 -17.55 48.61
C THR E 94 15.60 -18.96 48.97
N TYR E 95 16.41 -19.95 48.61
CA TYR E 95 16.16 -21.36 48.95
C TYR E 95 17.30 -21.91 49.81
N SER E 96 16.98 -22.84 50.70
CA SER E 96 17.96 -23.43 51.63
C SER E 96 18.76 -22.38 52.41
N ARG E 97 18.12 -21.25 52.70
CA ARG E 97 18.74 -20.13 53.38
C ARG E 97 19.97 -19.57 52.65
N ILE E 98 19.89 -19.52 51.32
CA ILE E 98 20.92 -18.88 50.49
C ILE E 98 20.21 -17.86 49.59
N THR E 99 20.87 -16.73 49.35
CA THR E 99 20.29 -15.63 48.59
C THR E 99 21.07 -15.43 47.30
N MET E 100 20.38 -15.58 46.18
CA MET E 100 20.97 -15.37 44.86
C MET E 100 20.53 -13.99 44.41
N GLU E 101 21.50 -13.12 44.16
CA GLU E 101 21.22 -11.73 43.80
C GLU E 101 20.56 -11.71 42.41
N PRO E 102 19.32 -11.18 42.31
CA PRO E 102 18.63 -11.19 41.01
C PRO E 102 19.35 -10.34 39.95
N ASN E 103 19.45 -10.87 38.75
CA ASN E 103 20.10 -10.19 37.64
C ASN E 103 19.02 -9.56 36.75
N PRO E 104 19.05 -8.23 36.56
CA PRO E 104 18.06 -7.61 35.69
C PRO E 104 18.28 -7.86 34.19
N HIS E 105 19.53 -7.96 33.75
CA HIS E 105 19.85 -8.11 32.34
C HIS E 105 19.95 -9.60 32.02
N TRP E 106 18.94 -10.11 31.30
CA TRP E 106 18.92 -11.50 30.83
C TRP E 106 19.84 -11.64 29.63
N HIS E 107 20.59 -12.73 29.61
CA HIS E 107 21.40 -13.06 28.45
C HIS E 107 20.47 -13.21 27.26
N PRO E 108 20.86 -12.69 26.08
CA PRO E 108 19.95 -12.71 24.92
C PRO E 108 19.43 -14.10 24.53
N VAL E 109 20.28 -15.10 24.60
CA VAL E 109 19.87 -16.48 24.33
C VAL E 109 18.81 -16.94 25.31
N LEU E 110 18.98 -16.59 26.58
CA LEU E 110 18.00 -16.96 27.59
C LEU E 110 16.67 -16.24 27.40
N ARG E 111 16.72 -14.97 26.99
CA ARG E 111 15.52 -14.21 26.67
C ARG E 111 14.77 -14.81 25.47
N THR E 112 15.50 -15.22 24.44
CA THR E 112 14.91 -15.87 23.28
C THR E 112 14.23 -17.18 23.67
N LEU E 113 14.92 -17.99 24.46
CA LEU E 113 14.36 -19.27 24.91
C LEU E 113 13.14 -19.06 25.79
N LYS E 114 13.23 -18.07 26.69
CA LYS E 114 12.09 -17.70 27.52
C LYS E 114 10.88 -17.37 26.64
N ASN E 115 11.07 -16.49 25.66
CA ASN E 115 9.98 -16.06 24.81
C ASN E 115 9.38 -17.23 24.04
N ARG E 116 10.22 -18.12 23.53
CA ARG E 116 9.74 -19.29 22.80
C ARG E 116 8.93 -20.23 23.69
N ILE E 117 9.42 -20.44 24.89
CA ILE E 117 8.71 -21.27 25.85
C ILE E 117 7.35 -20.67 26.18
N GLU E 118 7.32 -19.36 26.43
CA GLU E 118 6.06 -18.70 26.79
C GLU E 118 5.05 -18.81 25.67
N GLU E 119 5.48 -18.47 24.44
CA GLU E 119 4.60 -18.49 23.29
C GLU E 119 4.05 -19.88 22.98
N ASN E 120 4.86 -20.91 23.18
CA ASN E 120 4.44 -22.28 22.87
C ASN E 120 3.63 -22.93 23.98
N THR E 121 4.00 -22.67 25.23
CA THR E 121 3.31 -23.29 26.36
C THR E 121 2.10 -22.48 26.86
N GLY E 122 2.14 -21.16 26.65
CA GLY E 122 1.09 -20.29 27.14
C GLY E 122 1.25 -19.81 28.59
N HIS E 123 2.38 -20.12 29.21
CA HIS E 123 2.67 -19.69 30.58
C HIS E 123 3.79 -18.69 30.56
N THR E 124 3.75 -17.71 31.46
CA THR E 124 4.78 -16.68 31.51
C THR E 124 5.70 -16.88 32.69
N PHE E 125 6.90 -16.31 32.60
CA PHE E 125 7.93 -16.45 33.63
C PHE E 125 8.66 -15.12 33.81
N ASN E 126 9.18 -14.91 35.02
CA ASN E 126 10.01 -13.74 35.31
C ASN E 126 11.30 -14.06 36.08
N SER E 127 11.62 -15.34 36.22
CA SER E 127 12.78 -15.77 36.99
C SER E 127 13.35 -17.03 36.35
N LEU E 128 14.68 -17.08 36.28
CA LEU E 128 15.38 -18.24 35.72
C LEU E 128 16.51 -18.65 36.63
N LEU E 129 16.57 -19.95 36.91
CA LEU E 129 17.70 -20.55 37.63
C LEU E 129 18.46 -21.44 36.68
N CYS E 130 19.77 -21.22 36.58
CA CYS E 130 20.64 -22.03 35.73
C CYS E 130 21.41 -23.04 36.59
N ASN E 131 21.35 -24.31 36.19
CA ASN E 131 22.09 -25.38 36.87
C ASN E 131 23.10 -25.97 35.88
N LEU E 132 24.34 -26.13 36.34
CA LEU E 132 25.39 -26.78 35.57
C LEU E 132 25.91 -27.94 36.40
N TYR E 133 25.75 -29.14 35.86
CA TYR E 133 26.26 -30.36 36.45
C TYR E 133 27.59 -30.67 35.76
N ARG E 134 28.69 -30.36 36.44
CA ARG E 134 30.03 -30.39 35.83
C ARG E 134 30.40 -31.79 35.28
N ASN E 135 30.06 -32.83 36.03
CA ASN E 135 30.33 -34.21 35.62
C ASN E 135 29.40 -35.16 36.39
N GLU E 136 29.66 -36.45 36.28
CA GLU E 136 28.85 -37.46 36.97
C GLU E 136 28.79 -37.32 38.50
N LYS E 137 29.77 -36.63 39.09
CA LYS E 137 29.80 -36.47 40.54
C LYS E 137 28.95 -35.30 41.05
N ASP E 138 28.48 -34.44 40.14
CA ASP E 138 27.61 -33.33 40.52
C ASP E 138 26.16 -33.79 40.54
N SER E 139 25.34 -33.09 41.30
CA SER E 139 23.96 -33.50 41.52
C SER E 139 23.17 -32.43 42.22
N VAL E 140 21.87 -32.69 42.33
CA VAL E 140 21.00 -31.93 43.22
C VAL E 140 20.13 -32.98 43.89
N CYS E 141 19.93 -32.83 45.21
CA CYS E 141 19.28 -33.88 46.00
C CYS E 141 17.79 -33.61 46.17
N TRP E 142 17.12 -34.45 46.96
CA TRP E 142 15.67 -34.44 47.08
C TRP E 142 15.05 -33.15 47.59
N HIS E 143 14.06 -32.65 46.85
CA HIS E 143 13.30 -31.49 47.28
C HIS E 143 12.01 -31.35 46.50
N SER E 144 11.17 -30.43 46.98
CA SER E 144 10.03 -29.94 46.22
C SER E 144 10.23 -28.45 46.01
N ASP E 145 9.74 -27.92 44.88
CA ASP E 145 9.81 -26.48 44.62
C ASP E 145 8.56 -25.82 45.19
N ASP E 146 8.52 -25.75 46.52
CA ASP E 146 7.35 -25.24 47.23
C ASP E 146 7.69 -23.99 48.03
N GLU E 147 8.71 -23.25 47.57
CA GLU E 147 9.08 -21.96 48.15
C GLU E 147 7.87 -21.02 48.04
N PRO E 148 7.52 -20.29 49.11
CA PRO E 148 6.25 -19.54 49.10
C PRO E 148 6.15 -18.45 48.04
N SER E 149 7.29 -17.93 47.59
CA SER E 149 7.32 -16.90 46.55
C SER E 149 6.96 -17.46 45.17
N LEU E 150 6.90 -18.78 45.04
CA LEU E 150 6.37 -19.45 43.85
C LEU E 150 4.85 -19.47 43.78
N GLY E 151 4.16 -19.08 44.85
CA GLY E 151 2.70 -19.08 44.84
C GLY E 151 2.11 -20.46 45.00
N ARG E 152 0.78 -20.52 44.99
CA ARG E 152 0.04 -21.78 45.04
C ARG E 152 0.13 -22.53 43.70
N SER E 153 0.47 -23.82 43.78
CA SER E 153 0.57 -24.72 42.62
C SER E 153 1.31 -24.08 41.45
N PRO E 154 2.62 -23.83 41.62
CA PRO E 154 3.35 -23.11 40.58
C PRO E 154 3.56 -23.93 39.32
N ILE E 155 3.73 -23.21 38.21
CA ILE E 155 4.10 -23.81 36.95
C ILE E 155 5.59 -23.57 36.77
N ILE E 156 6.33 -24.67 36.58
CA ILE E 156 7.77 -24.64 36.43
C ILE E 156 8.14 -25.37 35.13
N ALA E 157 8.99 -24.75 34.33
CA ALA E 157 9.48 -25.34 33.07
C ALA E 157 10.96 -25.64 33.17
N SER E 158 11.36 -26.80 32.67
CA SER E 158 12.73 -27.30 32.77
C SER E 158 13.23 -27.69 31.39
N LEU E 159 14.34 -27.06 30.99
CA LEU E 159 14.94 -27.31 29.69
C LEU E 159 16.37 -27.76 29.90
N SER E 160 16.72 -28.89 29.27
CA SER E 160 18.00 -29.54 29.49
C SER E 160 18.89 -29.54 28.26
N PHE E 161 20.19 -29.40 28.50
CA PHE E 161 21.19 -29.40 27.44
C PHE E 161 22.38 -30.20 27.91
N GLY E 162 23.06 -30.86 26.98
CA GLY E 162 24.26 -31.64 27.28
C GLY E 162 23.98 -33.11 27.49
N ALA E 163 24.75 -33.72 28.40
CA ALA E 163 24.64 -35.14 28.65
C ALA E 163 23.29 -35.45 29.27
N THR E 164 22.77 -36.64 28.98
CA THR E 164 21.54 -37.12 29.58
C THR E 164 21.77 -37.48 31.05
N ARG E 165 20.87 -36.99 31.89
CA ARG E 165 20.81 -37.36 33.30
C ARG E 165 19.37 -37.72 33.62
N THR E 166 19.17 -38.40 34.75
CA THR E 166 17.84 -38.88 35.12
C THR E 166 17.20 -37.94 36.15
N PHE E 167 15.96 -37.55 35.86
CA PHE E 167 15.12 -36.77 36.76
C PHE E 167 14.20 -37.74 37.50
N GLU E 168 14.45 -37.94 38.79
CA GLU E 168 13.66 -38.86 39.61
C GLU E 168 12.63 -38.10 40.45
N MET E 169 11.44 -38.69 40.59
CA MET E 169 10.35 -38.09 41.36
C MET E 169 9.79 -39.11 42.33
N ARG E 170 9.53 -38.61 43.55
CA ARG E 170 8.97 -39.44 44.63
C ARG E 170 7.81 -38.67 45.21
N LYS E 171 6.91 -39.35 45.91
CA LYS E 171 5.68 -38.70 46.42
C LYS E 171 5.90 -38.22 47.84
N LYS E 172 4.84 -37.77 48.50
CA LYS E 172 4.95 -37.39 49.93
C LYS E 172 3.70 -37.87 50.66
N PRO E 173 3.77 -38.81 51.61
CA PRO E 173 2.60 -39.25 52.32
C PRO E 173 2.62 -38.76 53.77
N GLU E 185 5.40 -44.01 45.94
CA GLU E 185 5.56 -44.25 44.50
C GLU E 185 6.73 -43.45 43.94
N ARG E 186 7.29 -43.95 42.83
CA ARG E 186 8.47 -43.33 42.21
C ARG E 186 8.31 -43.26 40.69
N VAL E 187 8.78 -42.16 40.13
CA VAL E 187 8.72 -41.92 38.69
C VAL E 187 10.09 -41.41 38.23
N LYS E 188 10.59 -42.00 37.13
CA LYS E 188 11.84 -41.56 36.51
C LYS E 188 11.55 -41.03 35.12
N ILE E 189 12.12 -39.88 34.79
CA ILE E 189 11.94 -39.23 33.50
C ILE E 189 13.32 -38.90 32.96
N PRO E 190 13.80 -39.68 31.97
CA PRO E 190 15.05 -39.30 31.32
C PRO E 190 14.92 -37.98 30.55
N LEU E 191 15.88 -37.08 30.80
CA LEU E 191 15.93 -35.76 30.17
C LEU E 191 17.13 -35.71 29.24
N ASP E 192 16.85 -35.84 27.94
CA ASP E 192 17.90 -35.91 26.92
C ASP E 192 18.16 -34.52 26.32
N HIS E 193 19.17 -34.47 25.47
CA HIS E 193 19.65 -33.22 24.89
C HIS E 193 18.52 -32.51 24.13
N GLY E 194 18.17 -31.31 24.59
CA GLY E 194 17.11 -30.51 23.96
C GLY E 194 15.69 -30.78 24.41
N THR E 195 15.51 -31.59 25.45
CA THR E 195 14.18 -31.97 25.93
C THR E 195 13.63 -30.89 26.87
N LEU E 196 12.38 -30.50 26.63
CA LEU E 196 11.65 -29.59 27.51
C LEU E 196 10.68 -30.35 28.39
N LEU E 197 10.68 -30.02 29.68
CA LEU E 197 9.78 -30.60 30.67
C LEU E 197 8.98 -29.48 31.31
N ILE E 198 7.67 -29.69 31.45
CA ILE E 198 6.80 -28.76 32.16
C ILE E 198 6.19 -29.48 33.35
N MET E 199 6.21 -28.82 34.51
CA MET E 199 5.51 -29.27 35.71
C MET E 199 4.44 -28.25 36.08
N GLU E 200 3.24 -28.75 36.38
CA GLU E 200 2.14 -27.90 36.83
C GLU E 200 1.27 -28.63 37.84
N GLY E 201 0.27 -27.94 38.36
CA GLY E 201 -0.69 -28.51 39.28
C GLY E 201 -0.06 -28.76 40.64
N ALA E 202 -0.44 -29.87 41.26
CA ALA E 202 -0.04 -30.20 42.62
C ALA E 202 1.35 -30.82 42.73
N THR E 203 2.13 -30.81 41.65
CA THR E 203 3.41 -31.50 41.60
C THR E 203 4.38 -31.07 42.70
N GLN E 204 4.45 -29.77 42.98
CA GLN E 204 5.37 -29.29 44.03
C GLN E 204 4.84 -29.51 45.45
N ALA E 205 3.52 -29.50 45.64
CA ALA E 205 2.94 -29.77 46.95
C ALA E 205 2.99 -31.25 47.32
N ASP E 206 2.83 -32.12 46.33
CA ASP E 206 2.64 -33.55 46.55
C ASP E 206 3.81 -34.45 46.18
N TRP E 207 4.78 -33.91 45.42
CA TRP E 207 5.92 -34.71 44.98
C TRP E 207 7.22 -34.00 45.28
N GLN E 208 8.28 -34.81 45.42
CA GLN E 208 9.65 -34.30 45.47
C GLN E 208 10.41 -34.83 44.26
N HIS E 209 11.49 -34.15 43.93
CA HIS E 209 12.36 -34.53 42.82
C HIS E 209 13.84 -34.30 43.13
N ARG E 210 14.68 -34.95 42.35
CA ARG E 210 16.12 -34.76 42.45
C ARG E 210 16.81 -35.21 41.18
N VAL E 211 18.09 -34.92 41.10
CA VAL E 211 18.95 -35.45 40.05
C VAL E 211 20.12 -36.14 40.75
N PRO E 212 20.14 -37.48 40.75
CA PRO E 212 21.19 -38.18 41.45
C PRO E 212 22.54 -38.14 40.75
N LYS E 213 23.59 -38.44 41.51
CA LYS E 213 24.91 -38.71 40.96
C LYS E 213 24.86 -40.00 40.14
N GLU E 214 25.80 -40.13 39.20
CA GLU E 214 25.92 -41.34 38.38
C GLU E 214 27.29 -41.98 38.58
N TYR E 215 27.36 -43.27 38.23
CA TYR E 215 28.54 -44.10 38.48
C TYR E 215 29.34 -44.37 37.20
N HIS E 216 28.91 -43.78 36.09
CA HIS E 216 29.68 -43.85 34.84
C HIS E 216 29.98 -42.43 34.43
N SER E 217 30.95 -42.26 33.55
CA SER E 217 31.33 -40.93 33.08
C SER E 217 30.11 -40.21 32.48
N ARG E 218 29.96 -38.94 32.88
CA ARG E 218 28.97 -38.04 32.28
C ARG E 218 29.68 -36.76 31.86
N GLU E 219 29.37 -36.31 30.65
CA GLU E 219 29.78 -34.99 30.21
C GLU E 219 28.95 -33.96 30.98
N PRO E 220 29.32 -32.68 30.89
CA PRO E 220 28.53 -31.68 31.60
C PRO E 220 27.09 -31.56 31.09
N ARG E 221 26.20 -31.21 32.00
CA ARG E 221 24.80 -30.94 31.68
C ARG E 221 24.42 -29.56 32.24
N VAL E 222 23.76 -28.75 31.40
CA VAL E 222 23.17 -27.48 31.81
C VAL E 222 21.65 -27.63 31.82
N ASN E 223 21.04 -27.26 32.95
CA ASN E 223 19.58 -27.26 33.10
C ASN E 223 19.07 -25.86 33.38
N LEU E 224 17.99 -25.48 32.68
CA LEU E 224 17.31 -24.20 32.85
C LEU E 224 15.92 -24.40 33.45
N THR E 225 15.71 -23.84 34.63
CA THR E 225 14.44 -23.96 35.36
C THR E 225 13.79 -22.59 35.50
N PHE E 226 12.65 -22.43 34.84
CA PHE E 226 11.92 -21.17 34.80
C PHE E 226 10.79 -21.20 35.82
N ARG E 227 10.65 -20.10 36.55
CA ARG E 227 9.64 -19.96 37.60
C ARG E 227 9.02 -18.57 37.54
N THR E 228 7.98 -18.38 38.35
CA THR E 228 7.43 -17.04 38.61
C THR E 228 7.58 -16.66 40.08
N VAL E 229 8.37 -15.62 40.33
CA VAL E 229 8.58 -15.09 41.66
C VAL E 229 7.66 -13.88 41.85
N TYR E 230 6.93 -13.84 42.96
CA TYR E 230 6.05 -12.70 43.22
C TYR E 230 6.61 -11.76 44.29
N PRO E 231 6.38 -10.43 44.14
CA PRO E 231 6.62 -9.43 45.18
C PRO E 231 6.26 -9.84 46.63
N GLU G 1 13.26 41.69 10.73
CA GLU G 1 13.05 40.69 11.82
C GLU G 1 11.97 39.67 11.43
N VAL G 2 12.39 38.59 10.79
CA VAL G 2 11.49 37.55 10.30
C VAL G 2 12.13 36.16 10.51
N GLN G 3 12.00 35.69 11.75
CA GLN G 3 12.71 34.48 12.20
C GLN G 3 11.81 33.24 12.17
N LEU G 4 12.44 32.09 12.38
CA LEU G 4 11.76 30.81 12.49
C LEU G 4 12.20 30.12 13.79
N VAL G 5 11.24 29.49 14.47
CA VAL G 5 11.51 28.83 15.76
C VAL G 5 11.10 27.36 15.66
N GLU G 6 12.03 26.48 16.02
CA GLU G 6 11.77 25.05 16.07
C GLU G 6 11.58 24.59 17.51
N SER G 7 10.69 23.62 17.69
CA SER G 7 10.42 23.05 19.02
C SER G 7 10.08 21.57 18.89
N GLY G 8 10.14 20.87 20.02
CA GLY G 8 9.77 19.46 20.09
C GLY G 8 10.91 18.49 20.06
N GLY G 9 12.15 18.98 19.98
CA GLY G 9 13.34 18.12 19.96
C GLY G 9 13.73 17.65 21.34
N GLY G 10 14.63 16.68 21.40
CA GLY G 10 15.12 16.15 22.67
C GLY G 10 15.78 14.77 22.58
N LEU G 11 15.49 13.94 23.58
CA LEU G 11 16.06 12.60 23.68
C LEU G 11 14.94 11.58 23.59
N VAL G 12 15.16 10.55 22.77
CA VAL G 12 14.18 9.49 22.56
C VAL G 12 14.88 8.16 22.38
N GLN G 13 14.19 7.09 22.76
CA GLN G 13 14.71 5.74 22.58
C GLN G 13 14.49 5.30 21.15
N PRO G 14 15.34 4.41 20.63
CA PRO G 14 15.12 3.88 19.28
C PRO G 14 13.77 3.20 19.17
N GLY G 15 13.08 3.49 18.08
CA GLY G 15 11.68 3.09 17.92
C GLY G 15 10.67 4.05 18.53
N GLY G 16 11.13 5.04 19.28
CA GLY G 16 10.25 6.04 19.86
C GLY G 16 9.77 7.02 18.82
N SER G 17 9.36 8.20 19.27
CA SER G 17 8.79 9.20 18.36
C SER G 17 9.00 10.62 18.86
N LEU G 18 8.79 11.56 17.95
CA LEU G 18 8.85 12.98 18.26
C LEU G 18 7.95 13.73 17.31
N ARG G 19 7.62 14.96 17.68
CA ARG G 19 6.83 15.85 16.82
C ARG G 19 7.47 17.24 16.84
N LEU G 20 8.23 17.54 15.78
CA LEU G 20 8.86 18.85 15.66
C LEU G 20 7.84 19.84 15.17
N SER G 21 7.94 21.08 15.65
CA SER G 21 7.07 22.16 15.19
C SER G 21 7.94 23.31 14.72
N CYS G 22 7.46 24.05 13.73
CA CYS G 22 8.19 25.18 13.17
C CYS G 22 7.25 26.38 13.08
N ALA G 23 7.44 27.33 13.99
CA ALA G 23 6.59 28.52 14.06
C ALA G 23 7.14 29.66 13.20
N ALA G 24 6.29 30.18 12.30
CA ALA G 24 6.66 31.29 11.41
C ALA G 24 6.33 32.62 12.07
N SER G 25 7.37 33.40 12.35
CA SER G 25 7.25 34.70 13.02
C SER G 25 7.71 35.80 12.08
N GLY G 26 7.07 36.97 12.18
CA GLY G 26 7.40 38.14 11.36
C GLY G 26 6.78 38.13 9.97
N PHE G 27 6.42 36.95 9.48
CA PHE G 27 5.83 36.82 8.16
C PHE G 27 4.86 35.63 8.18
N ASN G 28 4.47 35.18 6.99
CA ASN G 28 3.48 34.14 6.85
C ASN G 28 3.92 32.99 5.99
N PHE G 29 3.24 31.86 6.22
CA PHE G 29 3.28 30.72 5.33
C PHE G 29 2.23 30.88 4.27
N SER G 30 2.08 29.82 3.51
CA SER G 30 1.16 29.67 2.39
C SER G 30 1.72 30.36 1.16
N TYR G 31 1.42 29.76 0.02
CA TYR G 31 2.10 30.06 -1.23
C TYR G 31 3.62 30.01 -1.00
N SER G 32 4.09 28.92 -0.41
CA SER G 32 5.52 28.69 -0.16
C SER G 32 5.74 27.25 0.24
N SER G 33 7.01 26.84 0.16
CA SER G 33 7.41 25.47 0.40
C SER G 33 8.18 25.36 1.72
N ILE G 34 7.75 24.45 2.59
CA ILE G 34 8.34 24.30 3.92
C ILE G 34 9.18 23.04 3.93
N HIS G 35 10.49 23.21 4.09
CA HIS G 35 11.45 22.10 4.06
C HIS G 35 11.95 21.77 5.45
N TRP G 36 12.34 20.52 5.64
CA TRP G 36 13.03 20.05 6.85
C TRP G 36 14.36 19.44 6.43
N VAL G 37 15.45 19.95 7.00
CA VAL G 37 16.80 19.47 6.69
C VAL G 37 17.50 19.17 7.99
N ARG G 38 18.08 17.98 8.08
CA ARG G 38 18.88 17.58 9.24
C ARG G 38 20.37 17.54 8.90
N GLN G 39 21.18 17.59 9.94
CA GLN G 39 22.64 17.59 9.80
C GLN G 39 23.29 16.88 11.00
N ALA G 40 23.89 15.71 10.73
CA ALA G 40 24.61 14.96 11.76
C ALA G 40 25.87 15.73 12.15
N PRO G 41 26.38 15.51 13.36
CA PRO G 41 27.58 16.23 13.81
C PRO G 41 28.78 15.99 12.88
N GLY G 42 29.28 17.07 12.29
CA GLY G 42 30.41 16.98 11.35
C GLY G 42 30.12 16.39 9.98
N LYS G 43 28.84 16.32 9.60
CA LYS G 43 28.43 15.76 8.31
C LYS G 43 27.79 16.83 7.43
N GLY G 44 27.42 16.44 6.22
CA GLY G 44 26.74 17.34 5.31
C GLY G 44 25.25 17.42 5.57
N LEU G 45 24.59 18.30 4.83
CA LEU G 45 23.16 18.51 4.95
C LEU G 45 22.41 17.35 4.32
N GLU G 46 21.26 17.03 4.92
CA GLU G 46 20.37 15.99 4.39
C GLU G 46 18.93 16.49 4.44
N TRP G 47 18.37 16.79 3.27
CA TRP G 47 16.96 17.09 3.15
C TRP G 47 16.16 15.82 3.43
N VAL G 48 15.10 15.96 4.22
CA VAL G 48 14.29 14.81 4.63
C VAL G 48 12.86 14.88 4.12
N ALA G 49 12.32 16.09 4.01
CA ALA G 49 10.95 16.28 3.53
C ALA G 49 10.71 17.73 3.16
N TYR G 50 9.72 17.96 2.31
CA TYR G 50 9.15 19.29 2.12
C TYR G 50 7.65 19.17 1.92
N ILE G 51 6.98 20.31 1.97
CA ILE G 51 5.54 20.38 1.73
C ILE G 51 5.19 21.68 1.00
N TYR G 52 4.30 21.58 0.02
CA TYR G 52 3.74 22.77 -0.62
C TYR G 52 2.48 23.16 0.13
N SER G 53 2.56 24.27 0.87
CA SER G 53 1.49 24.65 1.79
C SER G 53 0.18 25.04 1.10
N SER G 54 0.27 25.48 -0.16
CA SER G 54 -0.92 25.91 -0.88
C SER G 54 -1.84 24.73 -1.20
N SER G 55 -1.28 23.64 -1.68
CA SER G 55 -2.07 22.48 -2.06
C SER G 55 -1.98 21.31 -1.09
N GLY G 56 -0.93 21.28 -0.27
CA GLY G 56 -0.72 20.19 0.68
C GLY G 56 0.19 19.06 0.21
N TYR G 57 0.77 19.20 -0.97
CA TYR G 57 1.61 18.15 -1.56
C TYR G 57 2.85 17.98 -0.70
N THR G 58 3.24 16.72 -0.49
CA THR G 58 4.38 16.35 0.34
C THR G 58 5.32 15.38 -0.39
N SER G 59 6.61 15.52 -0.12
CA SER G 59 7.62 14.62 -0.66
C SER G 59 8.67 14.33 0.42
N TYR G 60 9.07 13.07 0.52
CA TYR G 60 9.99 12.63 1.55
C TYR G 60 11.22 12.01 0.93
N ALA G 61 12.28 11.91 1.73
CA ALA G 61 13.51 11.21 1.33
C ALA G 61 13.33 9.69 1.47
N ASP G 62 14.08 8.94 0.68
CA ASP G 62 13.98 7.48 0.69
C ASP G 62 14.40 6.88 2.03
N SER G 63 15.30 7.55 2.74
CA SER G 63 15.74 7.12 4.07
C SER G 63 14.80 7.55 5.20
N VAL G 64 13.59 7.95 4.86
CA VAL G 64 12.65 8.55 5.80
C VAL G 64 11.22 8.10 5.50
N LYS G 65 10.93 7.83 4.23
CA LYS G 65 9.59 7.53 3.75
C LYS G 65 8.94 6.42 4.56
N GLY G 66 7.67 6.62 4.90
CA GLY G 66 6.92 5.68 5.71
C GLY G 66 6.92 6.00 7.19
N ARG G 67 8.01 6.59 7.66
CA ARG G 67 8.17 6.87 9.08
C ARG G 67 7.73 8.29 9.45
N PHE G 68 8.18 9.27 8.67
CA PHE G 68 7.90 10.66 8.98
C PHE G 68 6.60 11.12 8.34
N THR G 69 6.06 12.22 8.87
CA THR G 69 4.84 12.82 8.34
C THR G 69 4.95 14.32 8.49
N ILE G 70 5.03 15.03 7.38
CA ILE G 70 5.16 16.48 7.35
C ILE G 70 3.80 17.10 7.06
N SER G 71 3.49 18.19 7.76
CA SER G 71 2.21 18.89 7.56
C SER G 71 2.39 20.37 7.89
N ALA G 72 1.36 21.14 7.58
CA ALA G 72 1.33 22.57 7.88
C ALA G 72 -0.09 23.01 8.20
N ASP G 73 -0.19 23.97 9.11
CA ASP G 73 -1.48 24.51 9.51
C ASP G 73 -1.44 25.99 9.23
N THR G 74 -2.09 26.40 8.15
CA THR G 74 -2.21 27.82 7.81
C THR G 74 -2.95 28.58 8.91
N SER G 75 -3.88 27.92 9.60
CA SER G 75 -4.61 28.53 10.71
C SER G 75 -3.68 29.00 11.83
N LYS G 76 -2.65 28.22 12.11
CA LYS G 76 -1.67 28.54 13.17
C LYS G 76 -0.34 29.06 12.64
N ASN G 77 -0.15 29.04 11.32
CA ASN G 77 1.14 29.40 10.70
C ASN G 77 2.30 28.60 11.30
N THR G 78 2.08 27.29 11.44
CA THR G 78 3.05 26.40 12.05
C THR G 78 3.15 25.11 11.25
N ALA G 79 4.39 24.71 10.95
CA ALA G 79 4.66 23.43 10.28
C ALA G 79 4.98 22.38 11.33
N TYR G 80 4.68 21.13 10.99
CA TYR G 80 4.89 20.01 11.89
C TYR G 80 5.61 18.87 11.17
N LEU G 81 6.31 18.06 11.95
CA LEU G 81 6.99 16.86 11.45
C LEU G 81 6.87 15.73 12.48
N GLN G 82 5.98 14.79 12.20
CA GLN G 82 5.73 13.65 13.08
C GLN G 82 6.72 12.56 12.69
N MET G 83 7.74 12.38 13.52
CA MET G 83 8.79 11.37 13.30
C MET G 83 8.49 10.13 14.13
N ASN G 84 8.17 9.03 13.45
CA ASN G 84 7.86 7.75 14.10
C ASN G 84 8.94 6.73 13.75
N SER G 85 9.03 5.69 14.56
CA SER G 85 10.00 4.62 14.39
C SER G 85 11.42 5.15 14.19
N LEU G 86 11.83 6.01 15.12
CA LEU G 86 13.13 6.66 15.04
C LEU G 86 14.26 5.67 15.23
N ARG G 87 15.35 5.87 14.49
CA ARG G 87 16.50 4.99 14.53
C ARG G 87 17.71 5.77 14.97
N ALA G 88 18.80 5.07 15.22
CA ALA G 88 20.04 5.69 15.71
C ALA G 88 20.64 6.70 14.73
N GLU G 89 20.53 6.39 13.44
CA GLU G 89 21.06 7.27 12.37
C GLU G 89 20.25 8.55 12.19
N ASP G 90 19.04 8.61 12.77
CA ASP G 90 18.22 9.82 12.74
C ASP G 90 18.70 10.94 13.70
N THR G 91 19.71 10.65 14.51
CA THR G 91 20.26 11.64 15.41
C THR G 91 21.02 12.71 14.60
N ALA G 92 20.53 13.94 14.68
CA ALA G 92 21.12 15.06 13.95
C ALA G 92 20.49 16.38 14.39
N VAL G 93 21.07 17.48 13.95
CA VAL G 93 20.50 18.80 14.16
C VAL G 93 19.50 19.03 13.05
N TYR G 94 18.24 19.27 13.41
CA TYR G 94 17.15 19.45 12.44
C TYR G 94 16.82 20.93 12.22
N TYR G 95 16.93 21.38 10.96
CA TYR G 95 16.63 22.74 10.55
C TYR G 95 15.31 22.81 9.80
N CYS G 96 14.58 23.90 10.02
CA CYS G 96 13.36 24.21 9.29
C CYS G 96 13.64 25.43 8.43
N ALA G 97 13.31 25.33 7.16
CA ALA G 97 13.62 26.38 6.19
C ALA G 97 12.49 26.55 5.20
N ARG G 98 12.29 27.84 4.90
CA ARG G 98 11.13 28.28 4.14
C ARG G 98 11.28 28.08 2.67
N GLY G 99 11.27 29.17 1.93
CA GLY G 99 11.52 28.94 0.51
C GLY G 99 10.44 29.50 -0.37
N ASP G 100 10.45 30.79 -0.56
CA ASP G 100 9.53 31.41 -1.54
C ASP G 100 9.27 30.45 -2.69
N SER G 101 10.32 30.10 -3.41
CA SER G 101 10.17 29.22 -4.58
C SER G 101 9.88 27.80 -4.06
N TRP G 102 10.13 26.80 -4.90
CA TRP G 102 9.91 25.40 -4.54
C TRP G 102 11.19 24.70 -4.05
N TYR G 103 12.29 25.45 -3.93
CA TYR G 103 13.58 24.86 -3.58
C TYR G 103 14.53 25.85 -2.91
N ALA G 104 14.53 27.09 -3.36
CA ALA G 104 15.42 28.10 -2.77
C ALA G 104 14.91 28.49 -1.38
N MET G 105 15.65 28.05 -0.37
CA MET G 105 15.28 28.30 1.03
C MET G 105 16.01 29.55 1.51
N ASP G 106 15.25 30.59 1.83
CA ASP G 106 15.82 31.89 2.19
C ASP G 106 15.75 32.21 3.70
N TYR G 107 14.83 31.58 4.43
CA TYR G 107 14.72 31.75 5.88
C TYR G 107 14.96 30.41 6.52
N TRP G 108 15.95 30.36 7.40
CA TRP G 108 16.32 29.13 8.13
C TRP G 108 16.18 29.38 9.62
N GLY G 109 15.88 28.30 10.35
CA GLY G 109 15.84 28.35 11.82
C GLY G 109 17.19 28.04 12.42
N GLN G 110 17.33 28.31 13.72
CA GLN G 110 18.58 28.04 14.42
C GLN G 110 18.88 26.54 14.60
N GLY G 111 17.83 25.72 14.57
CA GLY G 111 17.97 24.27 14.63
C GLY G 111 17.85 23.74 16.05
N THR G 112 17.21 22.57 16.16
CA THR G 112 17.07 21.85 17.43
C THR G 112 17.75 20.48 17.35
N LEU G 113 18.28 20.04 18.48
CA LEU G 113 18.96 18.76 18.56
C LEU G 113 17.96 17.64 18.80
N VAL G 114 18.11 16.55 18.04
CA VAL G 114 17.33 15.33 18.21
C VAL G 114 18.30 14.17 18.37
N THR G 115 18.26 13.51 19.54
CA THR G 115 19.11 12.37 19.87
C THR G 115 18.26 11.11 20.06
N VAL G 116 18.51 10.09 19.23
CA VAL G 116 17.83 8.82 19.32
C VAL G 116 18.84 7.79 19.84
N SER G 117 18.66 7.38 21.08
CA SER G 117 19.59 6.44 21.70
C SER G 117 18.94 5.76 22.90
N SER G 118 19.42 4.57 23.22
CA SER G 118 18.93 3.81 24.36
C SER G 118 19.52 4.27 25.69
N ALA G 119 20.61 5.04 25.64
CA ALA G 119 21.22 5.57 26.84
C ALA G 119 20.33 6.65 27.45
N SER G 120 20.44 6.82 28.76
CA SER G 120 19.67 7.82 29.52
C SER G 120 20.56 9.00 29.90
N THR G 121 19.93 10.10 30.28
CA THR G 121 20.64 11.32 30.60
C THR G 121 21.51 11.12 31.84
N LYS G 122 22.76 11.55 31.77
CA LYS G 122 23.72 11.38 32.86
C LYS G 122 24.65 12.60 32.93
N GLY G 123 24.95 13.02 34.15
CA GLY G 123 25.84 14.14 34.39
C GLY G 123 27.31 13.80 34.15
N PRO G 124 28.11 14.82 33.79
CA PRO G 124 29.51 14.60 33.45
C PRO G 124 30.40 14.38 34.64
N SER G 125 31.50 13.68 34.42
CA SER G 125 32.59 13.55 35.40
C SER G 125 33.82 14.25 34.84
N VAL G 126 34.44 15.09 35.67
CA VAL G 126 35.58 15.92 35.24
C VAL G 126 36.83 15.42 35.94
N PHE G 127 37.89 15.22 35.15
CA PHE G 127 39.20 14.82 35.68
C PHE G 127 40.24 15.84 35.24
N PRO G 128 41.21 16.15 36.12
CA PRO G 128 42.20 17.16 35.79
C PRO G 128 43.34 16.60 34.96
N LEU G 129 43.77 17.38 33.98
CA LEU G 129 44.95 17.07 33.19
C LEU G 129 46.07 17.97 33.67
N ALA G 130 46.75 17.51 34.73
CA ALA G 130 47.71 18.34 35.45
C ALA G 130 48.97 18.56 34.62
N PRO G 131 49.54 19.78 34.66
CA PRO G 131 50.77 20.05 33.94
C PRO G 131 51.97 19.46 34.66
N SER G 132 53.09 19.33 33.97
CA SER G 132 54.31 18.79 34.62
C SER G 132 55.51 19.71 34.36
N SER G 133 56.30 19.41 33.34
CA SER G 133 57.53 20.19 33.05
C SER G 133 57.31 21.15 31.86
N GLY G 134 56.11 21.15 31.29
CA GLY G 134 55.90 21.77 29.96
C GLY G 134 55.43 23.20 30.05
N THR G 135 56.10 24.12 29.36
CA THR G 135 55.68 25.54 29.40
C THR G 135 54.22 25.61 28.94
N ALA G 136 53.34 25.98 29.87
CA ALA G 136 51.92 26.22 29.68
C ALA G 136 51.04 25.09 29.17
N ALA G 137 50.97 23.94 29.84
CA ALA G 137 50.03 22.90 29.36
C ALA G 137 49.14 22.26 30.40
N LEU G 138 47.88 22.65 30.47
CA LEU G 138 46.93 21.96 31.36
C LEU G 138 45.55 21.94 30.75
N GLY G 139 44.67 21.19 31.40
CA GLY G 139 43.30 21.10 30.96
C GLY G 139 42.44 20.21 31.81
N CYS G 140 41.20 20.03 31.36
CA CYS G 140 40.21 19.22 32.06
C CYS G 140 39.62 18.22 31.08
N LEU G 141 39.42 16.99 31.54
CA LEU G 141 38.80 15.94 30.74
C LEU G 141 37.37 15.72 31.21
N VAL G 142 36.42 16.24 30.46
CA VAL G 142 35.00 16.06 30.75
C VAL G 142 34.55 14.77 30.09
N LYS G 143 34.39 13.72 30.89
CA LYS G 143 34.14 12.37 30.38
C LYS G 143 32.83 11.81 30.90
N ASP G 144 32.21 10.95 30.09
CA ASP G 144 31.01 10.19 30.45
C ASP G 144 29.82 11.07 30.79
N TYR G 145 29.36 11.81 29.79
CA TYR G 145 28.15 12.63 29.90
C TYR G 145 27.23 12.40 28.72
N PHE G 146 25.95 12.62 28.93
CA PHE G 146 24.93 12.33 27.92
C PHE G 146 23.61 13.02 28.27
N PRO G 147 22.98 13.69 27.30
CA PRO G 147 23.44 13.87 25.93
C PRO G 147 24.14 15.20 25.71
N GLU G 148 24.41 15.52 24.45
CA GLU G 148 24.95 16.81 24.07
C GLU G 148 23.92 17.92 24.30
N PRO G 149 24.39 19.17 24.47
CA PRO G 149 25.78 19.62 24.54
C PRO G 149 26.22 19.91 25.96
N VAL G 150 27.47 20.34 26.10
CA VAL G 150 28.03 20.81 27.37
C VAL G 150 28.94 22.00 27.11
N THR G 151 28.97 22.93 28.06
CA THR G 151 29.73 24.16 27.92
C THR G 151 30.82 24.21 28.97
N VAL G 152 32.01 24.61 28.55
CA VAL G 152 33.18 24.67 29.42
C VAL G 152 33.77 26.08 29.36
N SER G 153 33.95 26.68 30.53
CA SER G 153 34.63 27.97 30.67
C SER G 153 35.75 27.85 31.72
N TRP G 154 36.63 28.83 31.73
CA TRP G 154 37.78 28.85 32.64
C TRP G 154 37.77 30.13 33.47
N ASN G 155 37.77 29.97 34.80
CA ASN G 155 37.74 31.09 35.75
C ASN G 155 36.54 32.00 35.50
N SER G 156 35.36 31.38 35.39
CA SER G 156 34.08 32.07 35.13
C SER G 156 34.07 32.92 33.85
N GLY G 157 34.96 32.62 32.91
CA GLY G 157 35.07 33.36 31.64
C GLY G 157 36.19 34.38 31.56
N ALA G 158 36.98 34.52 32.63
CA ALA G 158 38.10 35.46 32.64
C ALA G 158 39.25 34.96 31.74
N LEU G 159 39.52 33.66 31.81
CA LEU G 159 40.60 33.05 31.03
C LEU G 159 40.06 32.52 29.71
N THR G 160 40.40 33.20 28.62
CA THR G 160 40.00 32.79 27.26
C THR G 160 41.13 32.69 26.23
N SER G 161 42.25 33.36 26.49
CA SER G 161 43.39 33.35 25.59
C SER G 161 44.17 32.04 25.72
N GLY G 162 44.29 31.32 24.61
CA GLY G 162 44.97 30.02 24.59
C GLY G 162 44.12 28.84 25.01
N VAL G 163 42.79 29.01 24.98
CA VAL G 163 41.85 27.97 25.40
C VAL G 163 41.38 27.20 24.17
N HIS G 164 41.50 25.88 24.23
CA HIS G 164 41.02 24.98 23.18
C HIS G 164 40.05 23.98 23.79
N THR G 165 38.76 24.17 23.49
CA THR G 165 37.72 23.23 23.90
C THR G 165 37.43 22.34 22.70
N PHE G 166 37.89 21.10 22.77
CA PHE G 166 37.78 20.17 21.65
C PHE G 166 36.31 19.78 21.43
N PRO G 167 35.96 19.43 20.18
CA PRO G 167 34.63 18.89 19.94
C PRO G 167 34.43 17.57 20.68
N ALA G 168 33.20 17.31 21.09
CA ALA G 168 32.88 16.07 21.79
C ALA G 168 33.07 14.87 20.89
N VAL G 169 33.44 13.75 21.50
CA VAL G 169 33.53 12.47 20.79
C VAL G 169 32.56 11.50 21.45
N LEU G 170 32.04 10.57 20.67
CA LEU G 170 31.11 9.57 21.19
C LEU G 170 31.85 8.25 21.38
N GLN G 171 31.94 7.81 22.63
CA GLN G 171 32.61 6.56 22.98
C GLN G 171 31.75 5.35 22.62
N SER G 172 32.33 4.16 22.71
CA SER G 172 31.62 2.92 22.43
C SER G 172 30.53 2.60 23.47
N SER G 173 30.67 3.17 24.68
CA SER G 173 29.69 2.97 25.76
C SER G 173 28.34 3.67 25.52
N GLY G 174 28.30 4.59 24.56
CA GLY G 174 27.10 5.38 24.30
C GLY G 174 27.12 6.74 24.95
N LEU G 175 28.18 7.05 25.72
CA LEU G 175 28.32 8.34 26.40
C LEU G 175 29.38 9.19 25.71
N TYR G 176 29.19 10.51 25.79
CA TYR G 176 30.12 11.46 25.18
C TYR G 176 31.29 11.78 26.11
N SER G 177 32.36 12.29 25.50
CA SER G 177 33.59 12.65 26.22
C SER G 177 34.38 13.65 25.41
N LEU G 178 34.84 14.71 26.07
CA LEU G 178 35.66 15.72 25.41
C LEU G 178 36.75 16.18 26.36
N SER G 179 37.66 16.99 25.83
CA SER G 179 38.73 17.59 26.62
C SER G 179 38.82 19.08 26.29
N SER G 180 39.11 19.88 27.32
CA SER G 180 39.28 21.33 27.15
C SER G 180 40.59 21.70 27.80
N VAL G 181 41.54 22.18 27.01
CA VAL G 181 42.88 22.47 27.47
C VAL G 181 43.15 23.96 27.33
N VAL G 182 44.23 24.39 27.96
CA VAL G 182 44.68 25.76 27.90
C VAL G 182 46.17 25.81 28.19
N THR G 183 46.87 26.62 27.39
CA THR G 183 48.30 26.81 27.55
C THR G 183 48.58 28.10 28.36
N VAL G 184 49.26 27.94 29.50
CA VAL G 184 49.66 29.07 30.39
C VAL G 184 51.15 29.12 30.76
N PRO G 185 51.69 30.30 31.05
CA PRO G 185 53.13 30.32 31.39
C PRO G 185 53.42 29.45 32.62
N SER G 186 54.55 28.76 32.59
CA SER G 186 54.96 27.87 33.69
C SER G 186 55.23 28.62 34.99
N SER G 187 55.70 29.85 34.87
CA SER G 187 56.03 30.67 36.03
C SER G 187 54.81 30.95 36.91
N SER G 188 53.63 31.03 36.28
CA SER G 188 52.38 31.23 37.03
C SER G 188 51.78 29.96 37.63
N LEU G 189 52.38 28.79 37.36
CA LEU G 189 51.84 27.51 37.86
C LEU G 189 51.76 27.41 39.38
N GLY G 190 52.81 27.87 40.05
CA GLY G 190 52.80 27.92 41.52
C GLY G 190 51.99 29.04 42.13
N THR G 191 51.70 30.09 41.34
CA THR G 191 51.04 31.30 41.83
C THR G 191 49.58 31.44 41.38
N GLN G 192 49.31 31.16 40.11
CA GLN G 192 47.98 31.32 39.53
C GLN G 192 47.19 30.02 39.66
N THR G 193 45.95 30.16 40.12
CA THR G 193 45.02 29.04 40.24
C THR G 193 44.22 28.92 38.93
N TYR G 194 43.96 27.69 38.50
CA TYR G 194 43.22 27.40 37.28
C TYR G 194 42.09 26.43 37.60
N ILE G 195 40.86 26.85 37.31
CA ILE G 195 39.66 26.06 37.57
C ILE G 195 38.78 26.10 36.33
N CYS G 196 38.45 24.92 35.79
CA CYS G 196 37.53 24.81 34.67
C CYS G 196 36.11 24.66 35.18
N ASN G 197 35.18 25.32 34.48
CA ASN G 197 33.77 25.35 34.87
C ASN G 197 32.96 24.61 33.81
N VAL G 198 32.33 23.51 34.20
CA VAL G 198 31.56 22.66 33.30
C VAL G 198 30.07 22.82 33.61
N ASN G 199 29.29 23.13 32.59
CA ASN G 199 27.85 23.32 32.70
C ASN G 199 27.13 22.38 31.75
N HIS G 200 26.44 21.39 32.31
CA HIS G 200 25.63 20.46 31.53
C HIS G 200 24.16 20.73 31.82
N LYS G 201 23.53 21.50 30.95
CA LYS G 201 22.12 21.84 31.08
C LYS G 201 21.15 20.65 30.97
N PRO G 202 21.39 19.72 30.02
CA PRO G 202 20.47 18.57 29.93
C PRO G 202 20.30 17.77 31.22
N SER G 203 21.36 17.64 32.01
CA SER G 203 21.31 16.94 33.33
C SER G 203 21.28 17.89 34.53
N ASN G 204 21.37 19.20 34.27
CA ASN G 204 21.35 20.23 35.31
C ASN G 204 22.48 20.02 36.33
N THR G 205 23.68 19.83 35.80
CA THR G 205 24.85 19.51 36.59
C THR G 205 25.89 20.61 36.38
N LYS G 206 26.33 21.21 37.49
CA LYS G 206 27.35 22.25 37.48
C LYS G 206 28.53 21.72 38.31
N VAL G 207 29.67 21.56 37.65
CA VAL G 207 30.87 21.03 38.31
C VAL G 207 32.07 21.89 37.97
N ASP G 208 32.79 22.33 38.99
CA ASP G 208 34.06 23.04 38.83
C ASP G 208 35.16 22.14 39.38
N LYS G 209 36.29 22.09 38.67
CA LYS G 209 37.43 21.26 39.08
C LYS G 209 38.70 22.11 39.03
N LYS G 210 39.44 22.13 40.15
CA LYS G 210 40.70 22.84 40.26
C LYS G 210 41.86 21.97 39.77
N VAL G 211 42.67 22.56 38.89
CA VAL G 211 43.80 21.86 38.29
C VAL G 211 45.06 22.33 38.98
N GLU G 212 45.78 21.40 39.58
CA GLU G 212 47.02 21.70 40.29
C GLU G 212 48.07 20.67 39.88
N PRO G 213 49.36 21.06 39.89
CA PRO G 213 50.43 20.07 39.73
C PRO G 213 50.54 19.14 40.95
N LYS G 214 51.39 18.12 40.83
CA LYS G 214 51.58 17.13 41.89
C LYS G 214 53.06 16.90 42.17
N GLU H 1 -30.45 33.30 1.19
CA GLU H 1 -30.55 31.86 0.81
C GLU H 1 -29.30 31.11 1.28
N VAL H 2 -29.52 29.89 1.77
CA VAL H 2 -28.44 29.02 2.27
C VAL H 2 -28.56 27.70 1.52
N GLN H 3 -27.91 27.62 0.36
CA GLN H 3 -28.08 26.50 -0.58
C GLN H 3 -26.75 25.96 -1.06
N LEU H 4 -26.83 24.80 -1.72
CA LEU H 4 -25.68 24.11 -2.30
C LEU H 4 -25.92 23.91 -3.79
N VAL H 5 -24.88 24.14 -4.59
CA VAL H 5 -24.98 24.03 -6.04
C VAL H 5 -24.00 22.97 -6.53
N GLU H 6 -24.51 21.98 -7.25
CA GLU H 6 -23.68 20.92 -7.84
C GLU H 6 -23.43 21.19 -9.31
N SER H 7 -22.21 20.91 -9.75
CA SER H 7 -21.81 21.09 -11.14
C SER H 7 -20.82 20.00 -11.56
N GLY H 8 -20.67 19.85 -12.87
CA GLY H 8 -19.71 18.92 -13.42
C GLY H 8 -20.25 17.57 -13.81
N GLY H 9 -21.55 17.35 -13.64
CA GLY H 9 -22.18 16.08 -14.03
C GLY H 9 -22.41 15.98 -15.52
N GLY H 10 -22.72 14.77 -15.99
CA GLY H 10 -23.02 14.55 -17.39
C GLY H 10 -22.96 13.10 -17.87
N LEU H 11 -22.42 12.92 -19.07
CA LEU H 11 -22.31 11.61 -19.72
C LEU H 11 -20.84 11.27 -19.94
N VAL H 12 -20.46 10.06 -19.55
CA VAL H 12 -19.09 9.60 -19.66
C VAL H 12 -19.05 8.15 -20.12
N GLN H 13 -17.95 7.78 -20.76
CA GLN H 13 -17.72 6.40 -21.16
C GLN H 13 -17.22 5.60 -19.96
N PRO H 14 -17.49 4.29 -19.94
CA PRO H 14 -16.91 3.44 -18.90
C PRO H 14 -15.39 3.48 -18.93
N GLY H 15 -14.78 3.62 -17.75
CA GLY H 15 -13.35 3.86 -17.65
C GLY H 15 -12.95 5.33 -17.69
N GLY H 16 -13.86 6.21 -18.09
CA GLY H 16 -13.60 7.65 -18.09
C GLY H 16 -13.63 8.23 -16.68
N SER H 17 -13.98 9.49 -16.58
CA SER H 17 -13.99 10.16 -15.30
C SER H 17 -14.87 11.40 -15.28
N LEU H 18 -15.13 11.88 -14.08
CA LEU H 18 -15.87 13.12 -13.86
C LEU H 18 -15.32 13.82 -12.62
N ARG H 19 -15.67 15.09 -12.48
CA ARG H 19 -15.29 15.86 -11.30
C ARG H 19 -16.49 16.67 -10.85
N LEU H 20 -17.21 16.14 -9.86
CA LEU H 20 -18.34 16.86 -9.29
C LEU H 20 -17.83 17.97 -8.41
N SER H 21 -18.52 19.11 -8.39
CA SER H 21 -18.17 20.21 -7.49
C SER H 21 -19.41 20.66 -6.76
N CYS H 22 -19.21 21.08 -5.53
CA CYS H 22 -20.29 21.50 -4.68
C CYS H 22 -19.93 22.86 -4.12
N ALA H 23 -20.64 23.89 -4.58
CA ALA H 23 -20.41 25.25 -4.12
C ALA H 23 -21.47 25.65 -3.09
N ALA H 24 -21.00 26.15 -1.94
CA ALA H 24 -21.89 26.58 -0.85
C ALA H 24 -22.19 28.05 -1.03
N SER H 25 -23.47 28.37 -1.19
CA SER H 25 -23.95 29.74 -1.36
C SER H 25 -24.72 30.10 -0.10
N GLY H 26 -24.37 31.25 0.49
CA GLY H 26 -25.00 31.70 1.72
C GLY H 26 -24.31 31.26 2.99
N PHE H 27 -23.20 30.53 2.88
CA PHE H 27 -22.38 30.15 4.04
C PHE H 27 -20.97 29.75 3.62
N ASN H 28 -20.18 29.41 4.64
CA ASN H 28 -18.84 28.88 4.44
C ASN H 28 -18.88 27.48 5.03
N PHE H 29 -18.25 26.53 4.36
CA PHE H 29 -18.23 25.19 4.88
C PHE H 29 -17.68 25.19 6.24
N SER H 30 -16.47 25.72 6.33
CA SER H 30 -15.77 25.78 7.58
C SER H 30 -15.80 24.41 8.28
N TYR H 31 -16.13 24.44 9.55
CA TYR H 31 -15.98 23.34 10.43
C TYR H 31 -17.23 22.50 10.35
N SER H 32 -17.28 21.66 9.32
CA SER H 32 -18.38 20.73 9.17
C SER H 32 -18.04 19.71 8.15
N SER H 33 -18.64 18.54 8.31
CA SER H 33 -18.39 17.42 7.40
C SER H 33 -19.19 17.56 6.14
N ILE H 34 -18.54 17.32 5.00
CA ILE H 34 -19.17 17.40 3.68
C ILE H 34 -19.31 15.97 3.15
N HIS H 35 -20.54 15.60 2.81
CA HIS H 35 -20.85 14.24 2.33
C HIS H 35 -21.31 14.24 0.87
N TRP H 36 -20.99 13.16 0.16
CA TRP H 36 -21.52 12.90 -1.15
C TRP H 36 -22.32 11.61 -1.06
N VAL H 37 -23.58 11.65 -1.48
CA VAL H 37 -24.48 10.50 -1.40
C VAL H 37 -25.20 10.36 -2.72
N ARG H 38 -25.21 9.15 -3.29
CA ARG H 38 -25.88 8.89 -4.57
C ARG H 38 -27.15 8.08 -4.40
N GLN H 39 -27.96 8.08 -5.45
CA GLN H 39 -29.23 7.40 -5.47
C GLN H 39 -29.53 6.94 -6.89
N ALA H 40 -29.61 5.64 -7.08
CA ALA H 40 -29.96 5.06 -8.37
C ALA H 40 -31.43 5.34 -8.66
N PRO H 41 -31.80 5.37 -9.96
CA PRO H 41 -33.21 5.62 -10.33
C PRO H 41 -34.17 4.58 -9.73
N GLY H 42 -35.02 5.04 -8.82
CA GLY H 42 -36.00 4.19 -8.15
C GLY H 42 -35.44 3.29 -7.06
N LYS H 43 -34.26 3.63 -6.56
CA LYS H 43 -33.60 2.88 -5.50
C LYS H 43 -33.39 3.73 -4.25
N GLY H 44 -32.82 3.12 -3.21
CA GLY H 44 -32.52 3.80 -1.97
C GLY H 44 -31.25 4.61 -2.04
N LEU H 45 -30.98 5.32 -0.96
CA LEU H 45 -29.80 6.16 -0.87
C LEU H 45 -28.58 5.31 -0.60
N GLU H 46 -27.45 5.72 -1.16
CA GLU H 46 -26.15 5.10 -0.88
C GLU H 46 -25.12 6.18 -0.63
N TRP H 47 -24.69 6.31 0.62
CA TRP H 47 -23.60 7.22 0.97
C TRP H 47 -22.34 6.71 0.29
N VAL H 48 -21.60 7.60 -0.35
CA VAL H 48 -20.38 7.22 -1.06
C VAL H 48 -19.12 7.78 -0.42
N ALA H 49 -19.18 8.98 0.15
CA ALA H 49 -18.02 9.58 0.79
C ALA H 49 -18.39 10.67 1.77
N TYR H 50 -17.45 10.97 2.66
CA TYR H 50 -17.50 12.19 3.44
C TYR H 50 -16.09 12.68 3.71
N ILE H 51 -15.99 13.93 4.13
CA ILE H 51 -14.73 14.54 4.53
C ILE H 51 -14.99 15.49 5.71
N TYR H 52 -14.11 15.44 6.70
CA TYR H 52 -14.07 16.43 7.77
C TYR H 52 -13.23 17.62 7.33
N SER H 53 -13.89 18.75 7.06
CA SER H 53 -13.23 19.90 6.43
C SER H 53 -12.22 20.59 7.32
N SER H 54 -12.39 20.48 8.63
CA SER H 54 -11.47 21.11 9.55
C SER H 54 -10.08 20.50 9.47
N SER H 55 -10.01 19.17 9.54
CA SER H 55 -8.73 18.46 9.55
C SER H 55 -8.34 17.86 8.20
N GLY H 56 -9.32 17.54 7.37
CA GLY H 56 -9.07 16.94 6.06
C GLY H 56 -9.24 15.43 5.98
N TYR H 57 -9.67 14.80 7.09
CA TYR H 57 -9.88 13.36 7.12
C TYR H 57 -11.03 12.96 6.18
N THR H 58 -10.82 11.89 5.44
CA THR H 58 -11.79 11.41 4.46
C THR H 58 -12.17 9.97 4.75
N SER H 59 -13.40 9.62 4.37
CA SER H 59 -13.89 8.25 4.47
C SER H 59 -14.76 7.96 3.25
N TYR H 60 -14.57 6.76 2.69
CA TYR H 60 -15.26 6.34 1.46
C TYR H 60 -16.01 5.03 1.68
N ALA H 61 -16.97 4.79 0.78
CA ALA H 61 -17.67 3.51 0.74
C ALA H 61 -16.79 2.45 0.06
N ASP H 62 -17.00 1.18 0.43
CA ASP H 62 -16.20 0.08 -0.07
C ASP H 62 -16.38 -0.12 -1.59
N SER H 63 -17.55 0.25 -2.11
CA SER H 63 -17.82 0.16 -3.56
C SER H 63 -17.31 1.36 -4.35
N VAL H 64 -16.43 2.14 -3.75
CA VAL H 64 -15.98 3.40 -4.32
C VAL H 64 -14.48 3.59 -4.05
N LYS H 65 -14.00 3.06 -2.91
CA LYS H 65 -12.62 3.21 -2.45
C LYS H 65 -11.61 2.83 -3.52
N GLY H 66 -10.61 3.68 -3.70
CA GLY H 66 -9.61 3.50 -4.74
C GLY H 66 -9.90 4.21 -6.06
N ARG H 67 -11.18 4.46 -6.33
CA ARG H 67 -11.59 5.11 -7.58
C ARG H 67 -11.91 6.60 -7.39
N PHE H 68 -12.63 6.94 -6.33
CA PHE H 68 -13.02 8.33 -6.08
C PHE H 68 -12.05 9.03 -5.16
N THR H 69 -12.04 10.35 -5.22
CA THR H 69 -11.19 11.19 -4.37
C THR H 69 -11.96 12.44 -3.98
N ILE H 70 -12.27 12.56 -2.68
CA ILE H 70 -13.03 13.69 -2.14
C ILE H 70 -12.09 14.70 -1.48
N SER H 71 -12.40 15.98 -1.68
CA SER H 71 -11.61 17.05 -1.10
C SER H 71 -12.48 18.29 -0.98
N ALA H 72 -11.94 19.31 -0.32
CA ALA H 72 -12.64 20.57 -0.18
C ALA H 72 -11.63 21.69 -0.10
N ASP H 73 -12.02 22.84 -0.63
CA ASP H 73 -11.19 24.03 -0.57
C ASP H 73 -12.01 25.12 0.12
N THR H 74 -11.67 25.41 1.38
CA THR H 74 -12.32 26.49 2.12
C THR H 74 -11.90 27.88 1.60
N SER H 75 -10.75 27.96 0.92
CA SER H 75 -10.34 29.21 0.25
C SER H 75 -11.34 29.64 -0.83
N LYS H 76 -11.81 28.67 -1.60
CA LYS H 76 -12.87 28.92 -2.61
C LYS H 76 -14.26 28.50 -2.14
N ASN H 77 -14.34 27.89 -0.96
CA ASN H 77 -15.60 27.42 -0.39
C ASN H 77 -16.31 26.45 -1.33
N THR H 78 -15.55 25.48 -1.84
CA THR H 78 -16.07 24.51 -2.80
C THR H 78 -15.48 23.13 -2.52
N ALA H 79 -16.36 22.12 -2.47
CA ALA H 79 -15.95 20.72 -2.35
C ALA H 79 -15.84 20.09 -3.73
N TYR H 80 -14.93 19.13 -3.86
CA TYR H 80 -14.70 18.44 -5.11
C TYR H 80 -14.72 16.94 -4.89
N LEU H 81 -15.20 16.21 -5.89
CA LEU H 81 -15.23 14.75 -5.88
C LEU H 81 -14.79 14.25 -7.25
N GLN H 82 -13.55 13.74 -7.31
CA GLN H 82 -12.98 13.23 -8.55
C GLN H 82 -13.32 11.77 -8.65
N MET H 83 -14.19 11.42 -9.61
CA MET H 83 -14.63 10.04 -9.85
C MET H 83 -13.90 9.48 -11.07
N ASN H 84 -13.01 8.52 -10.84
CA ASN H 84 -12.20 7.94 -11.91
C ASN H 84 -12.59 6.50 -12.16
N SER H 85 -12.36 6.03 -13.38
CA SER H 85 -12.66 4.66 -13.80
C SER H 85 -14.10 4.27 -13.46
N LEU H 86 -15.04 5.11 -13.88
CA LEU H 86 -16.45 4.88 -13.61
C LEU H 86 -16.94 3.64 -14.35
N ARG H 87 -17.86 2.92 -13.72
CA ARG H 87 -18.48 1.74 -14.32
C ARG H 87 -19.99 1.96 -14.38
N ALA H 88 -20.70 0.95 -14.88
CA ALA H 88 -22.12 1.09 -15.18
C ALA H 88 -22.98 1.39 -13.96
N GLU H 89 -22.72 0.68 -12.86
CA GLU H 89 -23.51 0.83 -11.64
C GLU H 89 -23.30 2.17 -10.91
N ASP H 90 -22.35 2.99 -11.38
CA ASP H 90 -22.16 4.35 -10.83
C ASP H 90 -23.13 5.38 -11.37
N THR H 91 -23.95 5.00 -12.34
CA THR H 91 -25.00 5.87 -12.88
C THR H 91 -26.08 6.12 -11.81
N ALA H 92 -26.19 7.36 -11.36
CA ALA H 92 -27.16 7.72 -10.33
C ALA H 92 -27.30 9.24 -10.24
N VAL H 93 -28.26 9.67 -9.42
CA VAL H 93 -28.37 11.06 -9.04
C VAL H 93 -27.47 11.27 -7.83
N TYR H 94 -26.52 12.18 -7.94
CA TYR H 94 -25.56 12.47 -6.87
C TYR H 94 -25.94 13.76 -6.13
N TYR H 95 -26.07 13.66 -4.81
CA TYR H 95 -26.37 14.79 -3.95
C TYR H 95 -25.14 15.12 -3.10
N CYS H 96 -24.98 16.41 -2.82
CA CYS H 96 -23.92 16.99 -1.99
C CYS H 96 -24.53 17.31 -0.64
N ALA H 97 -23.87 17.03 0.48
CA ALA H 97 -24.52 17.25 1.81
C ALA H 97 -23.80 18.13 2.82
N ARG H 98 -24.52 18.92 3.59
CA ARG H 98 -23.88 19.89 4.50
C ARG H 98 -23.24 19.21 5.69
N GLY H 99 -24.04 18.46 6.41
CA GLY H 99 -23.50 17.84 7.62
C GLY H 99 -22.95 18.76 8.71
N ASP H 100 -23.82 19.36 9.52
CA ASP H 100 -23.38 20.18 10.65
C ASP H 100 -22.46 19.41 11.58
N SER H 101 -22.84 18.18 11.92
CA SER H 101 -21.98 17.35 12.75
C SER H 101 -21.17 16.47 11.84
N TRP H 102 -20.95 15.22 12.20
CA TRP H 102 -20.18 14.35 11.35
C TRP H 102 -21.12 13.41 10.65
N TYR H 103 -22.41 13.61 10.79
CA TYR H 103 -23.32 12.67 10.18
C TYR H 103 -24.68 13.26 9.84
N ALA H 104 -25.25 14.06 10.73
CA ALA H 104 -26.56 14.63 10.50
C ALA H 104 -26.49 15.72 9.43
N MET H 105 -26.96 15.39 8.22
CA MET H 105 -26.87 16.29 7.08
C MET H 105 -28.14 17.12 7.01
N ASP H 106 -28.02 18.41 7.25
CA ASP H 106 -29.19 19.31 7.31
C ASP H 106 -29.38 20.17 6.07
N TYR H 107 -28.33 20.33 5.26
CA TYR H 107 -28.40 21.12 4.02
C TYR H 107 -28.04 20.21 2.85
N TRP H 108 -28.99 20.07 1.92
CA TRP H 108 -28.82 19.21 0.74
C TRP H 108 -28.93 20.05 -0.53
N GLY H 109 -28.20 19.64 -1.56
CA GLY H 109 -28.35 20.23 -2.88
C GLY H 109 -29.48 19.53 -3.61
N GLN H 110 -29.84 20.04 -4.78
CA GLN H 110 -30.86 19.42 -5.61
C GLN H 110 -30.37 18.16 -6.35
N GLY H 111 -29.05 18.04 -6.51
CA GLY H 111 -28.45 16.84 -7.07
C GLY H 111 -28.35 16.85 -8.58
N THR H 112 -27.27 16.29 -9.11
CA THR H 112 -27.06 16.21 -10.57
C THR H 112 -27.02 14.75 -11.02
N LEU H 113 -27.51 14.50 -12.23
CA LEU H 113 -27.63 13.16 -12.76
C LEU H 113 -26.35 12.80 -13.52
N VAL H 114 -25.82 11.61 -13.22
CA VAL H 114 -24.61 11.09 -13.87
C VAL H 114 -24.95 9.76 -14.53
N THR H 115 -24.70 9.68 -15.83
CA THR H 115 -24.94 8.47 -16.62
C THR H 115 -23.63 7.95 -17.19
N VAL H 116 -23.31 6.72 -16.86
CA VAL H 116 -22.12 6.03 -17.37
C VAL H 116 -22.61 4.93 -18.30
N SER H 117 -22.34 5.08 -19.60
CA SER H 117 -22.76 4.09 -20.59
C SER H 117 -21.92 4.23 -21.85
N SER H 118 -21.92 3.16 -22.65
CA SER H 118 -21.21 3.14 -23.93
C SER H 118 -21.96 3.83 -25.06
N ALA H 119 -23.27 4.05 -24.89
CA ALA H 119 -24.09 4.70 -25.90
C ALA H 119 -23.76 6.18 -25.99
N SER H 120 -24.02 6.75 -27.17
CA SER H 120 -23.85 8.19 -27.43
C SER H 120 -25.20 8.88 -27.46
N THR H 121 -25.15 10.21 -27.39
CA THR H 121 -26.34 11.01 -27.33
C THR H 121 -27.17 10.82 -28.59
N LYS H 122 -28.46 10.54 -28.42
CA LYS H 122 -29.35 10.24 -29.52
C LYS H 122 -30.73 10.80 -29.24
N GLY H 123 -31.33 11.38 -30.27
CA GLY H 123 -32.66 11.96 -30.16
C GLY H 123 -33.75 10.90 -30.10
N PRO H 124 -34.93 11.27 -29.58
CA PRO H 124 -36.04 10.33 -29.46
C PRO H 124 -36.80 10.14 -30.76
N SER H 125 -37.44 8.96 -30.88
CA SER H 125 -38.39 8.67 -31.94
C SER H 125 -39.77 8.53 -31.30
N VAL H 126 -40.75 9.29 -31.78
CA VAL H 126 -42.07 9.30 -31.08
C VAL H 126 -43.14 8.63 -31.92
N PHE H 127 -43.10 7.32 -32.04
CA PHE H 127 -44.21 6.65 -32.74
C PHE H 127 -45.46 7.01 -31.93
N PRO H 128 -46.68 6.97 -32.47
CA PRO H 128 -47.85 7.41 -31.74
C PRO H 128 -48.72 6.30 -31.15
N LEU H 129 -49.58 6.65 -30.19
CA LEU H 129 -50.47 5.66 -29.50
C LEU H 129 -51.90 6.19 -29.53
N ALA H 130 -52.76 5.64 -30.40
CA ALA H 130 -54.13 6.18 -30.57
C ALA H 130 -55.16 5.06 -30.53
N PRO H 131 -56.42 5.37 -30.21
CA PRO H 131 -57.42 4.34 -30.08
C PRO H 131 -57.19 3.23 -31.11
N ALA H 136 -62.20 6.56 -23.57
CA ALA H 136 -61.09 6.10 -24.41
C ALA H 136 -59.77 6.75 -23.99
N ALA H 137 -58.67 6.19 -24.48
CA ALA H 137 -57.32 6.66 -24.15
C ALA H 137 -56.43 6.64 -25.37
N LEU H 138 -55.50 7.59 -25.41
CA LEU H 138 -54.50 7.68 -26.47
C LEU H 138 -53.18 8.08 -25.83
N GLY H 139 -52.13 8.18 -26.64
CA GLY H 139 -50.82 8.48 -26.12
C GLY H 139 -49.71 8.52 -27.14
N CYS H 140 -48.49 8.63 -26.63
CA CYS H 140 -47.29 8.73 -27.44
C CYS H 140 -46.20 7.86 -26.82
N LEU H 141 -45.49 7.13 -27.66
CA LEU H 141 -44.37 6.31 -27.25
C LEU H 141 -43.08 7.00 -27.66
N VAL H 142 -42.31 7.46 -26.68
CA VAL H 142 -41.02 8.09 -26.91
C VAL H 142 -39.94 7.03 -26.71
N LYS H 143 -39.38 6.54 -27.81
CA LYS H 143 -38.47 5.38 -27.80
C LYS H 143 -37.10 5.76 -28.32
N ASP H 144 -36.08 5.07 -27.83
CA ASP H 144 -34.71 5.16 -28.35
C ASP H 144 -34.15 6.58 -28.28
N TYR H 145 -34.08 7.10 -27.06
CA TYR H 145 -33.43 8.38 -26.80
C TYR H 145 -32.39 8.19 -25.71
N PHE H 146 -31.37 9.04 -25.72
CA PHE H 146 -30.25 8.92 -24.80
C PHE H 146 -29.47 10.23 -24.72
N PRO H 147 -29.11 10.67 -23.50
CA PRO H 147 -29.49 10.08 -22.23
C PRO H 147 -30.73 10.73 -21.64
N GLU H 148 -31.01 10.41 -20.38
CA GLU H 148 -32.06 11.07 -19.61
C GLU H 148 -31.68 12.54 -19.32
N PRO H 149 -32.69 13.40 -19.08
CA PRO H 149 -34.13 13.15 -19.14
C PRO H 149 -34.81 13.69 -20.41
N VAL H 150 -36.12 13.50 -20.48
CA VAL H 150 -36.94 14.04 -21.56
C VAL H 150 -38.27 14.48 -20.96
N THR H 151 -38.83 15.54 -21.51
CA THR H 151 -40.06 16.12 -20.98
C THR H 151 -41.16 15.96 -22.02
N VAL H 152 -42.36 15.62 -21.54
CA VAL H 152 -43.51 15.41 -22.41
C VAL H 152 -44.67 16.28 -21.93
N SER H 153 -45.25 17.03 -22.86
CA SER H 153 -46.47 17.82 -22.62
C SER H 153 -47.53 17.45 -23.66
N TRP H 154 -48.75 17.92 -23.41
CA TRP H 154 -49.88 17.67 -24.30
C TRP H 154 -50.55 19.00 -24.66
N ASN H 155 -50.65 19.27 -25.96
CA ASN H 155 -51.25 20.50 -26.49
C ASN H 155 -50.57 21.74 -25.92
N SER H 156 -49.23 21.73 -25.94
CA SER H 156 -48.40 22.83 -25.44
C SER H 156 -48.67 23.24 -23.98
N GLY H 157 -49.26 22.34 -23.21
CA GLY H 157 -49.62 22.62 -21.81
C GLY H 157 -51.07 22.96 -21.53
N ALA H 158 -51.90 23.03 -22.57
CA ALA H 158 -53.33 23.30 -22.39
C ALA H 158 -54.05 22.11 -21.74
N LEU H 159 -53.73 20.90 -22.20
CA LEU H 159 -54.31 19.67 -21.66
C LEU H 159 -53.38 19.06 -20.62
N THR H 160 -53.80 19.13 -19.35
CA THR H 160 -53.06 18.52 -18.24
C THR H 160 -53.87 17.54 -17.40
N SER H 161 -55.20 17.65 -17.40
CA SER H 161 -56.04 16.77 -16.61
C SER H 161 -56.15 15.41 -17.30
N GLY H 162 -55.78 14.35 -16.57
CA GLY H 162 -55.80 12.99 -17.09
C GLY H 162 -54.58 12.58 -17.88
N VAL H 163 -53.45 13.27 -17.66
CA VAL H 163 -52.19 12.98 -18.34
C VAL H 163 -51.32 12.12 -17.43
N HIS H 164 -50.87 10.98 -17.93
CA HIS H 164 -49.97 10.08 -17.21
C HIS H 164 -48.70 9.88 -18.01
N THR H 165 -47.61 10.51 -17.55
CA THR H 165 -46.30 10.32 -18.14
C THR H 165 -45.56 9.26 -17.32
N PHE H 166 -45.43 8.07 -17.89
CA PHE H 166 -44.83 6.96 -17.19
C PHE H 166 -43.34 7.19 -17.01
N PRO H 167 -42.76 6.61 -15.94
CA PRO H 167 -41.30 6.69 -15.78
C PRO H 167 -40.59 5.96 -16.92
N ALA H 168 -39.40 6.43 -17.25
CA ALA H 168 -38.62 5.86 -18.34
C ALA H 168 -38.17 4.45 -18.00
N VAL H 169 -38.00 3.64 -19.03
CA VAL H 169 -37.46 2.29 -18.84
C VAL H 169 -36.19 2.21 -19.67
N LEU H 170 -35.25 1.39 -19.21
CA LEU H 170 -34.00 1.17 -19.94
C LEU H 170 -34.06 -0.16 -20.69
N GLN H 171 -34.00 -0.09 -22.02
CA GLN H 171 -34.08 -1.28 -22.86
C GLN H 171 -32.74 -2.00 -22.86
N SER H 172 -32.72 -3.21 -23.43
CA SER H 172 -31.50 -4.02 -23.50
C SER H 172 -30.43 -3.42 -24.44
N SER H 173 -30.85 -2.56 -25.36
CA SER H 173 -29.94 -1.85 -26.27
C SER H 173 -29.16 -0.70 -25.61
N GLY H 174 -29.59 -0.31 -24.40
CA GLY H 174 -28.96 0.80 -23.70
C GLY H 174 -29.66 2.13 -23.91
N LEU H 175 -30.75 2.14 -24.68
CA LEU H 175 -31.50 3.36 -24.95
C LEU H 175 -32.80 3.39 -24.16
N TYR H 176 -33.21 4.61 -23.81
CA TYR H 176 -34.38 4.80 -22.94
C TYR H 176 -35.68 4.81 -23.75
N SER H 177 -36.76 4.45 -23.08
CA SER H 177 -38.09 4.44 -23.67
C SER H 177 -39.14 4.70 -22.60
N LEU H 178 -40.13 5.51 -22.95
CA LEU H 178 -41.26 5.79 -22.06
C LEU H 178 -42.51 6.01 -22.87
N SER H 179 -43.63 6.07 -22.17
CA SER H 179 -44.93 6.31 -22.78
C SER H 179 -45.65 7.42 -22.02
N SER H 180 -46.34 8.28 -22.73
CA SER H 180 -47.15 9.32 -22.12
C SER H 180 -48.54 9.19 -22.70
N VAL H 181 -49.50 8.91 -21.84
CA VAL H 181 -50.87 8.64 -22.25
C VAL H 181 -51.82 9.68 -21.67
N VAL H 182 -53.03 9.69 -22.22
CA VAL H 182 -54.09 10.59 -21.76
C VAL H 182 -55.45 9.99 -22.07
N THR H 183 -56.35 10.05 -21.08
CA THR H 183 -57.71 9.58 -21.22
C THR H 183 -58.61 10.77 -21.50
N VAL H 184 -59.37 10.65 -22.59
CA VAL H 184 -60.27 11.72 -23.03
C VAL H 184 -61.63 11.12 -23.35
N PRO H 185 -62.70 11.95 -23.33
CA PRO H 185 -64.00 11.44 -23.73
C PRO H 185 -64.00 11.01 -25.19
N SER H 186 -64.64 9.87 -25.46
CA SER H 186 -64.68 9.30 -26.81
C SER H 186 -65.44 10.17 -27.82
N SER H 187 -66.38 10.98 -27.31
CA SER H 187 -67.15 11.88 -28.18
C SER H 187 -66.31 13.02 -28.76
N SER H 188 -65.30 13.46 -28.00
CA SER H 188 -64.41 14.55 -28.45
C SER H 188 -63.23 14.09 -29.30
N LEU H 189 -63.19 12.81 -29.68
CA LEU H 189 -62.08 12.28 -30.49
C LEU H 189 -62.02 12.90 -31.88
N GLY H 190 -63.18 13.00 -32.53
CA GLY H 190 -63.25 13.58 -33.87
C GLY H 190 -63.18 15.10 -33.93
N THR H 191 -63.46 15.76 -32.82
CA THR H 191 -63.57 17.23 -32.76
C THR H 191 -62.33 17.92 -32.17
N GLN H 192 -61.73 17.30 -31.14
CA GLN H 192 -60.55 17.84 -30.46
C GLN H 192 -59.28 17.28 -31.08
N THR H 193 -58.31 18.16 -31.31
CA THR H 193 -57.00 17.78 -31.80
C THR H 193 -56.08 17.48 -30.62
N TYR H 194 -55.29 16.39 -30.75
CA TYR H 194 -54.35 15.96 -29.71
C TYR H 194 -52.96 15.83 -30.31
N ILE H 195 -52.03 16.62 -29.79
CA ILE H 195 -50.64 16.62 -30.23
C ILE H 195 -49.76 16.61 -28.98
N CYS H 196 -48.93 15.57 -28.86
CA CYS H 196 -47.95 15.47 -27.77
C CYS H 196 -46.66 16.16 -28.19
N ASN H 197 -46.05 16.87 -27.24
CA ASN H 197 -44.83 17.62 -27.47
C ASN H 197 -43.73 16.99 -26.63
N VAL H 198 -42.71 16.45 -27.31
CA VAL H 198 -41.57 15.82 -26.65
C VAL H 198 -40.38 16.78 -26.78
N ASN H 199 -39.71 17.02 -25.66
CA ASN H 199 -38.56 17.91 -25.58
C ASN H 199 -37.39 17.17 -24.93
N HIS H 200 -36.37 16.88 -25.74
CA HIS H 200 -35.15 16.21 -25.30
C HIS H 200 -33.98 17.19 -25.32
N LYS H 201 -33.74 17.82 -24.19
CA LYS H 201 -32.73 18.87 -24.06
C LYS H 201 -31.31 18.40 -24.35
N PRO H 202 -30.91 17.21 -23.85
CA PRO H 202 -29.55 16.73 -24.12
C PRO H 202 -29.20 16.55 -25.59
N SER H 203 -30.19 16.24 -26.42
CA SER H 203 -29.99 16.16 -27.87
C SER H 203 -30.48 17.40 -28.61
N ASN H 204 -31.12 18.33 -27.91
CA ASN H 204 -31.69 19.55 -28.51
C ASN H 204 -32.76 19.24 -29.56
N THR H 205 -33.70 18.37 -29.19
CA THR H 205 -34.70 17.84 -30.11
C THR H 205 -36.09 18.14 -29.59
N LYS H 206 -36.86 18.86 -30.41
CA LYS H 206 -38.25 19.14 -30.12
C LYS H 206 -39.09 18.44 -31.20
N VAL H 207 -39.94 17.52 -30.78
CA VAL H 207 -40.77 16.74 -31.70
C VAL H 207 -42.23 16.85 -31.27
N ASP H 208 -43.09 17.17 -32.23
CA ASP H 208 -44.54 17.22 -32.01
C ASP H 208 -45.19 16.12 -32.84
N LYS H 209 -46.05 15.34 -32.21
CA LYS H 209 -46.70 14.22 -32.87
C LYS H 209 -48.21 14.26 -32.65
N LYS H 210 -48.95 14.30 -33.75
CA LYS H 210 -50.40 14.31 -33.71
C LYS H 210 -50.89 12.87 -33.59
N VAL H 211 -51.81 12.68 -32.66
CA VAL H 211 -52.38 11.38 -32.39
C VAL H 211 -53.77 11.34 -32.99
N GLU H 212 -53.95 10.46 -33.97
CA GLU H 212 -55.23 10.32 -34.67
C GLU H 212 -55.42 8.86 -35.03
N PRO H 213 -56.68 8.38 -35.05
CA PRO H 213 -56.94 7.00 -35.48
C PRO H 213 -56.63 6.77 -36.97
N LYS H 214 -56.90 5.55 -37.45
CA LYS H 214 -56.69 5.21 -38.86
C LYS H 214 -57.64 4.11 -39.34
N VAL I 2 37.80 -28.85 -1.86
CA VAL I 2 37.03 -28.35 -0.66
C VAL I 2 36.93 -26.81 -0.73
N GLN I 3 36.06 -26.33 -1.62
CA GLN I 3 35.90 -24.90 -1.85
C GLN I 3 34.42 -24.54 -1.92
N LEU I 4 34.16 -23.24 -2.00
CA LEU I 4 32.82 -22.71 -2.20
C LEU I 4 32.82 -21.85 -3.47
N VAL I 5 31.76 -21.98 -4.27
CA VAL I 5 31.65 -21.27 -5.54
C VAL I 5 30.35 -20.49 -5.51
N GLU I 6 30.43 -19.21 -5.88
CA GLU I 6 29.24 -18.36 -6.00
C GLU I 6 28.89 -18.12 -7.46
N SER I 7 27.60 -18.00 -7.73
CA SER I 7 27.11 -17.72 -9.07
C SER I 7 25.82 -16.95 -9.01
N GLY I 8 25.49 -16.30 -10.11
CA GLY I 8 24.25 -15.53 -10.24
C GLY I 8 24.40 -14.03 -10.13
N GLY I 9 25.63 -13.54 -9.89
CA GLY I 9 25.88 -12.11 -9.81
C GLY I 9 25.93 -11.44 -11.16
N GLY I 10 25.82 -10.12 -11.17
CA GLY I 10 25.90 -9.38 -12.41
C GLY I 10 25.35 -7.97 -12.28
N LEU I 11 24.64 -7.53 -13.32
CA LEU I 11 24.11 -6.18 -13.43
C LEU I 11 22.58 -6.20 -13.42
N VAL I 12 21.99 -5.36 -12.57
CA VAL I 12 20.52 -5.23 -12.46
C VAL I 12 20.10 -3.76 -12.30
N GLN I 13 18.88 -3.47 -12.73
CA GLN I 13 18.31 -2.15 -12.60
C GLN I 13 17.82 -1.96 -11.17
N PRO I 14 17.75 -0.70 -10.70
CA PRO I 14 17.19 -0.45 -9.36
C PRO I 14 15.71 -0.83 -9.28
N GLY I 15 15.36 -1.54 -8.21
CA GLY I 15 14.01 -2.08 -8.04
C GLY I 15 13.81 -3.51 -8.55
N GLY I 16 14.79 -4.04 -9.28
CA GLY I 16 14.72 -5.40 -9.81
C GLY I 16 15.03 -6.44 -8.76
N SER I 17 15.48 -7.60 -9.23
CA SER I 17 15.73 -8.73 -8.36
C SER I 17 16.88 -9.59 -8.85
N LEU I 18 17.42 -10.38 -7.95
CA LEU I 18 18.49 -11.33 -8.23
C LEU I 18 18.40 -12.50 -7.25
N ARG I 19 19.01 -13.61 -7.64
CA ARG I 19 19.13 -14.78 -6.76
C ARG I 19 20.54 -15.35 -6.85
N LEU I 20 21.36 -15.05 -5.85
CA LEU I 20 22.71 -15.59 -5.80
C LEU I 20 22.67 -17.06 -5.41
N SER I 21 23.61 -17.82 -5.95
CA SER I 21 23.70 -19.24 -5.66
C SER I 21 25.09 -19.57 -5.13
N CYS I 22 25.13 -20.43 -4.13
CA CYS I 22 26.36 -20.82 -3.45
C CYS I 22 26.48 -22.34 -3.42
N ALA I 23 27.36 -22.87 -4.26
CA ALA I 23 27.56 -24.31 -4.39
C ALA I 23 28.66 -24.77 -3.45
N ALA I 24 28.34 -25.79 -2.65
CA ALA I 24 29.31 -26.35 -1.72
C ALA I 24 29.98 -27.54 -2.38
N SER I 25 31.31 -27.58 -2.34
CA SER I 25 31.98 -28.77 -2.90
C SER I 25 32.99 -29.31 -1.90
N GLY I 26 33.04 -30.62 -1.80
CA GLY I 26 34.00 -31.33 -0.95
C GLY I 26 33.48 -31.57 0.44
N PHE I 27 32.39 -30.93 0.85
CA PHE I 27 31.80 -31.17 2.19
C PHE I 27 30.38 -30.64 2.18
N ASN I 28 29.49 -31.18 2.99
CA ASN I 28 28.09 -30.75 2.82
C ASN I 28 27.63 -29.88 3.98
N PHE I 29 26.80 -28.87 3.72
CA PHE I 29 26.32 -28.03 4.82
C PHE I 29 25.51 -28.85 5.82
N SER I 30 24.44 -29.53 5.39
CA SER I 30 23.64 -30.36 6.32
C SER I 30 23.29 -29.64 7.64
N TYR I 31 24.06 -29.90 8.69
CA TYR I 31 23.86 -29.31 10.03
C TYR I 31 24.86 -28.15 10.19
N SER I 32 24.44 -26.90 9.99
CA SER I 32 25.44 -25.87 9.80
C SER I 32 24.79 -24.53 9.61
N SER I 33 25.62 -23.50 9.69
CA SER I 33 25.16 -22.14 9.49
C SER I 33 25.80 -21.57 8.22
N ILE I 34 24.96 -21.00 7.36
CA ILE I 34 25.39 -20.43 6.09
C ILE I 34 25.16 -18.93 6.16
N HIS I 35 26.25 -18.16 6.06
CA HIS I 35 26.20 -16.70 6.15
C HIS I 35 26.44 -16.07 4.79
N TRP I 36 25.87 -14.88 4.60
CA TRP I 36 26.11 -14.07 3.40
C TRP I 36 26.68 -12.73 3.86
N VAL I 37 27.86 -12.40 3.34
CA VAL I 37 28.54 -11.16 3.68
C VAL I 37 28.91 -10.45 2.39
N ARG I 38 28.59 -9.17 2.32
CA ARG I 38 28.96 -8.32 1.18
C ARG I 38 30.03 -7.32 1.58
N GLN I 39 30.68 -6.75 0.58
CA GLN I 39 31.74 -5.78 0.79
C GLN I 39 31.77 -4.78 -0.37
N ALA I 40 31.44 -3.53 -0.08
CA ALA I 40 31.53 -2.46 -1.07
C ALA I 40 32.99 -2.24 -1.46
N PRO I 41 33.25 -1.72 -2.68
CA PRO I 41 34.63 -1.48 -3.10
C PRO I 41 35.39 -0.57 -2.15
N GLY I 42 36.46 -1.10 -1.56
CA GLY I 42 37.29 -0.36 -0.61
C GLY I 42 36.69 -0.15 0.77
N LYS I 43 35.66 -0.91 1.11
CA LYS I 43 34.96 -0.79 2.39
C LYS I 43 35.15 -2.05 3.24
N GLY I 44 34.57 -2.01 4.44
CA GLY I 44 34.61 -3.15 5.34
C GLY I 44 33.57 -4.20 5.03
N LEU I 45 33.57 -5.25 5.82
CA LEU I 45 32.63 -6.35 5.65
C LEU I 45 31.29 -6.00 6.27
N GLU I 46 30.24 -6.52 5.67
CA GLU I 46 28.88 -6.29 6.15
C GLU I 46 28.12 -7.59 6.02
N TRP I 47 27.86 -8.22 7.15
CA TRP I 47 26.99 -9.40 7.18
C TRP I 47 25.57 -8.96 6.86
N VAL I 48 24.89 -9.75 6.04
CA VAL I 48 23.53 -9.41 5.62
C VAL I 48 22.49 -10.42 6.10
N ALA I 49 22.87 -11.69 6.16
CA ALA I 49 21.95 -12.76 6.52
C ALA I 49 22.69 -14.05 6.87
N TYR I 50 22.07 -14.85 7.72
CA TYR I 50 22.46 -16.23 7.90
C TYR I 50 21.23 -17.09 8.10
N ILE I 51 21.43 -18.40 8.02
CA ILE I 51 20.37 -19.37 8.23
C ILE I 51 20.95 -20.61 8.91
N TYR I 52 20.19 -21.17 9.85
CA TYR I 52 20.54 -22.44 10.47
C TYR I 52 19.89 -23.57 9.68
N SER I 53 20.73 -24.40 9.05
CA SER I 53 20.26 -25.38 8.08
C SER I 53 19.41 -26.50 8.68
N SER I 54 19.60 -26.79 9.97
CA SER I 54 18.87 -27.88 10.60
C SER I 54 17.41 -27.51 10.89
N SER I 55 17.19 -26.29 11.39
CA SER I 55 15.86 -25.84 11.79
C SER I 55 15.19 -24.87 10.79
N GLY I 56 16.01 -24.11 10.06
CA GLY I 56 15.51 -23.14 9.09
C GLY I 56 15.34 -21.73 9.62
N TYR I 57 15.82 -21.45 10.84
CA TYR I 57 15.75 -20.10 11.41
C TYR I 57 16.61 -19.14 10.60
N THR I 58 16.10 -17.93 10.36
CA THR I 58 16.78 -16.93 9.56
C THR I 58 16.91 -15.62 10.32
N SER I 59 18.01 -14.92 10.05
CA SER I 59 18.28 -13.62 10.66
C SER I 59 18.88 -12.71 9.60
N TYR I 60 18.38 -11.47 9.51
CA TYR I 60 18.80 -10.52 8.49
C TYR I 60 19.33 -9.23 9.08
N ALA I 61 20.15 -8.53 8.31
CA ALA I 61 20.68 -7.23 8.73
C ALA I 61 19.59 -6.17 8.66
N ASP I 62 19.76 -5.11 9.44
CA ASP I 62 18.77 -4.06 9.52
C ASP I 62 18.58 -3.35 8.18
N SER I 63 19.64 -3.28 7.38
CA SER I 63 19.60 -2.62 6.07
C SER I 63 19.11 -3.52 4.94
N VAL I 64 18.54 -4.67 5.29
CA VAL I 64 18.18 -5.71 4.33
C VAL I 64 16.85 -6.38 4.68
N LYS I 65 16.52 -6.41 5.97
CA LYS I 65 15.36 -7.11 6.49
C LYS I 65 14.09 -6.71 5.76
N GLY I 66 13.32 -7.72 5.37
CA GLY I 66 12.08 -7.51 4.62
C GLY I 66 12.21 -7.61 3.10
N ARG I 67 13.40 -7.31 2.58
CA ARG I 67 13.63 -7.30 1.13
C ARG I 67 14.30 -8.58 0.63
N PHE I 68 15.27 -9.11 1.37
CA PHE I 68 15.99 -10.31 0.95
C PHE I 68 15.36 -11.55 1.59
N THR I 69 15.62 -12.70 0.97
CA THR I 69 15.14 -13.99 1.45
C THR I 69 16.21 -15.05 1.19
N ILE I 70 16.74 -15.58 2.29
CA ILE I 70 17.80 -16.60 2.24
C ILE I 70 17.18 -17.99 2.39
N SER I 71 17.72 -18.95 1.66
CA SER I 71 17.25 -20.32 1.74
C SER I 71 18.37 -21.25 1.30
N ALA I 72 18.14 -22.54 1.46
CA ALA I 72 19.09 -23.56 1.04
C ALA I 72 18.37 -24.88 0.83
N ASP I 73 18.86 -25.66 -0.12
CA ASP I 73 18.32 -26.97 -0.44
C ASP I 73 19.46 -27.97 -0.32
N THR I 74 19.44 -28.73 0.78
CA THR I 74 20.45 -29.75 1.02
C THR I 74 20.36 -30.91 0.01
N SER I 75 19.19 -31.08 -0.60
CA SER I 75 19.03 -32.06 -1.68
C SER I 75 19.94 -31.76 -2.87
N LYS I 76 20.12 -30.49 -3.18
CA LYS I 76 21.07 -30.03 -4.20
C LYS I 76 22.38 -29.47 -3.61
N ASN I 77 22.45 -29.36 -2.29
CA ASN I 77 23.65 -28.89 -1.58
C ASN I 77 24.07 -27.49 -2.03
N THR I 78 23.07 -26.61 -2.13
CA THR I 78 23.28 -25.25 -2.62
C THR I 78 22.46 -24.29 -1.78
N ALA I 79 23.08 -23.17 -1.41
CA ALA I 79 22.41 -22.08 -0.69
C ALA I 79 22.05 -20.97 -1.67
N TYR I 80 20.94 -20.28 -1.38
CA TYR I 80 20.41 -19.24 -2.26
C TYR I 80 20.06 -17.99 -1.44
N LEU I 81 20.13 -16.85 -2.12
CA LEU I 81 19.77 -15.56 -1.52
C LEU I 81 18.97 -14.73 -2.53
N GLN I 82 17.66 -14.65 -2.29
CA GLN I 82 16.76 -13.92 -3.16
C GLN I 82 16.74 -12.46 -2.75
N MET I 83 17.36 -11.62 -3.57
CA MET I 83 17.42 -10.18 -3.32
C MET I 83 16.34 -9.47 -4.13
N ASN I 84 15.33 -8.91 -3.46
CA ASN I 84 14.22 -8.18 -4.11
C ASN I 84 14.31 -6.69 -3.81
N SER I 85 13.77 -5.89 -4.72
CA SER I 85 13.76 -4.42 -4.56
C SER I 85 15.16 -3.87 -4.34
N LEU I 86 16.08 -4.25 -5.22
CA LEU I 86 17.48 -3.85 -5.10
C LEU I 86 17.63 -2.36 -5.34
N ARG I 87 18.52 -1.75 -4.58
CA ARG I 87 18.79 -0.32 -4.68
C ARG I 87 20.28 -0.11 -4.90
N ALA I 88 20.66 1.14 -5.13
CA ALA I 88 22.03 1.47 -5.55
C ALA I 88 23.08 1.04 -4.52
N GLU I 89 22.75 1.22 -3.23
CA GLU I 89 23.67 0.90 -2.12
C GLU I 89 23.90 -0.59 -1.91
N ASP I 90 23.13 -1.45 -2.58
CA ASP I 90 23.36 -2.90 -2.53
C ASP I 90 24.51 -3.37 -3.41
N THR I 91 25.11 -2.45 -4.19
CA THR I 91 26.24 -2.80 -5.04
C THR I 91 27.46 -3.13 -4.19
N ALA I 92 27.86 -4.39 -4.22
CA ALA I 92 29.04 -4.87 -3.49
C ALA I 92 29.41 -6.26 -3.99
N VAL I 93 30.58 -6.73 -3.58
CA VAL I 93 31.01 -8.10 -3.85
C VAL I 93 30.45 -8.99 -2.76
N TYR I 94 29.65 -9.98 -3.14
CA TYR I 94 28.94 -10.83 -2.19
C TYR I 94 29.69 -12.14 -1.96
N TYR I 95 30.07 -12.39 -0.71
CA TYR I 95 30.72 -13.63 -0.30
C TYR I 95 29.72 -14.58 0.38
N CYS I 96 30.03 -15.88 0.33
CA CYS I 96 29.24 -16.96 0.94
C CYS I 96 30.06 -17.58 2.09
N ALA I 97 29.44 -17.93 3.21
CA ALA I 97 30.20 -18.25 4.43
C ALA I 97 30.09 -19.66 5.00
N ARG I 98 31.21 -20.16 5.49
CA ARG I 98 31.26 -21.56 5.92
C ARG I 98 30.75 -22.04 7.27
N GLY I 99 30.94 -21.30 8.34
CA GLY I 99 30.97 -21.89 9.69
C GLY I 99 30.13 -23.10 10.16
N ASP I 100 30.85 -24.02 10.80
CA ASP I 100 30.30 -25.13 11.62
C ASP I 100 29.63 -24.61 12.83
N SER I 101 30.23 -23.57 13.37
CA SER I 101 29.67 -22.90 14.52
C SER I 101 28.49 -22.06 14.09
N TRP I 102 28.00 -21.25 15.01
CA TRP I 102 26.93 -20.33 14.68
C TRP I 102 27.42 -18.96 14.22
N TYR I 103 28.74 -18.75 14.26
CA TYR I 103 29.34 -17.45 13.91
C TYR I 103 30.73 -17.55 13.30
N ALA I 104 31.54 -18.51 13.77
CA ALA I 104 32.89 -18.74 13.25
C ALA I 104 32.84 -19.30 11.84
N MET I 105 33.13 -18.46 10.86
CA MET I 105 33.07 -18.83 9.45
C MET I 105 34.46 -19.27 8.96
N ASP I 106 34.63 -20.58 8.76
CA ASP I 106 35.94 -21.15 8.42
C ASP I 106 36.18 -21.38 6.93
N TYR I 107 35.11 -21.44 6.16
CA TYR I 107 35.13 -21.67 4.68
C TYR I 107 34.40 -20.49 3.93
N TRP I 108 35.13 -19.85 3.05
CA TRP I 108 34.59 -18.71 2.35
C TRP I 108 34.69 -18.99 0.88
N GLY I 109 33.77 -18.39 0.14
CA GLY I 109 33.82 -18.45 -1.31
C GLY I 109 34.65 -17.34 -1.90
N GLN I 110 34.85 -17.42 -3.21
CA GLN I 110 35.62 -16.40 -3.95
C GLN I 110 34.87 -15.09 -4.15
N GLY I 111 33.54 -15.15 -4.10
CA GLY I 111 32.70 -13.96 -4.16
C GLY I 111 32.31 -13.56 -5.57
N THR I 112 31.05 -13.21 -5.75
CA THR I 112 30.54 -12.70 -7.01
C THR I 112 30.14 -11.24 -6.83
N LEU I 113 30.27 -10.47 -7.91
CA LEU I 113 30.00 -9.04 -7.90
C LEU I 113 28.58 -8.75 -8.39
N VAL I 114 27.88 -7.91 -7.63
CA VAL I 114 26.51 -7.51 -7.94
C VAL I 114 26.49 -5.99 -8.05
N THR I 115 26.05 -5.49 -9.21
CA THR I 115 25.95 -4.06 -9.45
C THR I 115 24.50 -3.68 -9.69
N VAL I 116 24.03 -2.71 -8.92
CA VAL I 116 22.69 -2.15 -9.09
C VAL I 116 22.88 -0.71 -9.57
N SER I 117 22.57 -0.48 -10.85
CA SER I 117 22.74 0.84 -11.45
C SER I 117 21.79 1.00 -12.62
N SER I 118 21.54 2.26 -12.98
CA SER I 118 20.68 2.59 -14.13
C SER I 118 21.45 2.57 -15.45
N ALA I 119 22.77 2.63 -15.39
CA ALA I 119 23.60 2.59 -16.60
C ALA I 119 23.56 1.22 -17.26
N SER I 120 23.80 1.21 -18.57
CA SER I 120 23.85 -0.01 -19.34
C SER I 120 25.28 -0.34 -19.71
N THR I 121 25.50 -1.59 -20.10
CA THR I 121 26.83 -2.07 -20.44
C THR I 121 27.38 -1.22 -21.59
N LYS I 122 28.62 -0.78 -21.44
CA LYS I 122 29.27 0.05 -22.44
C LYS I 122 30.77 -0.23 -22.44
N GLY I 123 31.34 -0.32 -23.64
CA GLY I 123 32.77 -0.57 -23.80
C GLY I 123 33.60 0.63 -23.43
N PRO I 124 34.89 0.41 -23.12
CA PRO I 124 35.77 1.51 -22.75
C PRO I 124 36.30 2.30 -23.94
N SER I 125 36.61 3.56 -23.68
CA SER I 125 37.30 4.43 -24.65
C SER I 125 38.70 4.70 -24.11
N VAL I 126 39.69 4.42 -24.95
CA VAL I 126 41.09 4.51 -24.55
C VAL I 126 41.74 5.73 -25.22
N PHE I 127 42.42 6.54 -24.41
CA PHE I 127 43.15 7.71 -24.90
C PHE I 127 44.60 7.63 -24.40
N PRO I 128 45.57 8.01 -25.26
CA PRO I 128 46.97 7.87 -24.88
C PRO I 128 47.45 8.99 -23.96
N LEU I 129 48.12 8.60 -22.87
CA LEU I 129 48.80 9.53 -21.97
C LEU I 129 50.26 9.67 -22.42
N ALA I 130 50.46 10.55 -23.40
CA ALA I 130 51.74 10.65 -24.09
C ALA I 130 52.81 11.25 -23.17
N PRO I 131 54.04 10.68 -23.19
CA PRO I 131 55.14 11.27 -22.44
C PRO I 131 55.68 12.51 -23.12
N SER I 132 56.42 13.31 -22.38
CA SER I 132 56.99 14.56 -22.89
C SER I 132 58.52 14.54 -22.75
N SER I 133 59.12 15.71 -22.47
CA SER I 133 60.55 15.85 -22.26
C SER I 133 61.02 15.14 -20.98
N ALA I 136 61.12 8.99 -17.39
CA ALA I 136 59.87 9.46 -17.99
C ALA I 136 58.71 8.52 -17.68
N ALA I 137 57.49 8.99 -17.98
CA ALA I 137 56.28 8.24 -17.69
C ALA I 137 55.27 8.39 -18.81
N LEU I 138 54.51 7.32 -19.02
CA LEU I 138 53.42 7.31 -19.97
C LEU I 138 52.33 6.42 -19.42
N GLY I 139 51.20 6.39 -20.11
CA GLY I 139 50.09 5.55 -19.70
C GLY I 139 48.92 5.58 -20.66
N CYS I 140 47.83 4.95 -20.22
CA CYS I 140 46.58 4.88 -20.98
C CYS I 140 45.44 5.31 -20.09
N LEU I 141 44.48 6.02 -20.69
CA LEU I 141 43.29 6.45 -19.98
C LEU I 141 42.09 5.61 -20.44
N VAL I 142 41.68 4.68 -19.58
CA VAL I 142 40.53 3.83 -19.86
C VAL I 142 39.30 4.50 -19.24
N LYS I 143 38.54 5.20 -20.08
CA LYS I 143 37.44 6.03 -19.60
C LYS I 143 36.10 5.56 -20.15
N ASP I 144 35.05 5.78 -19.36
CA ASP I 144 33.66 5.58 -19.77
C ASP I 144 33.41 4.15 -20.20
N TYR I 145 33.49 3.25 -19.24
CA TYR I 145 33.15 1.84 -19.42
C TYR I 145 32.23 1.39 -18.31
N PHE I 146 31.49 0.33 -18.59
CA PHE I 146 30.53 -0.20 -17.62
C PHE I 146 30.12 -1.60 -18.05
N PRO I 147 30.00 -2.54 -17.07
CA PRO I 147 30.32 -2.38 -15.66
C PRO I 147 31.71 -2.88 -15.32
N GLU I 148 32.00 -3.00 -14.02
CA GLU I 148 33.23 -3.63 -13.56
C GLU I 148 33.22 -5.13 -13.88
N PRO I 149 34.41 -5.75 -14.03
CA PRO I 149 35.74 -5.14 -14.00
C PRO I 149 36.35 -5.01 -15.39
N VAL I 150 37.56 -4.48 -15.43
CA VAL I 150 38.34 -4.40 -16.66
C VAL I 150 39.80 -4.66 -16.34
N THR I 151 40.51 -5.26 -17.29
CA THR I 151 41.91 -5.63 -17.11
C THR I 151 42.77 -4.90 -18.12
N VAL I 152 43.93 -4.46 -17.67
CA VAL I 152 44.89 -3.73 -18.52
C VAL I 152 46.26 -4.39 -18.38
N SER I 153 46.87 -4.70 -19.50
CA SER I 153 48.26 -5.19 -19.54
C SER I 153 49.05 -4.32 -20.50
N TRP I 154 50.37 -4.52 -20.52
CA TRP I 154 51.27 -3.77 -21.39
C TRP I 154 52.11 -4.71 -22.25
N ASN I 155 52.02 -4.54 -23.57
CA ASN I 155 52.75 -5.34 -24.56
C ASN I 155 52.43 -6.85 -24.45
N SER I 156 51.14 -7.14 -24.31
CA SER I 156 50.62 -8.50 -24.09
C SER I 156 51.17 -9.18 -22.83
N GLY I 157 51.64 -8.38 -21.86
CA GLY I 157 52.23 -8.89 -20.63
C GLY I 157 53.74 -8.88 -20.55
N ALA I 158 54.40 -8.43 -21.62
CA ALA I 158 55.87 -8.38 -21.65
C ALA I 158 56.42 -7.30 -20.74
N LEU I 159 55.75 -6.14 -20.71
CA LEU I 159 56.16 -5.05 -19.86
C LEU I 159 55.36 -5.07 -18.55
N THR I 160 56.03 -5.39 -17.45
CA THR I 160 55.40 -5.43 -16.11
C THR I 160 56.11 -4.62 -15.04
N SER I 161 57.39 -4.34 -15.21
CA SER I 161 58.17 -3.61 -14.23
C SER I 161 57.82 -2.13 -14.29
N GLY I 162 57.34 -1.58 -13.16
CA GLY I 162 56.96 -0.18 -13.06
C GLY I 162 55.56 0.14 -13.57
N VAL I 163 54.69 -0.88 -13.64
CA VAL I 163 53.33 -0.71 -14.14
C VAL I 163 52.41 -0.49 -12.94
N HIS I 164 51.59 0.55 -13.02
CA HIS I 164 50.61 0.87 -11.99
C HIS I 164 49.23 0.96 -12.63
N THR I 165 48.38 -0.02 -12.36
CA THR I 165 47.00 -0.02 -12.82
C THR I 165 46.12 0.42 -11.66
N PHE I 166 45.62 1.66 -11.74
CA PHE I 166 44.89 2.27 -10.65
C PHE I 166 43.51 1.64 -10.48
N PRO I 167 42.97 1.69 -9.25
CA PRO I 167 41.61 1.18 -9.05
C PRO I 167 40.59 2.03 -9.77
N ALA I 168 39.47 1.42 -10.12
CA ALA I 168 38.44 2.11 -10.87
C ALA I 168 37.75 3.17 -10.02
N VAL I 169 37.31 4.24 -10.66
CA VAL I 169 36.53 5.27 -10.00
C VAL I 169 35.17 5.38 -10.70
N LEU I 170 34.15 5.71 -9.92
CA LEU I 170 32.79 5.82 -10.44
C LEU I 170 32.48 7.29 -10.65
N GLN I 171 32.30 7.67 -11.91
CA GLN I 171 31.99 9.05 -12.27
C GLN I 171 30.52 9.35 -12.00
N SER I 172 30.17 10.62 -12.10
CA SER I 172 28.78 11.04 -11.91
C SER I 172 27.85 10.52 -12.99
N SER I 173 28.39 10.26 -14.18
CA SER I 173 27.60 9.76 -15.31
C SER I 173 27.15 8.30 -15.17
N GLY I 174 27.62 7.62 -14.14
CA GLY I 174 27.32 6.21 -13.93
C GLY I 174 28.34 5.26 -14.54
N LEU I 175 29.33 5.80 -15.26
CA LEU I 175 30.35 4.99 -15.92
C LEU I 175 31.64 4.99 -15.10
N TYR I 176 32.35 3.87 -15.15
CA TYR I 176 33.63 3.72 -14.45
C TYR I 176 34.77 4.24 -15.31
N SER I 177 35.88 4.56 -14.65
CA SER I 177 37.05 5.12 -15.31
C SER I 177 38.30 4.86 -14.48
N LEU I 178 39.35 4.39 -15.14
CA LEU I 178 40.65 4.20 -14.51
C LEU I 178 41.76 4.58 -15.47
N SER I 179 42.98 4.57 -14.96
CA SER I 179 44.17 4.85 -15.75
C SER I 179 45.26 3.86 -15.39
N SER I 180 46.04 3.45 -16.37
CA SER I 180 47.16 2.56 -16.15
C SER I 180 48.38 3.23 -16.74
N VAL I 181 49.37 3.46 -15.90
CA VAL I 181 50.59 4.14 -16.30
C VAL I 181 51.75 3.19 -16.12
N VAL I 182 52.95 3.68 -16.41
CA VAL I 182 54.14 2.80 -16.35
C VAL I 182 55.35 3.70 -16.41
N THR I 183 56.44 3.34 -15.73
CA THR I 183 57.62 4.21 -15.84
C THR I 183 58.58 3.63 -16.89
N VAL I 184 59.48 4.46 -17.39
CA VAL I 184 60.52 4.06 -18.37
C VAL I 184 61.63 5.12 -18.35
N PRO I 185 62.72 4.91 -19.11
CA PRO I 185 63.84 5.84 -19.19
C PRO I 185 63.73 6.61 -20.50
N SER I 186 64.38 7.77 -20.59
CA SER I 186 64.27 8.70 -21.75
C SER I 186 64.71 8.10 -23.09
N SER I 187 65.82 7.36 -23.14
CA SER I 187 66.34 6.86 -24.43
C SER I 187 65.32 5.97 -25.13
N SER I 188 64.63 5.13 -24.38
CA SER I 188 63.71 4.14 -24.95
C SER I 188 62.63 4.83 -25.78
N LEU I 189 62.12 5.98 -25.34
CA LEU I 189 61.05 6.66 -26.10
C LEU I 189 61.59 6.87 -27.50
N GLY I 190 60.87 6.36 -28.49
CA GLY I 190 61.36 6.46 -29.87
C GLY I 190 62.17 5.25 -30.27
N THR I 191 62.61 4.40 -29.34
CA THR I 191 63.31 3.18 -29.85
C THR I 191 62.47 1.93 -29.61
N GLN I 192 61.52 1.96 -28.69
CA GLN I 192 60.69 0.76 -28.46
C GLN I 192 59.21 1.19 -28.43
N THR I 193 58.28 0.31 -28.78
CA THR I 193 56.86 0.72 -28.77
C THR I 193 56.23 0.31 -27.45
N TYR I 194 55.13 0.97 -27.09
CA TYR I 194 54.33 0.70 -25.88
C TYR I 194 52.86 0.68 -26.23
N ILE I 195 52.22 -0.46 -25.96
CA ILE I 195 50.82 -0.68 -26.29
C ILE I 195 50.15 -1.28 -25.06
N CYS I 196 49.11 -0.62 -24.57
CA CYS I 196 48.31 -1.15 -23.47
C CYS I 196 47.14 -1.98 -24.04
N ASN I 197 46.85 -3.10 -23.37
CA ASN I 197 45.83 -4.05 -23.82
C ASN I 197 44.67 -4.03 -22.82
N VAL I 198 43.51 -3.56 -23.28
CA VAL I 198 42.32 -3.46 -22.44
C VAL I 198 41.36 -4.59 -22.83
N ASN I 199 40.87 -5.31 -21.82
CA ASN I 199 39.95 -6.44 -22.02
C ASN I 199 38.75 -6.29 -21.08
N HIS I 200 37.58 -6.02 -21.67
CA HIS I 200 36.32 -5.89 -20.94
C HIS I 200 35.40 -7.04 -21.30
N LYS I 201 35.41 -8.09 -20.47
CA LYS I 201 34.60 -9.29 -20.73
C LYS I 201 33.07 -9.10 -20.75
N PRO I 202 32.51 -8.25 -19.85
CA PRO I 202 31.06 -8.03 -19.93
C PRO I 202 30.54 -7.45 -21.26
N SER I 203 31.36 -6.68 -21.96
CA SER I 203 30.99 -6.12 -23.26
C SER I 203 31.67 -6.80 -24.46
N ASN I 204 32.52 -7.79 -24.20
CA ASN I 204 33.28 -8.47 -25.25
C ASN I 204 34.07 -7.48 -26.11
N THR I 205 34.78 -6.59 -25.44
CA THR I 205 35.52 -5.52 -26.11
C THR I 205 36.97 -5.58 -25.72
N LYS I 206 37.83 -5.85 -26.70
CA LYS I 206 39.28 -5.84 -26.51
C LYS I 206 39.88 -4.79 -27.42
N VAL I 207 40.54 -3.80 -26.82
CA VAL I 207 41.12 -2.68 -27.56
C VAL I 207 42.59 -2.53 -27.14
N ASP I 208 43.46 -2.40 -28.15
CA ASP I 208 44.88 -2.11 -27.94
C ASP I 208 45.18 -0.74 -28.52
N LYS I 209 45.87 0.09 -27.73
CA LYS I 209 46.21 1.47 -28.11
C LYS I 209 47.69 1.74 -27.90
N LYS I 210 48.36 2.17 -28.96
CA LYS I 210 49.77 2.52 -28.90
C LYS I 210 49.93 3.92 -28.33
N VAL I 211 50.85 4.05 -27.38
CA VAL I 211 51.13 5.33 -26.75
C VAL I 211 52.44 5.86 -27.32
N GLU I 212 52.34 7.00 -27.99
CA GLU I 212 53.49 7.64 -28.64
C GLU I 212 53.38 9.16 -28.48
N PRO I 213 54.52 9.84 -28.28
CA PRO I 213 54.54 11.32 -28.19
C PRO I 213 54.06 12.02 -29.48
N VAL J 2 -20.56 -41.85 -12.28
CA VAL J 2 -20.25 -40.69 -13.17
C VAL J 2 -20.87 -39.43 -12.58
N GLN J 3 -20.28 -38.95 -11.49
CA GLN J 3 -20.78 -37.80 -10.75
C GLN J 3 -19.65 -36.85 -10.39
N LEU J 4 -20.01 -35.72 -9.82
CA LEU J 4 -19.07 -34.71 -9.31
C LEU J 4 -19.36 -34.45 -7.83
N VAL J 5 -18.30 -34.35 -7.03
CA VAL J 5 -18.42 -34.16 -5.58
C VAL J 5 -17.61 -32.93 -5.16
N GLU J 6 -18.26 -32.01 -4.46
CA GLU J 6 -17.62 -30.81 -3.89
C GLU J 6 -17.40 -30.97 -2.39
N SER J 7 -16.26 -30.47 -1.92
CA SER J 7 -15.90 -30.53 -0.51
C SER J 7 -15.10 -29.31 -0.12
N GLY J 8 -15.03 -29.06 1.18
CA GLY J 8 -14.27 -27.93 1.73
C GLY J 8 -15.09 -26.71 2.13
N GLY J 9 -16.42 -26.77 1.95
CA GLY J 9 -17.28 -25.66 2.29
C GLY J 9 -17.61 -25.65 3.77
N GLY J 10 -18.13 -24.52 4.24
CA GLY J 10 -18.51 -24.40 5.63
C GLY J 10 -18.64 -22.96 6.10
N LEU J 11 -18.10 -22.68 7.29
CA LEU J 11 -18.21 -21.39 7.95
C LEU J 11 -16.83 -20.76 8.13
N VAL J 12 -16.69 -19.51 7.70
CA VAL J 12 -15.46 -18.75 7.87
C VAL J 12 -15.77 -17.29 8.19
N GLN J 13 -14.86 -16.66 8.92
CA GLN J 13 -15.02 -15.26 9.30
C GLN J 13 -14.68 -14.34 8.12
N PRO J 14 -15.22 -13.09 8.14
CA PRO J 14 -14.89 -12.15 7.07
C PRO J 14 -13.41 -11.82 7.06
N GLY J 15 -12.84 -11.77 5.86
CA GLY J 15 -11.41 -11.58 5.68
C GLY J 15 -10.59 -12.85 5.59
N GLY J 16 -11.18 -13.98 6.00
CA GLY J 16 -10.50 -15.28 5.96
C GLY J 16 -10.41 -15.86 4.55
N SER J 17 -10.31 -17.18 4.49
CA SER J 17 -10.16 -17.86 3.22
C SER J 17 -10.73 -19.26 3.27
N LEU J 18 -10.93 -19.82 2.08
CA LEU J 18 -11.38 -21.19 1.92
C LEU J 18 -10.82 -21.78 0.64
N ARG J 19 -10.81 -23.11 0.57
CA ARG J 19 -10.37 -23.82 -0.62
C ARG J 19 -11.35 -24.96 -0.91
N LEU J 20 -12.25 -24.71 -1.85
CA LEU J 20 -13.20 -25.73 -2.28
C LEU J 20 -12.54 -26.69 -3.25
N SER J 21 -12.87 -27.96 -3.13
CA SER J 21 -12.32 -28.99 -3.98
C SER J 21 -13.45 -29.67 -4.74
N CYS J 22 -13.17 -30.07 -5.98
CA CYS J 22 -14.13 -30.72 -6.83
C CYS J 22 -13.51 -32.00 -7.38
N ALA J 23 -14.00 -33.14 -6.91
CA ALA J 23 -13.49 -34.46 -7.33
C ALA J 23 -14.34 -35.04 -8.45
N ALA J 24 -13.70 -35.42 -9.55
CA ALA J 24 -14.38 -35.99 -10.71
C ALA J 24 -14.43 -37.52 -10.55
N SER J 25 -15.63 -38.07 -10.57
CA SER J 25 -15.86 -39.51 -10.44
C SER J 25 -16.52 -40.04 -11.69
N GLY J 26 -16.11 -41.24 -12.10
CA GLY J 26 -16.67 -41.92 -13.28
C GLY J 26 -16.04 -41.54 -14.60
N PHE J 27 -15.51 -40.32 -14.69
CA PHE J 27 -14.75 -39.86 -15.86
C PHE J 27 -13.60 -38.87 -15.41
N ASN J 28 -12.56 -38.81 -16.24
CA ASN J 28 -11.27 -38.11 -15.97
C ASN J 28 -11.30 -36.57 -16.14
N PHE J 29 -10.48 -35.87 -15.35
CA PHE J 29 -10.36 -34.38 -15.45
C PHE J 29 -9.59 -34.08 -16.74
N SER J 30 -9.76 -32.85 -17.18
CA SER J 30 -9.08 -32.24 -18.34
C SER J 30 -9.55 -32.60 -19.72
N TYR J 31 -8.96 -31.85 -20.67
CA TYR J 31 -9.39 -31.78 -22.06
C TYR J 31 -10.81 -31.34 -22.00
N SER J 32 -11.00 -30.22 -21.29
CA SER J 32 -12.30 -29.82 -20.84
C SER J 32 -12.22 -28.51 -20.11
N SER J 33 -13.39 -27.96 -19.86
CA SER J 33 -13.53 -26.71 -19.15
C SER J 33 -14.22 -27.01 -17.83
N ILE J 34 -13.71 -26.40 -16.75
CA ILE J 34 -14.22 -26.60 -15.40
C ILE J 34 -14.64 -25.26 -14.87
N HIS J 35 -15.93 -25.13 -14.59
CA HIS J 35 -16.53 -23.86 -14.16
C HIS J 35 -16.86 -23.92 -12.67
N TRP J 36 -16.93 -22.74 -12.06
CA TRP J 36 -17.44 -22.59 -10.71
C TRP J 36 -18.57 -21.59 -10.76
N VAL J 37 -19.74 -21.99 -10.28
CA VAL J 37 -20.93 -21.12 -10.28
C VAL J 37 -21.55 -21.20 -8.89
N ARG J 38 -21.88 -20.03 -8.35
CA ARG J 38 -22.53 -19.93 -7.04
C ARG J 38 -23.97 -19.46 -7.20
N GLN J 39 -24.73 -19.62 -6.14
CA GLN J 39 -26.13 -19.20 -6.10
C GLN J 39 -26.52 -18.80 -4.70
N ALA J 40 -26.77 -17.50 -4.50
CA ALA J 40 -27.22 -17.00 -3.21
C ALA J 40 -28.59 -17.59 -2.85
N PRO J 41 -28.91 -17.70 -1.56
CA PRO J 41 -30.20 -18.26 -1.15
C PRO J 41 -31.39 -17.49 -1.74
N GLY J 42 -32.18 -18.19 -2.55
CA GLY J 42 -33.33 -17.59 -3.21
C GLY J 42 -33.01 -16.64 -4.35
N LYS J 43 -31.79 -16.70 -4.88
CA LYS J 43 -31.35 -15.83 -5.98
C LYS J 43 -30.98 -16.66 -7.19
N GLY J 44 -30.61 -15.97 -8.27
CA GLY J 44 -30.22 -16.62 -9.51
C GLY J 44 -28.79 -17.11 -9.51
N LEU J 45 -28.39 -17.71 -10.64
CA LEU J 45 -27.06 -18.26 -10.80
C LEU J 45 -26.06 -17.15 -11.11
N GLU J 46 -24.87 -17.27 -10.52
CA GLU J 46 -23.77 -16.33 -10.73
C GLU J 46 -22.49 -17.11 -10.97
N TRP J 47 -22.05 -17.12 -12.23
CA TRP J 47 -20.78 -17.71 -12.58
C TRP J 47 -19.68 -16.86 -11.98
N VAL J 48 -18.67 -17.52 -11.43
CA VAL J 48 -17.56 -16.82 -10.77
C VAL J 48 -16.21 -17.05 -11.47
N ALA J 49 -16.01 -18.24 -12.02
CA ALA J 49 -14.73 -18.61 -12.60
C ALA J 49 -14.83 -19.87 -13.43
N TYR J 50 -13.95 -19.97 -14.42
CA TYR J 50 -13.72 -21.23 -15.12
C TYR J 50 -12.25 -21.34 -15.45
N ILE J 51 -11.87 -22.56 -15.84
CA ILE J 51 -10.50 -22.84 -16.28
C ILE J 51 -10.52 -23.89 -17.37
N TYR J 52 -9.70 -23.68 -18.41
CA TYR J 52 -9.49 -24.67 -19.46
C TYR J 52 -8.41 -25.62 -18.99
N SER J 53 -8.80 -26.86 -18.70
CA SER J 53 -7.88 -27.80 -18.10
C SER J 53 -6.74 -28.24 -19.01
N SER J 54 -6.94 -28.15 -20.33
CA SER J 54 -5.92 -28.56 -21.28
C SER J 54 -4.71 -27.62 -21.29
N SER J 55 -4.98 -26.31 -21.31
CA SER J 55 -3.93 -25.29 -21.34
C SER J 55 -3.70 -24.55 -20.02
N GLY J 56 -4.70 -24.52 -19.15
CA GLY J 56 -4.62 -23.82 -17.87
C GLY J 56 -5.11 -22.38 -17.87
N TYR J 57 -5.71 -21.94 -18.98
CA TYR J 57 -6.24 -20.56 -19.09
C TYR J 57 -7.36 -20.33 -18.09
N THR J 58 -7.35 -19.17 -17.44
CA THR J 58 -8.29 -18.85 -16.38
C THR J 58 -9.02 -17.55 -16.68
N SER J 59 -10.27 -17.48 -16.24
CA SER J 59 -11.09 -16.30 -16.37
C SER J 59 -11.95 -16.18 -15.12
N TYR J 60 -12.07 -14.95 -14.61
CA TYR J 60 -12.87 -14.66 -13.44
C TYR J 60 -13.87 -13.53 -13.69
N ALA J 61 -14.95 -13.52 -12.91
CA ALA J 61 -15.93 -12.43 -12.96
C ALA J 61 -15.37 -11.21 -12.25
N ASP J 62 -15.84 -10.03 -12.64
CA ASP J 62 -15.35 -8.76 -12.08
C ASP J 62 -15.66 -8.60 -10.58
N SER J 63 -16.74 -9.20 -10.12
CA SER J 63 -17.11 -9.19 -8.69
C SER J 63 -16.31 -10.19 -7.84
N VAL J 64 -15.29 -10.79 -8.42
CA VAL J 64 -14.49 -11.86 -7.82
C VAL J 64 -13.01 -11.70 -8.16
N LYS J 65 -12.72 -11.11 -9.33
CA LYS J 65 -11.38 -10.97 -9.87
C LYS J 65 -10.46 -10.29 -8.88
N GLY J 66 -9.26 -10.86 -8.75
CA GLY J 66 -8.26 -10.41 -7.78
C GLY J 66 -8.26 -11.18 -6.46
N ARG J 67 -9.42 -11.71 -6.07
CA ARG J 67 -9.57 -12.38 -4.78
C ARG J 67 -9.51 -13.90 -4.88
N PHE J 68 -10.15 -14.46 -5.91
CA PHE J 68 -10.22 -15.91 -6.06
C PHE J 68 -9.15 -16.41 -7.04
N THR J 69 -8.81 -17.70 -6.90
CA THR J 69 -7.84 -18.35 -7.77
C THR J 69 -8.29 -19.78 -8.04
N ILE J 70 -8.54 -20.05 -9.31
CA ILE J 70 -9.02 -21.37 -9.75
C ILE J 70 -7.83 -22.14 -10.30
N SER J 71 -7.84 -23.44 -10.08
CA SER J 71 -6.81 -24.31 -10.62
C SER J 71 -7.35 -25.72 -10.74
N ALA J 72 -6.54 -26.59 -11.30
CA ALA J 72 -6.89 -27.99 -11.44
C ALA J 72 -5.65 -28.86 -11.48
N ASP J 73 -5.79 -30.08 -10.99
CA ASP J 73 -4.72 -31.06 -11.01
C ASP J 73 -5.23 -32.33 -11.69
N THR J 74 -4.88 -32.48 -12.96
CA THR J 74 -5.22 -33.68 -13.70
C THR J 74 -4.51 -34.93 -13.20
N SER J 75 -3.38 -34.75 -12.52
CA SER J 75 -2.67 -35.87 -11.90
C SER J 75 -3.51 -36.55 -10.82
N LYS J 76 -4.21 -35.75 -10.03
CA LYS J 76 -5.16 -36.25 -9.02
C LYS J 76 -6.62 -36.17 -9.44
N ASN J 77 -6.88 -35.58 -10.61
CA ASN J 77 -8.24 -35.46 -11.15
C ASN J 77 -9.16 -34.67 -10.20
N THR J 78 -8.61 -33.57 -9.67
CA THR J 78 -9.32 -32.75 -8.68
C THR J 78 -9.08 -31.28 -9.00
N ALA J 79 -10.18 -30.50 -9.05
CA ALA J 79 -10.11 -29.06 -9.24
C ALA J 79 -10.18 -28.35 -7.91
N TYR J 80 -9.59 -27.15 -7.87
CA TYR J 80 -9.54 -26.35 -6.67
C TYR J 80 -9.96 -24.91 -6.98
N LEU J 81 -10.51 -24.25 -5.96
CA LEU J 81 -10.87 -22.84 -6.02
C LEU J 81 -10.48 -22.16 -4.71
N GLN J 82 -9.38 -21.42 -4.74
CA GLN J 82 -8.86 -20.73 -3.57
C GLN J 82 -9.55 -19.38 -3.48
N MET J 83 -10.39 -19.23 -2.45
CA MET J 83 -11.13 -17.99 -2.21
C MET J 83 -10.49 -17.22 -1.05
N ASN J 84 -9.88 -16.08 -1.35
CA ASN J 84 -9.20 -15.22 -0.36
C ASN J 84 -9.97 -13.92 -0.19
N SER J 85 -9.88 -13.33 0.99
CA SER J 85 -10.54 -12.06 1.32
C SER J 85 -12.06 -12.13 1.09
N LEU J 86 -12.67 -13.19 1.63
CA LEU J 86 -14.10 -13.41 1.46
C LEU J 86 -14.90 -12.29 2.12
N ARG J 87 -16.03 -11.96 1.50
CA ARG J 87 -16.90 -10.91 2.01
C ARG J 87 -18.26 -11.50 2.34
N ALA J 88 -19.12 -10.69 2.93
CA ALA J 88 -20.45 -11.12 3.36
C ALA J 88 -21.34 -11.53 2.20
N GLU J 89 -21.27 -10.76 1.11
CA GLU J 89 -22.07 -11.04 -0.11
C GLU J 89 -21.62 -12.29 -0.89
N ASP J 90 -20.48 -12.87 -0.53
CA ASP J 90 -20.01 -14.13 -1.13
C ASP J 90 -20.69 -15.39 -0.58
N THR J 91 -21.55 -15.23 0.43
CA THR J 91 -22.28 -16.35 0.99
C THR J 91 -23.28 -16.87 -0.03
N ALA J 92 -23.06 -18.11 -0.47
CA ALA J 92 -23.91 -18.76 -1.46
C ALA J 92 -23.60 -20.25 -1.51
N VAL J 93 -24.44 -20.99 -2.21
CA VAL J 93 -24.21 -22.41 -2.47
C VAL J 93 -23.34 -22.49 -3.72
N TYR J 94 -22.17 -23.10 -3.59
CA TYR J 94 -21.19 -23.16 -4.67
C TYR J 94 -21.26 -24.49 -5.41
N TYR J 95 -21.59 -24.42 -6.70
CA TYR J 95 -21.64 -25.58 -7.56
C TYR J 95 -20.36 -25.67 -8.38
N CYS J 96 -20.03 -26.91 -8.75
CA CYS J 96 -18.92 -27.25 -9.61
C CYS J 96 -19.50 -27.87 -10.86
N ALA J 97 -19.21 -27.28 -12.01
CA ALA J 97 -19.76 -27.76 -13.25
C ALA J 97 -18.64 -27.96 -14.23
N ARG J 98 -18.90 -28.92 -15.13
CA ARG J 98 -17.88 -29.31 -16.12
C ARG J 98 -18.45 -29.15 -17.52
N GLY J 99 -17.58 -28.81 -18.45
CA GLY J 99 -18.03 -28.64 -19.83
C GLY J 99 -17.14 -29.37 -20.79
N ASP J 100 -17.75 -30.26 -21.58
CA ASP J 100 -17.06 -30.84 -22.71
C ASP J 100 -16.79 -29.71 -23.69
N SER J 101 -17.77 -28.84 -23.85
CA SER J 101 -17.57 -27.63 -24.63
C SER J 101 -16.90 -26.57 -23.73
N TRP J 102 -16.83 -25.33 -24.21
CA TRP J 102 -16.20 -24.24 -23.45
C TRP J 102 -17.20 -23.45 -22.61
N TYR J 103 -18.47 -23.82 -22.65
CA TYR J 103 -19.53 -23.06 -22.00
C TYR J 103 -20.70 -23.93 -21.56
N ALA J 104 -21.08 -24.91 -22.39
CA ALA J 104 -22.19 -25.80 -22.10
C ALA J 104 -21.82 -26.74 -20.96
N MET J 105 -22.38 -26.47 -19.79
CA MET J 105 -22.11 -27.24 -18.59
C MET J 105 -23.17 -28.33 -18.49
N ASP J 106 -22.77 -29.58 -18.69
CA ASP J 106 -23.69 -30.72 -18.68
C ASP J 106 -23.66 -31.56 -17.39
N TYR J 107 -22.56 -31.50 -16.64
CA TYR J 107 -22.45 -32.22 -15.37
C TYR J 107 -22.24 -31.22 -14.22
N TRP J 108 -23.13 -31.25 -13.24
CA TRP J 108 -23.07 -30.35 -12.08
C TRP J 108 -22.95 -31.18 -10.82
N GLY J 109 -22.35 -30.59 -9.81
CA GLY J 109 -22.29 -31.21 -8.50
C GLY J 109 -23.54 -30.91 -7.69
N GLN J 110 -23.62 -31.49 -6.51
CA GLN J 110 -24.70 -31.23 -5.56
C GLN J 110 -24.63 -29.84 -4.92
N GLY J 111 -23.43 -29.25 -4.87
CA GLY J 111 -23.23 -27.92 -4.32
C GLY J 111 -22.93 -27.96 -2.85
N THR J 112 -21.96 -27.14 -2.44
CA THR J 112 -21.57 -27.02 -1.03
C THR J 112 -21.91 -25.62 -0.55
N LEU J 113 -22.19 -25.51 0.75
CA LEU J 113 -22.62 -24.27 1.37
C LEU J 113 -21.44 -23.51 2.00
N VAL J 114 -21.28 -22.25 1.60
CA VAL J 114 -20.22 -21.38 2.10
C VAL J 114 -20.87 -20.16 2.72
N THR J 115 -20.64 -19.96 4.01
CA THR J 115 -21.15 -18.80 4.76
C THR J 115 -19.98 -17.97 5.29
N VAL J 116 -20.00 -16.68 4.95
CA VAL J 116 -19.02 -15.71 5.42
C VAL J 116 -19.72 -14.76 6.38
N SER J 117 -19.46 -14.93 7.67
CA SER J 117 -20.09 -14.12 8.70
C SER J 117 -19.24 -14.13 9.96
N SER J 118 -19.44 -13.12 10.79
CA SER J 118 -18.68 -12.98 12.03
C SER J 118 -19.21 -13.86 13.16
N ALA J 119 -20.44 -14.35 13.01
CA ALA J 119 -21.05 -15.21 14.03
C ALA J 119 -20.36 -16.58 14.11
N SER J 120 -20.46 -17.18 15.28
CA SER J 120 -19.94 -18.52 15.52
C SER J 120 -21.07 -19.52 15.57
N THR J 121 -20.72 -20.78 15.45
CA THR J 121 -21.71 -21.84 15.41
C THR J 121 -22.50 -21.83 16.71
N LYS J 122 -23.82 -21.84 16.59
CA LYS J 122 -24.69 -21.83 17.75
C LYS J 122 -25.96 -22.64 17.49
N GLY J 123 -26.37 -23.37 18.52
CA GLY J 123 -27.54 -24.24 18.44
C GLY J 123 -28.85 -23.48 18.47
N PRO J 124 -29.91 -24.07 17.91
CA PRO J 124 -31.21 -23.42 17.88
C PRO J 124 -31.95 -23.49 19.22
N SER J 125 -32.86 -22.53 19.41
CA SER J 125 -33.81 -22.53 20.50
C SER J 125 -35.19 -22.66 19.91
N VAL J 126 -35.96 -23.64 20.40
CA VAL J 126 -37.27 -23.96 19.84
C VAL J 126 -38.35 -23.53 20.82
N PHE J 127 -39.39 -22.89 20.29
CA PHE J 127 -40.53 -22.43 21.07
C PHE J 127 -41.82 -22.93 20.41
N PRO J 128 -42.79 -23.39 21.23
CA PRO J 128 -44.03 -23.93 20.67
C PRO J 128 -45.03 -22.85 20.28
N LEU J 129 -45.66 -23.03 19.13
CA LEU J 129 -46.74 -22.16 18.68
C LEU J 129 -48.03 -22.93 18.95
N ALA J 130 -48.57 -22.72 20.14
CA ALA J 130 -49.71 -23.49 20.62
C ALA J 130 -51.01 -23.02 19.97
N PRO J 131 -51.85 -23.96 19.52
CA PRO J 131 -53.16 -23.60 18.96
C PRO J 131 -54.17 -23.28 20.04
N SER J 132 -55.23 -22.57 19.66
CA SER J 132 -56.29 -22.19 20.59
C SER J 132 -57.65 -22.59 20.02
N ALA J 136 -57.65 -26.44 13.07
CA ALA J 136 -56.67 -25.67 13.85
C ALA J 136 -55.27 -25.85 13.30
N ALA J 137 -54.35 -24.99 13.77
CA ALA J 137 -52.96 -25.01 13.31
C ALA J 137 -52.00 -24.78 14.46
N LEU J 138 -50.86 -25.45 14.39
CA LEU J 138 -49.81 -25.30 15.38
C LEU J 138 -48.47 -25.35 14.67
N GLY J 139 -47.41 -25.07 15.41
CA GLY J 139 -46.08 -25.08 14.87
C GLY J 139 -45.00 -24.89 15.90
N CYS J 140 -43.77 -24.74 15.41
CA CYS J 140 -42.60 -24.51 16.24
C CYS J 140 -41.79 -23.34 15.68
N LEU J 141 -41.20 -22.55 16.57
CA LEU J 141 -40.36 -21.42 16.18
C LEU J 141 -38.90 -21.77 16.47
N VAL J 142 -38.14 -22.05 15.41
CA VAL J 142 -36.73 -22.32 15.52
C VAL J 142 -35.98 -21.00 15.34
N LYS J 143 -35.50 -20.44 16.46
CA LYS J 143 -34.89 -19.11 16.47
C LYS J 143 -33.44 -19.19 16.92
N ASP J 144 -32.63 -18.28 16.39
CA ASP J 144 -31.26 -18.05 16.83
C ASP J 144 -30.41 -19.32 16.70
N TYR J 145 -30.19 -19.71 15.46
CA TYR J 145 -29.27 -20.79 15.16
C TYR J 145 -28.35 -20.34 14.04
N PHE J 146 -27.17 -20.95 14.01
CA PHE J 146 -26.15 -20.60 13.03
C PHE J 146 -25.11 -21.72 12.95
N PRO J 147 -24.66 -22.08 11.73
CA PRO J 147 -25.15 -21.59 10.44
C PRO J 147 -26.18 -22.52 9.81
N GLU J 148 -26.48 -22.28 8.54
CA GLU J 148 -27.34 -23.17 7.77
C GLU J 148 -26.64 -24.51 7.54
N PRO J 149 -27.43 -25.58 7.31
CA PRO J 149 -28.88 -25.66 7.35
C PRO J 149 -29.42 -26.34 8.62
N VAL J 150 -30.73 -26.48 8.68
CA VAL J 150 -31.39 -27.23 9.73
C VAL J 150 -32.59 -27.96 9.15
N THR J 151 -32.90 -29.13 9.70
CA THR J 151 -33.98 -29.98 9.20
C THR J 151 -35.05 -30.15 10.26
N VAL J 152 -36.31 -30.16 9.82
CA VAL J 152 -37.46 -30.24 10.72
C VAL J 152 -38.32 -31.43 10.35
N SER J 153 -38.62 -32.27 11.34
CA SER J 153 -39.54 -33.39 11.19
C SER J 153 -40.63 -33.28 12.24
N TRP J 154 -41.69 -34.05 12.05
CA TRP J 154 -42.83 -34.07 12.97
C TRP J 154 -43.13 -35.49 13.41
N ASN J 155 -43.11 -35.72 14.73
CA ASN J 155 -43.38 -37.04 15.33
C ASN J 155 -42.44 -38.12 14.78
N SER J 156 -41.14 -37.79 14.77
CA SER J 156 -40.07 -38.63 14.21
C SER J 156 -40.29 -39.03 12.74
N GLY J 157 -41.07 -38.22 12.02
CA GLY J 157 -41.42 -38.49 10.63
C GLY J 157 -42.81 -39.07 10.38
N ALA J 158 -43.58 -39.32 11.44
CA ALA J 158 -44.92 -39.88 11.31
C ALA J 158 -45.91 -38.89 10.67
N LEU J 159 -45.81 -37.62 11.05
CA LEU J 159 -46.70 -36.58 10.53
C LEU J 159 -46.06 -35.85 9.37
N THR J 160 -46.60 -36.08 8.18
CA THR J 160 -46.12 -35.40 6.95
C THR J 160 -47.21 -34.68 6.15
N SER J 161 -48.47 -35.10 6.30
CA SER J 161 -49.58 -34.48 5.60
C SER J 161 -49.94 -33.15 6.27
N GLY J 162 -49.85 -32.07 5.50
CA GLY J 162 -50.18 -30.72 6.00
C GLY J 162 -49.05 -30.00 6.72
N VAL J 163 -47.82 -30.47 6.51
CA VAL J 163 -46.63 -29.89 7.14
C VAL J 163 -46.05 -28.84 6.19
N HIS J 164 -45.82 -27.64 6.72
CA HIS J 164 -45.19 -26.56 5.98
C HIS J 164 -43.96 -26.07 6.74
N THR J 165 -42.78 -26.44 6.26
CA THR J 165 -41.52 -25.98 6.82
C THR J 165 -41.06 -24.79 6.01
N PHE J 166 -41.12 -23.60 6.62
CA PHE J 166 -40.79 -22.36 5.93
C PHE J 166 -39.28 -22.23 5.73
N PRO J 167 -38.86 -21.55 4.66
CA PRO J 167 -37.43 -21.30 4.47
C PRO J 167 -36.86 -20.43 5.55
N ALA J 168 -35.57 -20.60 5.81
CA ALA J 168 -34.89 -19.86 6.87
C ALA J 168 -34.80 -18.38 6.53
N VAL J 169 -34.78 -17.57 7.58
CA VAL J 169 -34.69 -16.12 7.45
C VAL J 169 -33.48 -15.66 8.26
N LEU J 170 -32.74 -14.70 7.71
CA LEU J 170 -31.54 -14.17 8.34
C LEU J 170 -31.90 -12.92 9.13
N GLN J 171 -31.78 -13.00 10.45
CA GLN J 171 -32.05 -11.85 11.32
C GLN J 171 -30.89 -10.88 11.31
N SER J 172 -31.10 -9.74 11.94
CA SER J 172 -30.07 -8.71 12.04
C SER J 172 -28.90 -9.12 12.92
N SER J 173 -29.14 -10.02 13.86
CA SER J 173 -28.10 -10.51 14.76
C SER J 173 -27.07 -11.41 14.10
N GLY J 174 -27.31 -11.81 12.84
CA GLY J 174 -26.44 -12.74 12.12
C GLY J 174 -26.87 -14.19 12.22
N LEU J 175 -27.91 -14.48 13.00
CA LEU J 175 -28.39 -15.83 13.23
C LEU J 175 -29.60 -16.11 12.37
N TYR J 176 -29.75 -17.36 11.95
CA TYR J 176 -30.88 -17.77 11.13
C TYR J 176 -32.08 -18.14 12.00
N SER J 177 -33.25 -18.13 11.38
CA SER J 177 -34.50 -18.46 12.06
C SER J 177 -35.57 -18.88 11.04
N LEU J 178 -36.30 -19.93 11.39
CA LEU J 178 -37.42 -20.39 10.58
C LEU J 178 -38.53 -20.89 11.47
N SER J 179 -39.68 -21.18 10.85
CA SER J 179 -40.82 -21.75 11.54
C SER J 179 -41.38 -22.90 10.73
N SER J 180 -41.87 -23.94 11.41
CA SER J 180 -42.49 -25.08 10.78
C SER J 180 -43.83 -25.29 11.45
N VAL J 181 -44.89 -25.26 10.64
CA VAL J 181 -46.26 -25.38 11.14
C VAL J 181 -46.91 -26.61 10.52
N VAL J 182 -48.09 -26.94 11.03
CA VAL J 182 -48.87 -28.06 10.52
C VAL J 182 -50.33 -27.88 10.87
N THR J 183 -51.20 -28.17 9.90
CA THR J 183 -52.64 -28.04 10.07
C THR J 183 -53.25 -29.38 10.39
N VAL J 184 -54.01 -29.43 11.49
CA VAL J 184 -54.62 -30.65 11.99
C VAL J 184 -56.08 -30.36 12.32
N PRO J 185 -56.91 -31.41 12.39
CA PRO J 185 -58.29 -31.19 12.82
C PRO J 185 -58.37 -30.64 14.25
N SER J 186 -59.30 -29.72 14.45
CA SER J 186 -59.44 -29.02 15.73
C SER J 186 -59.90 -29.92 16.86
N SER J 187 -60.60 -31.01 16.52
CA SER J 187 -61.10 -31.94 17.54
C SER J 187 -60.00 -32.80 18.15
N SER J 188 -58.90 -33.01 17.42
CA SER J 188 -57.78 -33.83 17.90
C SER J 188 -56.73 -33.05 18.69
N LEU J 189 -57.00 -31.78 19.03
CA LEU J 189 -56.04 -30.95 19.75
C LEU J 189 -55.70 -31.48 21.13
N GLY J 190 -56.72 -31.85 21.89
CA GLY J 190 -56.53 -32.39 23.24
C GLY J 190 -56.12 -33.85 23.30
N THR J 191 -56.34 -34.59 22.21
CA THR J 191 -56.13 -36.04 22.20
C THR J 191 -54.82 -36.45 21.51
N GLN J 192 -54.49 -35.77 20.41
CA GLN J 192 -53.31 -36.11 19.63
C GLN J 192 -52.07 -35.36 20.13
N THR J 193 -50.97 -36.07 20.23
CA THR J 193 -49.69 -35.50 20.65
C THR J 193 -48.88 -35.09 19.42
N TYR J 194 -48.25 -33.93 19.51
CA TYR J 194 -47.47 -33.38 18.40
C TYR J 194 -46.11 -32.94 18.93
N ILE J 195 -45.06 -33.44 18.29
CA ILE J 195 -43.69 -33.10 18.65
C ILE J 195 -42.93 -32.78 17.37
N CYS J 196 -42.35 -31.58 17.33
CA CYS J 196 -41.50 -31.17 16.22
C CYS J 196 -40.06 -31.58 16.52
N ASN J 197 -39.38 -32.08 15.49
CA ASN J 197 -38.02 -32.60 15.62
C ASN J 197 -37.07 -31.72 14.84
N VAL J 198 -36.24 -30.98 15.55
CA VAL J 198 -35.26 -30.08 14.94
C VAL J 198 -33.90 -30.75 15.01
N ASN J 199 -33.22 -30.82 13.87
CA ASN J 199 -31.93 -31.49 13.73
C ASN J 199 -30.95 -30.54 13.05
N HIS J 200 -29.95 -30.09 13.82
CA HIS J 200 -28.92 -29.15 13.35
C HIS J 200 -27.55 -29.82 13.41
N LYS J 201 -27.09 -30.28 12.24
CA LYS J 201 -25.77 -30.94 12.12
C LYS J 201 -24.57 -30.06 12.49
N PRO J 202 -24.51 -28.80 11.98
CA PRO J 202 -23.32 -27.99 12.28
C PRO J 202 -23.02 -27.78 13.77
N SER J 203 -24.05 -27.69 14.60
CA SER J 203 -23.89 -27.50 16.04
C SER J 203 -24.12 -28.77 16.87
N ASN J 204 -24.45 -29.88 16.21
CA ASN J 204 -24.76 -31.15 16.87
C ASN J 204 -25.86 -30.99 17.91
N THR J 205 -26.98 -30.41 17.48
CA THR J 205 -28.10 -30.13 18.37
C THR J 205 -29.35 -30.80 17.80
N LYS J 206 -29.90 -31.73 18.58
CA LYS J 206 -31.15 -32.41 18.25
C LYS J 206 -32.17 -32.10 19.35
N VAL J 207 -33.25 -31.42 18.99
CA VAL J 207 -34.24 -30.95 19.95
C VAL J 207 -35.63 -31.39 19.53
N ASP J 208 -36.36 -31.97 20.48
CA ASP J 208 -37.76 -32.34 20.30
C ASP J 208 -38.58 -31.52 21.28
N LYS J 209 -39.67 -30.93 20.79
CA LYS J 209 -40.50 -30.04 21.60
C LYS J 209 -41.96 -30.44 21.42
N LYS J 210 -42.63 -30.65 22.55
CA LYS J 210 -44.07 -30.91 22.55
C LYS J 210 -44.85 -29.61 22.39
N VAL J 211 -45.86 -29.64 21.53
CA VAL J 211 -46.73 -28.48 21.31
C VAL J 211 -48.08 -28.76 21.96
N GLU J 212 -48.42 -27.93 22.95
CA GLU J 212 -49.67 -28.06 23.67
C GLU J 212 -50.22 -26.67 23.98
N PRO J 213 -51.56 -26.52 24.01
CA PRO J 213 -52.19 -25.25 24.37
C PRO J 213 -51.90 -24.82 25.82
N ILE K 3 27.18 3.12 10.31
CA ILE K 3 26.20 3.60 9.27
C ILE K 3 26.19 5.13 9.18
N GLN K 4 26.40 5.66 7.99
CA GLN K 4 26.41 7.09 7.74
C GLN K 4 25.51 7.42 6.56
N MET K 5 24.88 8.59 6.61
CA MET K 5 23.97 9.04 5.54
C MET K 5 24.65 9.94 4.51
N THR K 6 25.45 10.89 5.00
CA THR K 6 26.18 11.83 4.15
C THR K 6 27.68 11.65 4.33
N GLN K 7 28.45 12.47 3.63
CA GLN K 7 29.91 12.45 3.71
C GLN K 7 30.42 13.68 4.41
N SER K 8 31.67 13.60 4.89
CA SER K 8 32.33 14.75 5.49
C SER K 8 32.79 15.70 4.39
N PRO K 9 32.73 17.02 4.65
CA PRO K 9 33.07 17.97 3.60
C PRO K 9 34.53 17.92 3.20
N SER K 10 34.79 17.99 1.90
CA SER K 10 36.15 18.05 1.38
C SER K 10 36.77 19.40 1.74
N SER K 11 38.10 19.43 1.78
CA SER K 11 38.83 20.63 2.17
C SER K 11 39.51 21.28 0.99
N LEU K 12 39.65 22.60 1.07
CA LEU K 12 40.33 23.39 0.04
C LEU K 12 41.16 24.46 0.71
N SER K 13 42.48 24.38 0.51
CA SER K 13 43.41 25.35 1.07
C SER K 13 43.56 26.52 0.12
N ALA K 14 43.25 27.73 0.60
CA ALA K 14 43.33 28.94 -0.21
C ALA K 14 43.77 30.12 0.65
N SER K 15 44.41 31.09 0.01
CA SER K 15 44.86 32.33 0.66
C SER K 15 43.86 33.44 0.40
N VAL K 16 44.04 34.55 1.10
CA VAL K 16 43.18 35.71 0.93
C VAL K 16 43.49 36.39 -0.40
N GLY K 17 42.44 36.69 -1.16
CA GLY K 17 42.58 37.31 -2.48
C GLY K 17 42.58 36.36 -3.66
N ASP K 18 42.73 35.06 -3.41
CA ASP K 18 42.72 34.06 -4.50
C ASP K 18 41.34 33.90 -5.11
N ARG K 19 41.31 33.31 -6.29
CA ARG K 19 40.07 33.01 -7.01
C ARG K 19 39.75 31.54 -6.80
N VAL K 20 38.56 31.28 -6.24
CA VAL K 20 38.13 29.91 -5.94
C VAL K 20 36.89 29.61 -6.76
N THR K 21 36.92 28.47 -7.43
CA THR K 21 35.84 28.01 -8.30
C THR K 21 35.44 26.60 -7.88
N ILE K 22 34.29 26.49 -7.20
CA ILE K 22 33.79 25.20 -6.74
C ILE K 22 32.75 24.67 -7.71
N THR K 23 32.97 23.46 -8.20
CA THR K 23 32.08 22.83 -9.18
C THR K 23 31.13 21.84 -8.52
N CYS K 24 29.99 21.62 -9.15
CA CYS K 24 28.94 20.75 -8.62
C CYS K 24 28.40 19.95 -9.77
N ARG K 25 28.83 18.70 -9.86
CA ARG K 25 28.49 17.85 -10.98
C ARG K 25 27.13 17.20 -10.75
N ALA K 26 26.27 17.27 -11.76
CA ALA K 26 24.96 16.63 -11.73
C ALA K 26 24.65 16.17 -13.16
N SER K 27 25.04 14.94 -13.45
CA SER K 27 24.87 14.37 -14.79
C SER K 27 23.41 14.17 -15.12
N GLN K 28 23.10 14.20 -16.41
CA GLN K 28 21.74 14.02 -16.96
C GLN K 28 20.75 15.09 -16.50
N SER K 29 21.27 16.25 -16.09
CA SER K 29 20.42 17.32 -15.63
C SER K 29 19.86 18.07 -16.81
N VAL K 30 18.59 18.43 -16.72
CA VAL K 30 17.88 19.19 -17.76
C VAL K 30 17.19 20.40 -17.13
N SER K 31 17.75 20.90 -16.05
CA SER K 31 17.18 22.02 -15.31
C SER K 31 18.26 22.99 -14.89
N SER K 32 17.85 24.24 -14.68
CA SER K 32 18.71 25.32 -14.17
C SER K 32 18.38 25.72 -12.72
N ALA K 33 17.58 24.92 -12.03
CA ALA K 33 17.13 25.24 -10.67
C ALA K 33 18.12 24.68 -9.63
N VAL K 34 19.30 25.27 -9.62
CA VAL K 34 20.38 24.90 -8.72
C VAL K 34 20.58 26.02 -7.72
N ALA K 35 20.61 25.65 -6.44
CA ALA K 35 20.81 26.61 -5.34
C ALA K 35 22.15 26.34 -4.63
N TRP K 36 22.74 27.41 -4.11
CA TRP K 36 23.99 27.33 -3.38
C TRP K 36 23.79 27.94 -2.00
N TYR K 37 24.44 27.37 -1.01
CA TYR K 37 24.30 27.79 0.39
C TYR K 37 25.68 27.91 1.03
N GLN K 38 25.77 28.77 2.03
CA GLN K 38 26.99 28.95 2.81
C GLN K 38 26.63 28.72 4.27
N GLN K 39 27.48 27.96 4.96
CA GLN K 39 27.28 27.67 6.38
C GLN K 39 28.57 27.89 7.15
N LYS K 40 28.50 28.71 8.19
CA LYS K 40 29.62 28.96 9.09
C LYS K 40 29.50 28.04 10.30
N PRO K 41 30.63 27.75 10.97
CA PRO K 41 30.59 26.82 12.11
C PRO K 41 29.63 27.24 13.22
N GLY K 42 28.70 26.36 13.54
CA GLY K 42 27.72 26.60 14.61
C GLY K 42 26.48 27.37 14.22
N LYS K 43 26.43 27.87 12.98
CA LYS K 43 25.29 28.66 12.52
C LYS K 43 24.56 27.97 11.39
N ALA K 44 23.30 28.35 11.22
CA ALA K 44 22.47 27.78 10.17
C ALA K 44 22.93 28.32 8.81
N PRO K 45 22.75 27.54 7.73
CA PRO K 45 23.11 28.02 6.39
C PRO K 45 22.27 29.20 5.87
N LYS K 46 22.89 30.04 5.06
CA LYS K 46 22.23 31.17 4.42
C LYS K 46 22.28 30.99 2.91
N LEU K 47 21.23 31.41 2.23
CA LEU K 47 21.13 31.23 0.79
C LEU K 47 22.02 32.22 0.07
N LEU K 48 22.81 31.72 -0.88
CA LEU K 48 23.72 32.55 -1.69
C LEU K 48 23.17 32.78 -3.08
N ILE K 49 23.04 31.70 -3.84
CA ILE K 49 22.62 31.75 -5.25
C ILE K 49 21.39 30.87 -5.44
N TYR K 50 20.44 31.35 -6.21
CA TYR K 50 19.29 30.56 -6.65
C TYR K 50 19.15 30.66 -8.16
N SER K 51 18.47 29.68 -8.74
CA SER K 51 18.30 29.58 -10.19
C SER K 51 19.66 29.59 -10.89
N ALA K 52 20.61 28.83 -10.35
CA ALA K 52 21.94 28.63 -10.93
C ALA K 52 22.86 29.85 -10.94
N SER K 53 22.31 31.02 -11.27
CA SER K 53 23.09 32.24 -11.40
C SER K 53 22.55 33.49 -10.71
N SER K 54 21.32 33.47 -10.21
CA SER K 54 20.71 34.66 -9.63
C SER K 54 21.20 34.88 -8.19
N LEU K 55 21.79 36.04 -7.94
CA LEU K 55 22.23 36.42 -6.59
C LEU K 55 21.02 36.67 -5.69
N TYR K 56 21.14 36.25 -4.43
CA TYR K 56 20.09 36.47 -3.46
C TYR K 56 20.24 37.86 -2.86
N SER K 57 19.14 38.40 -2.34
CA SER K 57 19.13 39.72 -1.70
C SER K 57 20.05 39.76 -0.49
N GLY K 58 21.03 40.64 -0.54
CA GLY K 58 22.00 40.80 0.55
C GLY K 58 23.25 39.94 0.42
N VAL K 59 23.57 39.53 -0.80
CA VAL K 59 24.77 38.73 -1.06
C VAL K 59 25.78 39.64 -1.76
N PRO K 60 27.07 39.60 -1.32
CA PRO K 60 28.06 40.44 -1.99
C PRO K 60 28.21 40.12 -3.49
N SER K 61 28.63 41.12 -4.26
CA SER K 61 28.76 40.99 -5.71
C SER K 61 29.97 40.15 -6.16
N ARG K 62 30.85 39.79 -5.23
CA ARG K 62 31.99 38.92 -5.53
C ARG K 62 31.62 37.45 -5.77
N PHE K 63 30.45 37.04 -5.30
CA PHE K 63 29.93 35.69 -5.54
C PHE K 63 29.19 35.66 -6.87
N SER K 64 29.43 34.61 -7.64
CA SER K 64 28.79 34.45 -8.94
C SER K 64 28.66 32.98 -9.27
N GLY K 65 27.51 32.60 -9.83
CA GLY K 65 27.24 31.22 -10.23
C GLY K 65 26.96 31.18 -11.72
N SER K 66 27.44 30.12 -12.37
CA SER K 66 27.21 29.91 -13.79
C SER K 66 26.92 28.44 -14.05
N ARG K 67 26.34 28.18 -15.22
CA ARG K 67 26.00 26.81 -15.64
C ARG K 67 26.73 26.51 -16.95
N SER K 68 27.32 25.32 -17.00
CA SER K 68 28.02 24.83 -18.19
C SER K 68 27.54 23.42 -18.52
N GLY K 69 26.46 23.36 -19.31
CA GLY K 69 25.85 22.09 -19.68
C GLY K 69 25.19 21.41 -18.50
N THR K 70 25.71 20.25 -18.12
CA THR K 70 25.25 19.51 -16.96
C THR K 70 26.05 19.81 -15.70
N ASP K 71 27.09 20.64 -15.83
CA ASP K 71 27.94 21.04 -14.69
C ASP K 71 27.56 22.43 -14.21
N PHE K 72 27.49 22.60 -12.89
CA PHE K 72 27.21 23.89 -12.26
C PHE K 72 28.38 24.31 -11.41
N THR K 73 28.62 25.62 -11.35
CA THR K 73 29.79 26.14 -10.68
C THR K 73 29.44 27.34 -9.81
N LEU K 74 30.20 27.51 -8.73
CA LEU K 74 30.13 28.69 -7.87
C LEU K 74 31.54 29.27 -7.74
N THR K 75 31.68 30.53 -8.15
CA THR K 75 32.99 31.18 -8.22
C THR K 75 33.02 32.38 -7.30
N ILE K 76 34.09 32.47 -6.52
CA ILE K 76 34.37 33.66 -5.71
C ILE K 76 35.54 34.36 -6.39
N SER K 77 35.29 35.57 -6.89
CA SER K 77 36.30 36.32 -7.64
C SER K 77 37.45 36.81 -6.74
N SER K 78 37.12 37.37 -5.58
CA SER K 78 38.12 37.83 -4.62
C SER K 78 37.80 37.30 -3.23
N LEU K 79 38.67 36.45 -2.71
CA LEU K 79 38.46 35.84 -1.40
C LEU K 79 38.64 36.86 -0.30
N GLN K 80 37.61 37.02 0.53
CA GLN K 80 37.64 37.89 1.69
C GLN K 80 37.73 37.05 2.96
N PRO K 81 38.20 37.66 4.06
CA PRO K 81 38.30 36.89 5.32
C PRO K 81 36.99 36.29 5.84
N GLU K 82 35.86 36.94 5.57
CA GLU K 82 34.54 36.43 5.98
C GLU K 82 33.95 35.39 5.02
N ASP K 83 34.69 35.03 3.97
CA ASP K 83 34.23 34.05 2.97
C ASP K 83 34.69 32.62 3.28
N PHE K 84 35.53 32.44 4.30
CA PHE K 84 36.04 31.11 4.67
C PHE K 84 35.02 30.34 5.50
N ALA K 85 34.32 29.43 4.83
CA ALA K 85 33.28 28.62 5.46
C ALA K 85 33.01 27.39 4.58
N THR K 86 31.93 26.69 4.86
CA THR K 86 31.53 25.52 4.09
C THR K 86 30.45 25.92 3.09
N TYR K 87 30.60 25.45 1.85
CA TYR K 87 29.65 25.75 0.77
C TYR K 87 28.99 24.46 0.32
N TYR K 88 27.65 24.44 0.36
CA TYR K 88 26.86 23.29 -0.06
C TYR K 88 26.11 23.62 -1.35
N CYS K 89 26.10 22.65 -2.27
CA CYS K 89 25.39 22.77 -3.54
C CYS K 89 24.12 21.95 -3.47
N GLN K 90 22.98 22.59 -3.77
CA GLN K 90 21.70 21.90 -3.89
C GLN K 90 21.52 21.47 -5.35
N GLN K 91 21.43 20.16 -5.56
CA GLN K 91 21.30 19.59 -6.90
C GLN K 91 19.98 20.02 -7.53
N PRO K 92 19.87 19.94 -8.87
CA PRO K 92 18.64 20.37 -9.57
C PRO K 92 17.34 19.80 -8.98
N SER K 93 16.58 20.67 -8.31
CA SER K 93 15.39 20.27 -7.58
C SER K 93 14.19 20.50 -8.48
N TYR K 94 13.68 19.43 -9.06
CA TYR K 94 12.51 19.53 -9.92
C TYR K 94 11.26 19.60 -9.06
N ILE K 95 10.23 20.25 -9.59
CA ILE K 95 8.95 20.37 -8.88
C ILE K 95 8.24 19.02 -8.78
N TYR K 96 7.72 18.75 -7.59
CA TYR K 96 7.13 17.46 -7.16
C TYR K 96 8.16 16.37 -6.82
N TYR K 97 9.45 16.67 -6.98
CA TYR K 97 10.50 15.66 -6.78
C TYR K 97 11.36 16.02 -5.59
N PRO K 98 12.00 15.01 -4.95
CA PRO K 98 12.84 15.26 -3.79
C PRO K 98 14.04 16.15 -4.06
N VAL K 99 14.59 16.67 -2.98
CA VAL K 99 15.71 17.60 -3.02
C VAL K 99 16.94 16.93 -2.41
N THR K 100 18.08 17.13 -3.05
CA THR K 100 19.34 16.51 -2.62
C THR K 100 20.43 17.55 -2.49
N PHE K 101 21.15 17.50 -1.36
CA PHE K 101 22.28 18.39 -1.11
C PHE K 101 23.57 17.65 -1.40
N GLY K 102 24.48 18.29 -2.12
CA GLY K 102 25.77 17.71 -2.46
C GLY K 102 26.76 17.71 -1.31
N GLN K 103 27.96 17.23 -1.61
CA GLN K 103 29.05 17.21 -0.67
C GLN K 103 29.50 18.63 -0.40
N GLY K 104 29.59 18.99 0.87
CA GLY K 104 30.05 20.31 1.28
C GLY K 104 31.51 20.50 0.93
N THR K 105 31.89 21.75 0.75
CA THR K 105 33.27 22.11 0.43
C THR K 105 33.78 23.09 1.48
N LYS K 106 34.62 22.58 2.37
CA LYS K 106 35.22 23.37 3.45
C LYS K 106 36.40 24.17 2.89
N VAL K 107 36.32 25.49 3.03
CA VAL K 107 37.38 26.38 2.56
C VAL K 107 38.10 26.95 3.77
N GLU K 108 39.36 26.55 3.91
CA GLU K 108 40.21 26.97 5.01
C GLU K 108 41.31 27.87 4.48
N ILE K 109 41.85 28.68 5.39
CA ILE K 109 42.85 29.68 5.07
C ILE K 109 44.25 29.04 5.15
N LYS K 110 45.08 29.29 4.14
CA LYS K 110 46.44 28.79 4.13
C LYS K 110 47.32 29.53 5.14
N ARG K 111 48.32 28.83 5.66
CA ARG K 111 49.21 29.36 6.68
C ARG K 111 50.58 28.74 6.50
N THR K 112 51.59 29.42 7.01
CA THR K 112 52.94 28.86 7.04
C THR K 112 53.01 27.58 7.87
N VAL K 113 54.05 26.81 7.64
CA VAL K 113 54.20 25.52 8.28
C VAL K 113 54.42 25.76 9.77
N ALA K 114 53.62 25.08 10.60
CA ALA K 114 53.70 25.16 12.06
C ALA K 114 53.80 23.77 12.67
N ALA K 115 54.90 23.49 13.36
CA ALA K 115 55.07 22.20 14.02
C ALA K 115 54.23 22.16 15.31
N PRO K 116 53.62 21.00 15.61
CA PRO K 116 52.80 20.90 16.82
C PRO K 116 53.62 20.76 18.08
N SER K 117 53.10 21.33 19.16
CA SER K 117 53.68 21.14 20.48
C SER K 117 52.94 19.96 21.13
N VAL K 118 53.68 18.88 21.38
CA VAL K 118 53.08 17.64 21.85
C VAL K 118 53.16 17.58 23.37
N PHE K 119 52.01 17.31 24.00
CA PHE K 119 51.95 17.10 25.45
C PHE K 119 51.10 15.87 25.73
N ILE K 120 51.55 15.06 26.68
CA ILE K 120 50.84 13.84 27.08
C ILE K 120 50.45 13.99 28.55
N PHE K 121 49.22 13.61 28.88
CA PHE K 121 48.71 13.71 30.24
C PHE K 121 48.35 12.32 30.75
N PRO K 122 48.97 11.89 31.86
CA PRO K 122 48.59 10.60 32.44
C PRO K 122 47.21 10.67 33.09
N PRO K 123 46.57 9.51 33.30
CA PRO K 123 45.25 9.52 33.93
C PRO K 123 45.33 9.95 35.39
N SER K 124 44.36 10.76 35.83
CA SER K 124 44.32 11.26 37.19
C SER K 124 44.01 10.13 38.17
N ASP K 125 44.44 10.30 39.40
CA ASP K 125 44.20 9.31 40.44
C ASP K 125 42.71 9.17 40.76
N SER K 126 41.95 10.25 40.63
CA SER K 126 40.50 10.21 40.83
C SER K 126 39.81 9.27 39.84
N GLN K 127 40.35 9.19 38.62
CA GLN K 127 39.81 8.29 37.61
C GLN K 127 40.24 6.85 37.88
N LEU K 128 41.49 6.66 38.32
CA LEU K 128 41.94 5.32 38.73
C LEU K 128 41.16 4.77 39.92
N LYS K 129 40.64 5.66 40.76
CA LYS K 129 39.75 5.27 41.84
C LYS K 129 38.39 4.70 41.36
N SER K 130 38.06 4.89 40.08
CA SER K 130 36.80 4.40 39.50
C SER K 130 36.93 3.13 38.66
N GLY K 131 38.13 2.80 38.19
CA GLY K 131 38.36 1.57 37.41
C GLY K 131 38.68 1.77 35.93
N THR K 132 38.85 3.02 35.51
CA THR K 132 39.15 3.34 34.11
C THR K 132 40.30 4.32 34.03
N ALA K 133 41.12 4.20 32.99
CA ALA K 133 42.27 5.08 32.78
C ALA K 133 42.20 5.66 31.39
N SER K 134 42.24 7.00 31.31
CA SER K 134 42.20 7.74 30.04
C SER K 134 43.47 8.56 29.88
N VAL K 135 44.30 8.18 28.91
CA VAL K 135 45.54 8.89 28.59
C VAL K 135 45.28 9.75 27.35
N VAL K 136 45.54 11.05 27.47
CA VAL K 136 45.29 12.00 26.38
C VAL K 136 46.62 12.55 25.89
N CYS K 137 46.76 12.68 24.58
CA CYS K 137 47.95 13.25 23.93
C CYS K 137 47.49 14.50 23.16
N LEU K 138 48.19 15.61 23.39
CA LEU K 138 47.80 16.92 22.88
C LEU K 138 48.76 17.36 21.80
N LEU K 139 48.24 17.89 20.71
CA LEU K 139 49.06 18.56 19.71
C LEU K 139 48.51 19.93 19.53
N ASN K 140 49.30 20.90 19.91
CA ASN K 140 48.78 22.22 20.03
C ASN K 140 49.33 23.09 18.90
N ASN K 141 48.42 23.88 18.31
CA ASN K 141 48.74 24.89 17.29
C ASN K 141 49.63 24.48 16.15
N PHE K 142 49.07 23.76 15.22
CA PHE K 142 49.86 23.32 14.09
C PHE K 142 49.09 23.39 12.80
N TYR K 143 49.87 23.33 11.73
CA TYR K 143 49.31 23.36 10.42
C TYR K 143 50.24 22.63 9.48
N PRO K 144 49.68 21.84 8.54
CA PRO K 144 48.25 21.70 8.22
C PRO K 144 47.52 20.76 9.15
N ARG K 145 46.25 20.53 8.83
CA ARG K 145 45.38 19.72 9.66
C ARG K 145 45.83 18.26 9.76
N GLU K 146 46.46 17.77 8.69
CA GLU K 146 46.80 16.35 8.58
C GLU K 146 47.95 16.03 9.53
N ALA K 147 47.70 15.07 10.42
CA ALA K 147 48.71 14.60 11.36
C ALA K 147 48.30 13.25 11.88
N LYS K 148 49.30 12.39 12.11
CA LYS K 148 49.09 11.04 12.64
C LYS K 148 49.69 10.89 14.04
N VAL K 149 48.93 10.26 14.94
CA VAL K 149 49.35 10.04 16.30
C VAL K 149 49.29 8.55 16.57
N GLN K 150 50.39 8.01 17.07
CA GLN K 150 50.53 6.56 17.33
C GLN K 150 50.75 6.29 18.81
N TRP K 151 49.93 5.40 19.38
CA TRP K 151 50.04 5.02 20.77
C TRP K 151 50.86 3.75 20.89
N LYS K 152 51.72 3.72 21.90
CA LYS K 152 52.58 2.56 22.19
C LYS K 152 52.58 2.28 23.68
N VAL K 153 52.16 1.07 24.07
CA VAL K 153 52.21 0.63 25.47
C VAL K 153 53.23 -0.52 25.55
N ASP K 154 54.23 -0.37 26.41
CA ASP K 154 55.36 -1.31 26.47
C ASP K 154 55.91 -1.65 25.06
N ASN K 155 56.04 -0.61 24.24
CA ASN K 155 56.49 -0.73 22.85
C ASN K 155 55.61 -1.64 22.00
N ALA K 156 54.32 -1.73 22.34
CA ALA K 156 53.35 -2.51 21.58
C ALA K 156 52.38 -1.54 20.92
N LEU K 157 52.31 -1.58 19.60
CA LEU K 157 51.46 -0.66 18.85
C LEU K 157 49.98 -0.96 19.05
N GLN K 158 49.22 0.09 19.35
CA GLN K 158 47.80 -0.04 19.65
C GLN K 158 46.96 0.48 18.50
N SER K 159 45.73 -0.02 18.44
CA SER K 159 44.76 0.41 17.43
C SER K 159 43.35 0.06 17.85
N GLY K 160 42.43 0.98 17.61
CA GLY K 160 41.03 0.81 17.95
C GLY K 160 40.64 1.27 19.34
N ASN K 161 41.63 1.44 20.22
CA ASN K 161 41.39 1.88 21.61
C ASN K 161 41.61 3.39 21.82
N SER K 162 41.66 4.17 20.74
CA SER K 162 41.89 5.61 20.82
C SER K 162 40.85 6.35 20.00
N GLN K 163 40.46 7.51 20.49
CA GLN K 163 39.53 8.39 19.78
C GLN K 163 40.08 9.81 19.81
N GLU K 164 40.20 10.43 18.65
CA GLU K 164 40.81 11.75 18.53
C GLU K 164 39.79 12.78 18.10
N SER K 165 39.97 14.02 18.56
CA SER K 165 39.11 15.14 18.20
C SER K 165 39.98 16.32 17.77
N VAL K 166 39.55 17.01 16.72
CA VAL K 166 40.31 18.11 16.16
C VAL K 166 39.47 19.37 16.27
N THR K 167 40.10 20.44 16.72
CA THR K 167 39.43 21.72 16.86
C THR K 167 39.27 22.37 15.50
N GLU K 168 38.39 23.36 15.43
CA GLU K 168 38.23 24.14 14.21
C GLU K 168 39.46 25.01 14.00
N GLN K 169 39.67 25.45 12.77
CA GLN K 169 40.76 26.35 12.45
C GLN K 169 40.58 27.67 13.20
N ASP K 170 41.62 28.09 13.92
CA ASP K 170 41.55 29.30 14.73
C ASP K 170 41.37 30.53 13.85
N SER K 171 40.60 31.49 14.35
CA SER K 171 40.31 32.72 13.60
C SER K 171 41.47 33.72 13.58
N LYS K 172 42.40 33.59 14.53
CA LYS K 172 43.51 34.53 14.66
C LYS K 172 44.80 34.00 14.03
N ASP K 173 45.26 32.84 14.51
CA ASP K 173 46.52 32.25 14.04
C ASP K 173 46.36 31.19 12.94
N SER K 174 45.13 30.75 12.69
CA SER K 174 44.83 29.75 11.65
C SER K 174 45.56 28.43 11.88
N THR K 175 45.64 28.02 13.14
CA THR K 175 46.27 26.74 13.50
C THR K 175 45.22 25.78 14.04
N TYR K 176 45.58 24.52 14.08
CA TYR K 176 44.69 23.46 14.56
C TYR K 176 45.20 22.93 15.88
N SER K 177 44.35 22.16 16.55
CA SER K 177 44.71 21.46 17.78
C SER K 177 44.05 20.09 17.76
N LEU K 178 44.79 19.07 18.21
CA LEU K 178 44.31 17.69 18.19
C LEU K 178 44.47 17.06 19.58
N SER K 179 43.48 16.26 19.98
CA SER K 179 43.48 15.57 21.27
C SER K 179 43.05 14.13 21.08
N SER K 180 43.97 13.20 21.32
CA SER K 180 43.71 11.77 21.19
C SER K 180 43.68 11.14 22.57
N THR K 181 42.59 10.42 22.88
CA THR K 181 42.38 9.82 24.18
C THR K 181 42.45 8.30 24.07
N LEU K 182 43.33 7.70 24.86
CA LEU K 182 43.49 6.25 24.94
C LEU K 182 42.84 5.74 26.22
N THR K 183 41.77 4.97 26.09
CA THR K 183 40.99 4.52 27.24
C THR K 183 41.07 3.01 27.37
N LEU K 184 41.45 2.56 28.57
CA LEU K 184 41.48 1.14 28.92
C LEU K 184 41.09 0.99 30.38
N SER K 185 40.80 -0.24 30.79
CA SER K 185 40.39 -0.54 32.16
C SER K 185 41.57 -0.48 33.12
N LYS K 186 41.25 -0.39 34.40
CA LYS K 186 42.27 -0.29 35.44
C LYS K 186 43.14 -1.54 35.46
N ALA K 187 42.51 -2.70 35.31
CA ALA K 187 43.23 -3.98 35.34
C ALA K 187 44.30 -4.04 34.25
N ASP K 188 43.91 -3.72 33.02
CA ASP K 188 44.86 -3.66 31.91
C ASP K 188 45.83 -2.48 32.01
N TYR K 189 45.40 -1.39 32.65
CA TYR K 189 46.25 -0.22 32.81
C TYR K 189 47.44 -0.46 33.74
N GLU K 190 47.20 -1.18 34.84
CA GLU K 190 48.26 -1.50 35.79
C GLU K 190 49.13 -2.69 35.40
N LYS K 191 48.89 -3.27 34.23
CA LYS K 191 49.70 -4.36 33.69
C LYS K 191 50.86 -3.88 32.80
N HIS K 192 50.97 -2.58 32.57
CA HIS K 192 52.02 -2.05 31.69
C HIS K 192 52.69 -0.87 32.34
N LYS K 193 53.87 -0.54 31.83
CA LYS K 193 54.75 0.44 32.48
C LYS K 193 54.83 1.74 31.67
N VAL K 194 55.41 1.67 30.48
CA VAL K 194 55.72 2.87 29.68
C VAL K 194 54.59 3.12 28.68
N TYR K 195 54.05 4.34 28.69
CA TYR K 195 53.05 4.79 27.72
C TYR K 195 53.63 5.96 26.94
N ALA K 196 53.43 5.97 25.62
CA ALA K 196 53.98 7.01 24.76
C ALA K 196 53.11 7.20 23.53
N CYS K 197 52.99 8.45 23.11
CA CYS K 197 52.33 8.79 21.86
C CYS K 197 53.36 9.40 20.93
N GLU K 198 53.58 8.76 19.78
CA GLU K 198 54.52 9.23 18.77
C GLU K 198 53.75 10.01 17.69
N VAL K 199 54.19 11.25 17.46
CA VAL K 199 53.51 12.16 16.57
C VAL K 199 54.33 12.34 15.29
N THR K 200 53.67 12.20 14.15
CA THR K 200 54.27 12.46 12.86
C THR K 200 53.54 13.62 12.17
N HIS K 201 54.29 14.60 11.68
CA HIS K 201 53.72 15.77 11.02
C HIS K 201 54.72 16.32 10.00
N GLN K 202 54.22 17.12 9.07
CA GLN K 202 55.04 17.68 8.00
C GLN K 202 56.10 18.65 8.51
N GLY K 203 55.74 19.44 9.52
CA GLY K 203 56.66 20.39 10.14
C GLY K 203 57.75 19.81 11.03
N LEU K 204 57.79 18.48 11.15
CA LEU K 204 58.81 17.80 11.95
C LEU K 204 59.62 16.86 11.07
N SER K 205 60.93 17.11 11.01
CA SER K 205 61.85 16.26 10.23
C SER K 205 61.92 14.83 10.79
N SER K 206 61.71 14.68 12.09
CA SER K 206 61.64 13.36 12.72
C SER K 206 60.45 13.31 13.67
N PRO K 207 59.83 12.12 13.84
CA PRO K 207 58.69 12.02 14.74
C PRO K 207 59.05 12.38 16.19
N VAL K 208 58.12 13.06 16.85
CA VAL K 208 58.28 13.48 18.23
C VAL K 208 57.53 12.49 19.11
N THR K 209 58.17 12.08 20.21
CA THR K 209 57.61 11.12 21.16
C THR K 209 57.54 11.73 22.57
N LYS K 210 56.36 11.65 23.17
CA LYS K 210 56.13 12.08 24.53
C LYS K 210 55.73 10.87 25.35
N SER K 211 56.62 10.48 26.25
CA SER K 211 56.47 9.26 27.06
C SER K 211 56.26 9.57 28.53
N PHE K 212 55.78 8.56 29.25
CA PHE K 212 55.70 8.62 30.71
C PHE K 212 55.56 7.19 31.23
N ASN K 213 56.09 6.96 32.43
CA ASN K 213 55.99 5.67 33.09
C ASN K 213 54.89 5.70 34.12
N ARG K 214 54.24 4.56 34.32
CA ARG K 214 53.11 4.45 35.23
C ARG K 214 53.54 4.70 36.66
N GLY K 215 52.97 5.72 37.29
CA GLY K 215 53.28 6.07 38.67
C GLY K 215 54.59 6.81 38.80
N GLU K 216 54.63 8.02 38.24
CA GLU K 216 55.78 8.91 38.37
C GLU K 216 55.34 10.37 38.41
N ILE L 3 -26.20 -6.34 -11.73
CA ILE L 3 -25.51 -5.88 -10.47
C ILE L 3 -26.14 -4.58 -9.94
N GLN L 4 -26.52 -4.59 -8.66
CA GLN L 4 -27.18 -3.47 -8.01
C GLN L 4 -26.58 -3.25 -6.64
N MET L 5 -26.52 -1.99 -6.22
CA MET L 5 -25.89 -1.59 -4.95
C MET L 5 -26.84 -1.46 -3.78
N THR L 6 -28.03 -0.93 -4.03
CA THR L 6 -29.05 -0.73 -3.00
C THR L 6 -30.34 -1.48 -3.35
N GLN L 7 -31.32 -1.39 -2.47
CA GLN L 7 -32.61 -2.05 -2.66
C GLN L 7 -33.70 -1.04 -2.94
N SER L 8 -34.82 -1.52 -3.49
CA SER L 8 -36.00 -0.71 -3.68
C SER L 8 -36.71 -0.54 -2.33
N PRO L 9 -37.29 0.65 -2.08
CA PRO L 9 -37.95 0.87 -0.79
C PRO L 9 -39.20 0.03 -0.60
N SER L 10 -39.36 -0.53 0.59
CA SER L 10 -40.55 -1.30 0.94
C SER L 10 -41.75 -0.37 1.10
N SER L 11 -42.93 -0.93 0.93
CA SER L 11 -44.16 -0.14 0.94
C SER L 11 -44.93 -0.35 2.23
N LEU L 12 -45.66 0.69 2.65
CA LEU L 12 -46.50 0.63 3.83
C LEU L 12 -47.79 1.38 3.55
N SER L 13 -48.91 0.66 3.58
CA SER L 13 -50.23 1.25 3.32
C SER L 13 -50.82 1.73 4.63
N ALA L 14 -51.12 3.03 4.70
CA ALA L 14 -51.71 3.64 5.88
C ALA L 14 -52.65 4.77 5.47
N SER L 15 -53.64 5.02 6.33
CA SER L 15 -54.62 6.07 6.09
C SER L 15 -54.27 7.33 6.86
N VAL L 16 -54.92 8.43 6.49
CA VAL L 16 -54.68 9.74 7.13
C VAL L 16 -55.19 9.68 8.57
N GLY L 17 -54.37 10.17 9.50
CA GLY L 17 -54.71 10.16 10.92
C GLY L 17 -54.18 8.97 11.71
N ASP L 18 -53.74 7.92 11.02
CA ASP L 18 -53.18 6.76 11.70
C ASP L 18 -51.82 7.08 12.32
N ARG L 19 -51.43 6.24 13.27
CA ARG L 19 -50.13 6.36 13.91
C ARG L 19 -49.20 5.38 13.21
N VAL L 20 -48.09 5.90 12.70
CA VAL L 20 -47.13 5.10 11.95
C VAL L 20 -45.83 5.04 12.71
N THR L 21 -45.32 3.83 12.91
CA THR L 21 -44.06 3.57 13.62
C THR L 21 -43.14 2.74 12.72
N ILE L 22 -42.13 3.40 12.16
CA ILE L 22 -41.13 2.74 11.34
C ILE L 22 -39.92 2.43 12.20
N THR L 23 -39.53 1.16 12.25
CA THR L 23 -38.39 0.71 13.05
C THR L 23 -37.16 0.50 12.17
N CYS L 24 -35.99 0.66 12.78
CA CYS L 24 -34.71 0.58 12.07
C CYS L 24 -33.80 -0.28 12.89
N ARG L 25 -33.63 -1.53 12.46
CA ARG L 25 -32.88 -2.52 13.22
C ARG L 25 -31.38 -2.37 12.93
N ALA L 26 -30.59 -2.30 14.00
CA ALA L 26 -29.13 -2.20 13.89
C ALA L 26 -28.53 -2.95 15.06
N SER L 27 -28.30 -4.25 14.85
CA SER L 27 -27.79 -5.11 15.90
C SER L 27 -26.34 -4.77 16.22
N GLN L 28 -25.97 -5.04 17.48
CA GLN L 28 -24.62 -4.80 17.99
C GLN L 28 -24.18 -3.32 17.92
N SER L 29 -25.16 -2.42 17.89
CA SER L 29 -24.88 -0.99 17.86
C SER L 29 -24.62 -0.49 19.27
N VAL L 30 -23.64 0.40 19.42
CA VAL L 30 -23.25 0.95 20.73
C VAL L 30 -23.22 2.48 20.67
N SER L 31 -24.09 3.04 19.84
CA SER L 31 -24.15 4.47 19.67
C SER L 31 -25.59 4.93 19.57
N SER L 32 -25.78 6.23 19.81
CA SER L 32 -27.05 6.91 19.65
C SER L 32 -27.03 7.92 18.49
N ALA L 33 -25.99 7.89 17.66
CA ALA L 33 -25.83 8.84 16.56
C ALA L 33 -26.57 8.32 15.34
N VAL L 34 -27.90 8.31 15.44
CA VAL L 34 -28.78 7.83 14.39
C VAL L 34 -29.59 9.00 13.86
N ALA L 35 -29.62 9.14 12.54
CA ALA L 35 -30.39 10.19 11.87
C ALA L 35 -31.49 9.61 11.03
N TRP L 36 -32.57 10.37 10.88
CA TRP L 36 -33.70 10.01 10.02
C TRP L 36 -33.89 11.08 8.96
N TYR L 37 -34.30 10.66 7.76
CA TYR L 37 -34.51 11.57 6.64
C TYR L 37 -35.83 11.27 5.96
N GLN L 38 -36.40 12.29 5.33
CA GLN L 38 -37.63 12.16 4.53
C GLN L 38 -37.37 12.69 3.12
N GLN L 39 -37.79 11.91 2.12
CA GLN L 39 -37.58 12.25 0.72
C GLN L 39 -38.87 12.07 -0.08
N LYS L 40 -39.31 13.17 -0.69
CA LYS L 40 -40.47 13.19 -1.59
C LYS L 40 -39.99 13.04 -3.04
N PRO L 41 -40.86 12.51 -3.91
CA PRO L 41 -40.41 12.23 -5.28
C PRO L 41 -39.89 13.46 -5.98
N GLY L 42 -38.66 13.35 -6.50
CA GLY L 42 -38.05 14.41 -7.28
C GLY L 42 -37.34 15.48 -6.49
N LYS L 43 -37.44 15.43 -5.17
CA LYS L 43 -36.84 16.45 -4.29
C LYS L 43 -35.76 15.84 -3.41
N ALA L 44 -34.87 16.71 -2.93
CA ALA L 44 -33.78 16.26 -2.07
C ALA L 44 -34.32 15.86 -0.71
N PRO L 45 -33.66 14.91 -0.02
CA PRO L 45 -34.10 14.54 1.32
C PRO L 45 -34.01 15.69 2.33
N LYS L 46 -34.84 15.61 3.36
CA LYS L 46 -34.91 16.61 4.41
C LYS L 46 -34.63 15.93 5.77
N LEU L 47 -33.82 16.59 6.60
CA LEU L 47 -33.46 16.04 7.89
C LEU L 47 -34.65 16.12 8.85
N LEU L 48 -34.96 15.00 9.50
CA LEU L 48 -36.06 14.93 10.47
C LEU L 48 -35.54 14.87 11.89
N ILE L 49 -34.87 13.76 12.24
CA ILE L 49 -34.36 13.51 13.60
C ILE L 49 -32.85 13.28 13.55
N TYR L 50 -32.15 13.86 14.53
CA TYR L 50 -30.73 13.61 14.73
C TYR L 50 -30.53 13.25 16.17
N SER L 51 -29.41 12.58 16.45
CA SER L 51 -29.08 12.08 17.78
C SER L 51 -30.22 11.23 18.36
N ALA L 52 -30.78 10.37 17.50
CA ALA L 52 -31.81 9.38 17.86
C ALA L 52 -33.19 9.94 18.22
N SER L 53 -33.21 11.05 18.96
CA SER L 53 -34.46 11.62 19.45
C SER L 53 -34.61 13.13 19.32
N SER L 54 -33.60 13.86 18.85
CA SER L 54 -33.68 15.33 18.78
C SER L 54 -34.39 15.76 17.50
N LEU L 55 -35.52 16.47 17.67
CA LEU L 55 -36.22 17.07 16.54
C LEU L 55 -35.36 18.15 15.90
N TYR L 56 -35.41 18.23 14.58
CA TYR L 56 -34.68 19.26 13.86
C TYR L 56 -35.56 20.49 13.73
N SER L 57 -34.93 21.66 13.56
CA SER L 57 -35.64 22.93 13.41
C SER L 57 -36.48 22.95 12.14
N GLY L 58 -37.78 23.20 12.32
CA GLY L 58 -38.74 23.19 11.22
C GLY L 58 -39.43 21.86 11.00
N VAL L 59 -39.46 21.01 12.01
CA VAL L 59 -40.15 19.73 11.93
C VAL L 59 -41.34 19.82 12.87
N PRO L 60 -42.55 19.41 12.41
CA PRO L 60 -43.70 19.41 13.30
C PRO L 60 -43.52 18.51 14.52
N SER L 61 -44.23 18.83 15.60
CA SER L 61 -44.14 18.09 16.85
C SER L 61 -44.75 16.68 16.79
N ARG L 62 -45.45 16.36 15.71
CA ARG L 62 -45.98 15.01 15.52
C ARG L 62 -44.89 13.96 15.25
N PHE L 63 -43.73 14.39 14.80
CA PHE L 63 -42.59 13.50 14.59
C PHE L 63 -41.86 13.29 15.91
N SER L 64 -41.44 12.04 16.14
CA SER L 64 -40.71 11.70 17.36
C SER L 64 -39.79 10.51 17.10
N GLY L 65 -38.60 10.56 17.67
CA GLY L 65 -37.62 9.49 17.55
C GLY L 65 -37.38 8.86 18.90
N SER L 66 -37.29 7.53 18.91
CA SER L 66 -37.05 6.79 20.15
C SER L 66 -36.04 5.69 19.91
N ARG L 67 -35.41 5.24 20.99
CA ARG L 67 -34.46 4.13 20.98
C ARG L 67 -34.93 3.08 21.98
N SER L 68 -34.85 1.82 21.57
CA SER L 68 -35.20 0.70 22.43
C SER L 68 -34.08 -0.35 22.33
N GLY L 69 -33.07 -0.21 23.19
CA GLY L 69 -31.90 -1.06 23.15
C GLY L 69 -31.09 -0.84 21.87
N THR L 70 -31.03 -1.89 21.04
CA THR L 70 -30.36 -1.81 19.73
C THR L 70 -31.31 -1.49 18.58
N ASP L 71 -32.59 -1.28 18.89
CA ASP L 71 -33.60 -0.90 17.90
C ASP L 71 -33.89 0.59 17.97
N PHE L 72 -34.05 1.21 16.79
CA PHE L 72 -34.34 2.64 16.67
C PHE L 72 -35.68 2.83 15.98
N THR L 73 -36.39 3.87 16.39
CA THR L 73 -37.79 4.05 16.03
C THR L 73 -38.05 5.48 15.63
N LEU L 74 -38.83 5.65 14.55
CA LEU L 74 -39.39 6.94 14.16
C LEU L 74 -40.91 6.82 14.15
N THR L 75 -41.55 7.65 14.95
CA THR L 75 -43.00 7.59 15.17
C THR L 75 -43.69 8.89 14.72
N ILE L 76 -44.73 8.74 13.89
CA ILE L 76 -45.60 9.85 13.50
C ILE L 76 -46.91 9.67 14.28
N SER L 77 -47.19 10.60 15.19
CA SER L 77 -48.36 10.51 16.06
C SER L 77 -49.67 10.61 15.26
N SER L 78 -49.77 11.62 14.40
CA SER L 78 -50.94 11.80 13.52
C SER L 78 -50.47 11.97 12.08
N LEU L 79 -50.82 11.00 11.22
CA LEU L 79 -50.38 11.01 9.84
C LEU L 79 -51.09 12.11 9.06
N GLN L 80 -50.31 12.99 8.44
CA GLN L 80 -50.84 14.11 7.65
C GLN L 80 -50.67 13.82 6.15
N PRO L 81 -51.50 14.45 5.31
CA PRO L 81 -51.35 14.25 3.86
C PRO L 81 -49.98 14.63 3.28
N GLU L 82 -49.31 15.59 3.91
CA GLU L 82 -47.98 16.03 3.49
C GLU L 82 -46.84 15.17 4.08
N ASP L 83 -47.18 14.14 4.85
CA ASP L 83 -46.20 13.23 5.44
C ASP L 83 -46.01 11.95 4.63
N PHE L 84 -46.75 11.79 3.54
CA PHE L 84 -46.64 10.59 2.73
C PHE L 84 -45.42 10.71 1.81
N ALA L 85 -44.37 9.99 2.17
CA ALA L 85 -43.12 9.96 1.41
C ALA L 85 -42.28 8.76 1.86
N THR L 86 -41.05 8.69 1.37
CA THR L 86 -40.13 7.63 1.73
C THR L 86 -39.24 8.12 2.87
N TYR L 87 -39.04 7.25 3.86
CA TYR L 87 -38.23 7.56 5.05
C TYR L 87 -36.99 6.67 5.11
N TYR L 88 -35.82 7.30 5.14
CA TYR L 88 -34.54 6.60 5.22
C TYR L 88 -33.96 6.77 6.60
N CYS L 89 -33.43 5.67 7.14
CA CYS L 89 -32.77 5.65 8.46
C CYS L 89 -31.27 5.60 8.26
N GLN L 90 -30.56 6.54 8.87
CA GLN L 90 -29.12 6.55 8.87
C GLN L 90 -28.65 5.78 10.10
N GLN L 91 -27.97 4.66 9.87
CA GLN L 91 -27.53 3.77 10.94
C GLN L 91 -26.51 4.48 11.84
N PRO L 92 -26.26 3.95 13.04
CA PRO L 92 -25.33 4.59 13.98
C PRO L 92 -23.99 4.96 13.34
N SER L 93 -23.73 6.26 13.25
CA SER L 93 -22.57 6.77 12.53
C SER L 93 -21.50 7.13 13.56
N TYR L 94 -20.49 6.29 13.66
CA TYR L 94 -19.35 6.54 14.54
C TYR L 94 -18.38 7.47 13.86
N ILE L 95 -17.63 8.23 14.65
CA ILE L 95 -16.68 9.18 14.14
C ILE L 95 -15.46 8.47 13.57
N TYR L 96 -15.01 8.96 12.42
CA TYR L 96 -13.95 8.36 11.59
C TYR L 96 -14.39 7.15 10.75
N TYR L 97 -15.64 6.70 10.94
CA TYR L 97 -16.13 5.48 10.29
C TYR L 97 -17.16 5.85 9.22
N PRO L 98 -17.34 4.98 8.21
CA PRO L 98 -18.29 5.28 7.16
C PRO L 98 -19.75 5.40 7.62
N VAL L 99 -20.57 5.91 6.71
CA VAL L 99 -21.99 6.16 6.96
C VAL L 99 -22.82 5.21 6.10
N THR L 100 -23.89 4.66 6.69
CA THR L 100 -24.75 3.71 6.00
C THR L 100 -26.21 4.14 6.14
N PHE L 101 -26.91 4.18 5.00
CA PHE L 101 -28.34 4.43 4.94
C PHE L 101 -29.12 3.12 4.80
N GLY L 102 -30.16 2.98 5.62
CA GLY L 102 -30.99 1.78 5.63
C GLY L 102 -31.98 1.76 4.50
N GLN L 103 -32.73 0.67 4.42
CA GLN L 103 -33.76 0.50 3.41
C GLN L 103 -34.87 1.53 3.63
N GLY L 104 -35.22 2.22 2.54
CA GLY L 104 -36.27 3.22 2.60
C GLY L 104 -37.61 2.55 2.83
N THR L 105 -38.48 3.22 3.56
CA THR L 105 -39.84 2.73 3.81
C THR L 105 -40.82 3.74 3.22
N LYS L 106 -41.43 3.36 2.11
CA LYS L 106 -42.35 4.24 1.39
C LYS L 106 -43.76 4.09 1.96
N VAL L 107 -44.34 5.22 2.34
CA VAL L 107 -45.67 5.26 2.94
C VAL L 107 -46.65 5.82 1.92
N GLU L 108 -47.56 4.95 1.47
CA GLU L 108 -48.63 5.33 0.56
C GLU L 108 -49.92 5.51 1.34
N ILE L 109 -50.85 6.23 0.72
CA ILE L 109 -52.17 6.48 1.28
C ILE L 109 -53.12 5.33 0.88
N LYS L 110 -53.83 4.79 1.87
CA LYS L 110 -54.78 3.71 1.64
C LYS L 110 -56.04 4.26 0.97
N ARG L 111 -56.60 3.46 0.07
CA ARG L 111 -57.73 3.86 -0.74
C ARG L 111 -58.62 2.64 -0.98
N THR L 112 -59.88 2.89 -1.33
CA THR L 112 -60.79 1.83 -1.73
C THR L 112 -60.30 1.12 -2.99
N VAL L 113 -60.74 -0.12 -3.14
CA VAL L 113 -60.29 -0.98 -4.24
C VAL L 113 -60.83 -0.41 -5.55
N ALA L 114 -59.94 -0.19 -6.52
CA ALA L 114 -60.29 0.35 -7.83
C ALA L 114 -59.73 -0.55 -8.92
N ALA L 115 -60.62 -1.07 -9.76
CA ALA L 115 -60.21 -1.97 -10.84
C ALA L 115 -59.58 -1.17 -11.98
N PRO L 116 -58.55 -1.72 -12.64
CA PRO L 116 -57.89 -1.01 -13.74
C PRO L 116 -58.69 -1.03 -15.02
N SER L 117 -58.63 0.07 -15.75
CA SER L 117 -59.21 0.15 -17.08
C SER L 117 -58.12 -0.23 -18.08
N VAL L 118 -58.34 -1.34 -18.77
CA VAL L 118 -57.32 -1.95 -19.64
C VAL L 118 -57.48 -1.46 -21.08
N PHE L 119 -56.38 -0.93 -21.62
CA PHE L 119 -56.32 -0.50 -23.00
C PHE L 119 -55.07 -1.11 -23.61
N ILE L 120 -55.17 -1.51 -24.88
CA ILE L 120 -54.05 -2.05 -25.64
C ILE L 120 -53.89 -1.20 -26.87
N PHE L 121 -52.65 -0.90 -27.21
CA PHE L 121 -52.37 -0.12 -28.39
C PHE L 121 -51.43 -0.89 -29.31
N PRO L 122 -51.89 -1.17 -30.55
CA PRO L 122 -51.02 -1.85 -31.50
C PRO L 122 -49.90 -0.92 -31.99
N PRO L 123 -48.81 -1.49 -32.52
CA PRO L 123 -47.73 -0.66 -33.01
C PRO L 123 -48.11 0.03 -34.31
N SER L 124 -47.74 1.30 -34.44
CA SER L 124 -48.04 2.09 -35.65
C SER L 124 -47.24 1.59 -36.84
N ASP L 125 -47.75 1.84 -38.04
CA ASP L 125 -47.09 1.41 -39.28
C ASP L 125 -45.73 2.11 -39.47
N SER L 126 -45.63 3.35 -38.99
CA SER L 126 -44.37 4.10 -39.05
C SER L 126 -43.23 3.40 -38.29
N GLN L 127 -43.58 2.72 -37.20
CA GLN L 127 -42.60 1.91 -36.45
C GLN L 127 -42.29 0.62 -37.20
N LEU L 128 -43.29 0.00 -37.81
CA LEU L 128 -43.07 -1.19 -38.63
C LEU L 128 -42.14 -0.93 -39.81
N LYS L 129 -42.13 0.31 -40.29
CA LYS L 129 -41.19 0.72 -41.34
C LYS L 129 -39.71 0.80 -40.88
N SER L 130 -39.46 0.63 -39.59
CA SER L 130 -38.08 0.66 -39.07
C SER L 130 -37.50 -0.72 -38.72
N GLY L 131 -38.35 -1.73 -38.56
CA GLY L 131 -37.90 -3.10 -38.26
C GLY L 131 -38.25 -3.65 -36.88
N THR L 132 -38.95 -2.84 -36.06
CA THR L 132 -39.33 -3.22 -34.69
C THR L 132 -40.79 -2.89 -34.43
N ALA L 133 -41.45 -3.70 -33.60
CA ALA L 133 -42.85 -3.52 -33.26
C ALA L 133 -42.99 -3.52 -31.76
N SER L 134 -43.66 -2.50 -31.23
CA SER L 134 -43.86 -2.34 -29.79
C SER L 134 -45.36 -2.31 -29.47
N VAL L 135 -45.85 -3.35 -28.80
CA VAL L 135 -47.23 -3.44 -28.37
C VAL L 135 -47.28 -3.10 -26.90
N VAL L 136 -48.09 -2.12 -26.54
CA VAL L 136 -48.17 -1.62 -25.17
C VAL L 136 -49.56 -1.92 -24.62
N CYS L 137 -49.61 -2.30 -23.36
CA CYS L 137 -50.86 -2.55 -22.66
C CYS L 137 -50.91 -1.59 -21.47
N LEU L 138 -52.05 -0.92 -21.32
CA LEU L 138 -52.22 0.16 -20.35
C LEU L 138 -53.16 -0.30 -19.24
N LEU L 139 -52.72 -0.15 -17.99
CA LEU L 139 -53.56 -0.35 -16.82
C LEU L 139 -53.72 1.02 -16.19
N ASN L 140 -54.91 1.59 -16.33
CA ASN L 140 -55.16 2.99 -15.96
C ASN L 140 -56.00 3.09 -14.70
N ASN L 141 -55.52 3.89 -13.75
CA ASN L 141 -56.24 4.23 -12.50
C ASN L 141 -56.75 3.01 -11.73
N PHE L 142 -55.88 2.43 -10.93
CA PHE L 142 -56.24 1.27 -10.13
C PHE L 142 -55.56 1.32 -8.77
N TYR L 143 -56.00 0.43 -7.89
CA TYR L 143 -55.46 0.29 -6.54
C TYR L 143 -55.81 -1.11 -5.99
N PRO L 144 -54.86 -1.78 -5.32
CA PRO L 144 -53.52 -1.33 -4.92
C PRO L 144 -52.48 -1.42 -6.04
N ARG L 145 -51.24 -1.09 -5.69
CA ARG L 145 -50.14 -1.08 -6.64
C ARG L 145 -49.85 -2.43 -7.31
N GLU L 146 -50.09 -3.52 -6.56
CA GLU L 146 -49.77 -4.86 -7.05
C GLU L 146 -50.72 -5.25 -8.18
N ALA L 147 -50.14 -5.60 -9.32
CA ALA L 147 -50.89 -6.05 -10.49
C ALA L 147 -49.98 -6.83 -11.41
N LYS L 148 -50.51 -7.90 -11.99
CA LYS L 148 -49.76 -8.77 -12.89
C LYS L 148 -50.32 -8.68 -14.32
N VAL L 149 -49.42 -8.56 -15.29
CA VAL L 149 -49.79 -8.48 -16.70
C VAL L 149 -49.14 -9.65 -17.43
N GLN L 150 -49.95 -10.39 -18.19
CA GLN L 150 -49.49 -11.55 -18.96
C GLN L 150 -49.72 -11.31 -20.44
N TRP L 151 -48.65 -11.45 -21.22
CA TRP L 151 -48.71 -11.31 -22.67
C TRP L 151 -48.88 -12.68 -23.29
N LYS L 152 -49.72 -12.75 -24.33
CA LYS L 152 -49.95 -13.99 -25.07
C LYS L 152 -50.01 -13.67 -26.56
N VAL L 153 -49.16 -14.34 -27.33
CA VAL L 153 -49.19 -14.24 -28.80
C VAL L 153 -49.46 -15.63 -29.38
N ASP L 154 -50.53 -15.75 -30.17
CA ASP L 154 -51.02 -17.05 -30.66
C ASP L 154 -51.14 -18.06 -29.50
N ASN L 155 -51.69 -17.57 -28.38
CA ASN L 155 -51.82 -18.36 -27.15
C ASN L 155 -50.50 -18.97 -26.68
N ALA L 156 -49.40 -18.26 -26.94
CA ALA L 156 -48.07 -18.65 -26.46
C ALA L 156 -47.66 -17.66 -25.39
N LEU L 157 -47.45 -18.17 -24.18
CA LEU L 157 -47.13 -17.33 -23.04
C LEU L 157 -45.73 -16.77 -23.16
N GLN L 158 -45.63 -15.45 -23.00
CA GLN L 158 -44.36 -14.73 -23.15
C GLN L 158 -43.81 -14.35 -21.80
N SER L 159 -42.48 -14.24 -21.73
CA SER L 159 -41.78 -13.82 -20.53
C SER L 159 -40.38 -13.32 -20.90
N GLY L 160 -39.99 -12.22 -20.28
CA GLY L 160 -38.68 -11.61 -20.53
C GLY L 160 -38.62 -10.60 -21.67
N ASN L 161 -39.62 -10.62 -22.55
CA ASN L 161 -39.69 -9.71 -23.70
C ASN L 161 -40.57 -8.47 -23.44
N SER L 162 -40.86 -8.23 -22.17
CA SER L 162 -41.75 -7.11 -21.80
C SER L 162 -41.24 -6.32 -20.59
N GLN L 163 -41.29 -4.99 -20.64
CA GLN L 163 -40.86 -4.14 -19.50
C GLN L 163 -42.05 -3.28 -19.09
N GLU L 164 -42.16 -2.92 -17.80
CA GLU L 164 -43.37 -2.21 -17.34
C GLU L 164 -43.01 -1.11 -16.36
N SER L 165 -43.83 -0.08 -16.26
CA SER L 165 -43.48 1.05 -15.39
C SER L 165 -44.73 1.55 -14.69
N VAL L 166 -44.60 1.90 -13.42
CA VAL L 166 -45.81 2.26 -12.65
C VAL L 166 -45.76 3.73 -12.28
N THR L 167 -46.88 4.41 -12.44
CA THR L 167 -46.94 5.85 -12.15
C THR L 167 -46.93 6.06 -10.65
N GLU L 168 -46.21 7.07 -10.19
CA GLU L 168 -46.30 7.41 -8.78
C GLU L 168 -47.76 7.55 -8.35
N GLN L 169 -48.01 7.37 -7.06
CA GLN L 169 -49.36 7.50 -6.54
C GLN L 169 -49.86 8.93 -6.77
N ASP L 170 -50.99 9.04 -7.47
CA ASP L 170 -51.51 10.35 -7.88
C ASP L 170 -51.96 11.16 -6.65
N SER L 171 -51.81 12.47 -6.74
CA SER L 171 -52.20 13.38 -5.66
C SER L 171 -53.70 13.68 -5.62
N LYS L 172 -54.41 13.38 -6.71
CA LYS L 172 -55.85 13.66 -6.82
C LYS L 172 -56.69 12.47 -6.37
N ASP L 173 -56.51 11.34 -7.05
CA ASP L 173 -57.34 10.16 -6.80
C ASP L 173 -56.64 9.06 -6.00
N SER L 174 -55.34 9.21 -5.75
CA SER L 174 -54.54 8.22 -5.00
C SER L 174 -54.54 6.84 -5.67
N THR L 175 -54.54 6.84 -7.00
CA THR L 175 -54.53 5.61 -7.80
C THR L 175 -53.23 5.50 -8.60
N TYR L 176 -52.95 4.28 -9.05
CA TYR L 176 -51.73 3.98 -9.80
C TYR L 176 -52.09 3.71 -11.24
N SER L 177 -51.09 3.79 -12.10
CA SER L 177 -51.23 3.46 -13.52
C SER L 177 -50.00 2.67 -13.95
N LEU L 178 -50.20 1.66 -14.80
CA LEU L 178 -49.13 0.78 -15.27
C LEU L 178 -49.16 0.69 -16.79
N SER L 179 -47.97 0.70 -17.38
CA SER L 179 -47.81 0.57 -18.83
C SER L 179 -46.76 -0.48 -19.11
N SER L 180 -47.17 -1.58 -19.74
CA SER L 180 -46.29 -2.69 -20.12
C SER L 180 -46.06 -2.66 -21.62
N THR L 181 -44.80 -2.71 -22.03
CA THR L 181 -44.42 -2.63 -23.44
C THR L 181 -43.79 -3.94 -23.87
N LEU L 182 -44.31 -4.51 -24.95
CA LEU L 182 -43.80 -5.74 -25.55
C LEU L 182 -43.15 -5.37 -26.87
N THR L 183 -41.85 -5.62 -26.98
CA THR L 183 -41.08 -5.23 -28.17
C THR L 183 -40.51 -6.48 -28.85
N LEU L 184 -40.82 -6.62 -30.15
CA LEU L 184 -40.32 -7.70 -30.99
C LEU L 184 -39.81 -7.14 -32.32
N SER L 185 -39.03 -7.95 -33.01
CA SER L 185 -38.55 -7.58 -34.34
C SER L 185 -39.69 -7.70 -35.34
N LYS L 186 -39.47 -7.16 -36.54
CA LYS L 186 -40.49 -7.21 -37.59
C LYS L 186 -40.75 -8.64 -38.05
N ALA L 187 -39.69 -9.45 -38.14
CA ALA L 187 -39.79 -10.82 -38.65
C ALA L 187 -40.71 -11.69 -37.81
N ASP L 188 -40.47 -11.71 -36.50
CA ASP L 188 -41.31 -12.48 -35.59
C ASP L 188 -42.72 -11.89 -35.43
N TYR L 189 -42.86 -10.58 -35.62
CA TYR L 189 -44.16 -9.91 -35.49
C TYR L 189 -45.16 -10.31 -36.59
N GLU L 190 -44.67 -10.43 -37.82
CA GLU L 190 -45.51 -10.80 -38.96
C GLU L 190 -45.71 -12.30 -39.14
N LYS L 191 -45.05 -13.12 -38.33
CA LYS L 191 -45.24 -14.57 -38.37
C LYS L 191 -46.34 -15.09 -37.45
N HIS L 192 -47.00 -14.18 -36.71
CA HIS L 192 -48.05 -14.56 -35.76
C HIS L 192 -49.25 -13.64 -35.89
N LYS L 193 -50.37 -14.11 -35.35
CA LYS L 193 -51.69 -13.55 -35.65
C LYS L 193 -52.26 -12.75 -34.49
N VAL L 194 -52.72 -13.44 -33.45
CA VAL L 194 -53.49 -12.83 -32.38
C VAL L 194 -52.55 -12.41 -31.25
N TYR L 195 -52.71 -11.15 -30.81
CA TYR L 195 -51.96 -10.60 -29.67
C TYR L 195 -52.97 -10.22 -28.60
N ALA L 196 -52.70 -10.62 -27.36
CA ALA L 196 -53.62 -10.40 -26.24
C ALA L 196 -52.86 -10.07 -24.96
N CYS L 197 -53.48 -9.21 -24.15
CA CYS L 197 -52.91 -8.78 -22.89
C CYS L 197 -53.89 -9.14 -21.77
N GLU L 198 -53.49 -10.10 -20.93
CA GLU L 198 -54.32 -10.56 -19.82
C GLU L 198 -53.88 -9.90 -18.53
N VAL L 199 -54.82 -9.29 -17.84
CA VAL L 199 -54.56 -8.52 -16.62
C VAL L 199 -55.17 -9.25 -15.43
N THR L 200 -54.37 -9.38 -14.37
CA THR L 200 -54.82 -9.91 -13.08
C THR L 200 -54.65 -8.83 -12.00
N HIS L 201 -55.72 -8.58 -11.26
CA HIS L 201 -55.72 -7.55 -10.24
C HIS L 201 -56.71 -7.91 -9.15
N GLN L 202 -56.55 -7.28 -8.00
CA GLN L 202 -57.40 -7.48 -6.83
C GLN L 202 -58.86 -7.10 -7.10
N GLY L 203 -59.06 -5.94 -7.72
CA GLY L 203 -60.40 -5.45 -8.04
C GLY L 203 -61.13 -6.15 -9.17
N LEU L 204 -60.55 -7.23 -9.72
CA LEU L 204 -61.17 -7.98 -10.80
C LEU L 204 -61.40 -9.41 -10.33
N SER L 205 -62.65 -9.85 -10.35
CA SER L 205 -63.00 -11.22 -9.98
C SER L 205 -62.41 -12.24 -10.96
N SER L 206 -62.34 -11.88 -12.23
CA SER L 206 -61.72 -12.72 -13.26
C SER L 206 -60.76 -11.87 -14.09
N PRO L 207 -59.70 -12.51 -14.66
CA PRO L 207 -58.74 -11.75 -15.45
C PRO L 207 -59.35 -11.15 -16.72
N VAL L 208 -58.92 -9.93 -17.03
CA VAL L 208 -59.42 -9.18 -18.16
C VAL L 208 -58.43 -9.31 -19.30
N THR L 209 -58.95 -9.54 -20.49
CA THR L 209 -58.15 -9.72 -21.71
C THR L 209 -58.49 -8.64 -22.71
N LYS L 210 -57.47 -7.93 -23.19
CA LYS L 210 -57.58 -6.94 -24.26
C LYS L 210 -56.74 -7.41 -25.44
N SER L 211 -57.42 -7.83 -26.51
CA SER L 211 -56.77 -8.44 -27.67
C SER L 211 -57.01 -7.63 -28.94
N PHE L 212 -56.19 -7.93 -29.93
CA PHE L 212 -56.33 -7.36 -31.26
C PHE L 212 -55.59 -8.26 -32.27
N ASN L 213 -56.13 -8.30 -33.49
CA ASN L 213 -55.54 -9.08 -34.59
C ASN L 213 -54.73 -8.18 -35.50
N ARG L 214 -53.63 -8.71 -36.02
CA ARG L 214 -52.70 -7.96 -36.85
C ARG L 214 -53.36 -7.54 -38.17
N GLY L 215 -53.38 -6.23 -38.44
CA GLY L 215 -53.91 -5.70 -39.69
C GLY L 215 -55.42 -5.54 -39.66
N GLU L 216 -55.88 -4.61 -38.83
CA GLU L 216 -57.30 -4.26 -38.75
C GLU L 216 -57.49 -2.77 -38.46
N ILE M 3 25.77 8.16 0.08
CA ILE M 3 25.32 7.20 1.14
C ILE M 3 26.21 5.94 1.17
N GLN M 4 26.73 5.62 2.34
CA GLN M 4 27.57 4.44 2.53
C GLN M 4 27.10 3.64 3.74
N MET M 5 27.36 2.35 3.71
CA MET M 5 26.91 1.44 4.77
C MET M 5 27.96 1.18 5.83
N THR M 6 29.21 0.97 5.41
CA THR M 6 30.32 0.68 6.31
C THR M 6 31.39 1.77 6.18
N GLN M 7 32.46 1.60 6.95
CA GLN M 7 33.57 2.54 6.99
C GLN M 7 34.77 1.97 6.27
N SER M 8 35.66 2.86 5.83
CA SER M 8 36.94 2.45 5.27
C SER M 8 37.84 2.01 6.41
N PRO M 9 38.67 0.98 6.17
CA PRO M 9 39.55 0.49 7.22
C PRO M 9 40.63 1.51 7.59
N SER M 10 40.87 1.66 8.89
CA SER M 10 41.92 2.54 9.38
C SER M 10 43.28 1.91 9.11
N SER M 11 44.30 2.76 9.04
CA SER M 11 45.67 2.33 8.74
C SER M 11 46.51 2.20 10.01
N LEU M 12 47.51 1.31 9.94
CA LEU M 12 48.41 1.07 11.05
C LEU M 12 49.81 0.82 10.49
N SER M 13 50.72 1.74 10.75
CA SER M 13 52.09 1.64 10.25
C SER M 13 52.93 0.88 11.24
N ALA M 14 53.55 -0.21 10.78
CA ALA M 14 54.37 -1.07 11.62
C ALA M 14 55.47 -1.73 10.81
N SER M 15 56.60 -1.98 11.44
CA SER M 15 57.74 -2.64 10.81
C SER M 15 57.77 -4.12 11.21
N VAL M 16 58.66 -4.86 10.57
CA VAL M 16 58.80 -6.29 10.82
C VAL M 16 59.41 -6.50 12.21
N GLY M 17 58.80 -7.39 13.00
CA GLY M 17 59.27 -7.68 14.36
C GLY M 17 58.58 -6.93 15.46
N ASP M 18 57.76 -5.93 15.11
CA ASP M 18 57.02 -5.16 16.10
C ASP M 18 55.91 -5.99 16.72
N ARG M 19 55.47 -5.56 17.90
CA ARG M 19 54.33 -6.15 18.58
C ARG M 19 53.11 -5.27 18.30
N VAL M 20 52.06 -5.88 17.76
CA VAL M 20 50.85 -5.17 17.39
C VAL M 20 49.70 -5.72 18.20
N THR M 21 48.87 -4.82 18.71
CA THR M 21 47.71 -5.18 19.51
C THR M 21 46.51 -4.37 19.02
N ILE M 22 45.68 -4.99 18.21
CA ILE M 22 44.48 -4.27 17.71
C ILE M 22 43.49 -4.33 18.85
N THR M 23 42.29 -3.78 18.71
CA THR M 23 41.30 -3.94 19.80
C THR M 23 39.90 -3.74 19.24
N CYS M 24 38.93 -4.47 19.79
CA CYS M 24 37.53 -4.27 19.36
C CYS M 24 36.87 -3.58 20.53
N ARG M 25 35.59 -3.30 20.43
CA ARG M 25 34.97 -2.70 21.63
C ARG M 25 33.48 -2.89 21.54
N ALA M 26 32.95 -3.63 22.49
CA ALA M 26 31.52 -3.89 22.50
C ALA M 26 31.02 -3.71 23.93
N SER M 27 30.09 -2.79 24.11
CA SER M 27 29.62 -2.51 25.49
C SER M 27 28.34 -3.30 25.74
N GLN M 28 27.98 -3.40 27.01
CA GLN M 28 26.81 -4.21 27.35
C GLN M 28 27.00 -5.55 26.64
N SER M 29 28.24 -5.99 26.55
CA SER M 29 28.53 -7.32 25.95
C SER M 29 28.43 -8.34 27.07
N VAL M 30 27.99 -9.54 26.74
CA VAL M 30 27.95 -10.59 27.77
C VAL M 30 28.32 -11.94 27.15
N SER M 31 29.16 -11.91 26.13
CA SER M 31 29.60 -13.12 25.45
C SER M 31 31.08 -13.08 25.15
N SER M 32 31.63 -14.27 24.96
CA SER M 32 33.03 -14.45 24.57
C SER M 32 33.14 -15.00 23.15
N ALA M 33 32.04 -14.97 22.39
CA ALA M 33 32.01 -15.53 21.03
C ALA M 33 32.39 -14.48 20.00
N VAL M 34 33.65 -14.05 20.09
CA VAL M 34 34.20 -13.03 19.20
C VAL M 34 35.22 -13.70 18.28
N ALA M 35 35.11 -13.41 16.99
CA ALA M 35 36.01 -13.96 15.99
C ALA M 35 36.85 -12.86 15.36
N TRP M 36 38.04 -13.24 14.87
CA TRP M 36 38.93 -12.33 14.14
C TRP M 36 39.18 -12.88 12.73
N TYR M 37 39.26 -11.98 11.76
CA TYR M 37 39.47 -12.34 10.35
C TYR M 37 40.59 -11.52 9.74
N GLN M 38 41.26 -12.10 8.76
CA GLN M 38 42.32 -11.43 8.00
C GLN M 38 41.97 -11.52 6.53
N GLN M 39 42.12 -10.41 5.82
CA GLN M 39 41.79 -10.32 4.41
C GLN M 39 42.90 -9.60 3.67
N LYS M 40 43.43 -10.25 2.64
CA LYS M 40 44.44 -9.66 1.75
C LYS M 40 43.75 -9.15 0.50
N PRO M 41 44.34 -8.15 -0.18
CA PRO M 41 43.69 -7.55 -1.36
C PRO M 41 43.41 -8.56 -2.49
N GLY M 42 42.15 -8.56 -2.94
CA GLY M 42 41.70 -9.47 -3.98
C GLY M 42 41.31 -10.86 -3.51
N LYS M 43 41.49 -11.18 -2.24
CA LYS M 43 41.20 -12.50 -1.69
C LYS M 43 40.13 -12.42 -0.62
N ALA M 44 39.43 -13.54 -0.44
CA ALA M 44 38.39 -13.63 0.58
C ALA M 44 39.02 -13.68 1.98
N PRO M 45 38.30 -13.16 2.99
CA PRO M 45 38.82 -13.24 4.35
C PRO M 45 38.95 -14.66 4.86
N LYS M 46 39.86 -14.85 5.80
CA LYS M 46 40.13 -16.15 6.41
C LYS M 46 40.00 -16.02 7.91
N LEU M 47 39.44 -17.05 8.54
CA LEU M 47 39.21 -17.04 9.98
C LEU M 47 40.52 -17.24 10.75
N LEU M 48 40.74 -16.37 11.74
CA LEU M 48 41.94 -16.42 12.59
C LEU M 48 41.64 -17.01 13.96
N ILE M 49 40.88 -16.28 14.76
CA ILE M 49 40.59 -16.66 16.15
C ILE M 49 39.08 -16.78 16.31
N TYR M 50 38.65 -17.75 17.10
CA TYR M 50 37.25 -17.91 17.50
C TYR M 50 37.20 -18.06 19.01
N SER M 51 36.02 -17.82 19.57
CA SER M 51 35.77 -17.92 21.01
C SER M 51 36.76 -17.07 21.82
N ALA M 52 36.99 -15.84 21.35
CA ALA M 52 37.84 -14.84 22.03
C ALA M 52 39.34 -15.15 22.03
N SER M 53 39.70 -16.42 22.22
CA SER M 53 41.11 -16.83 22.34
C SER M 53 41.52 -18.11 21.62
N SER M 54 40.57 -18.89 21.09
CA SER M 54 40.89 -20.17 20.47
C SER M 54 41.39 -19.96 19.04
N LEU M 55 42.61 -20.43 18.77
CA LEU M 55 43.19 -20.35 17.42
C LEU M 55 42.56 -21.38 16.50
N TYR M 56 42.47 -21.03 15.22
CA TYR M 56 41.98 -21.94 14.19
C TYR M 56 43.13 -22.78 13.67
N SER M 57 42.80 -23.94 13.13
CA SER M 57 43.79 -24.85 12.57
C SER M 57 44.58 -24.17 11.46
N GLY M 58 45.90 -24.10 11.64
CA GLY M 58 46.81 -23.55 10.64
C GLY M 58 47.17 -22.09 10.85
N VAL M 59 47.03 -21.59 12.07
CA VAL M 59 47.37 -20.21 12.40
C VAL M 59 48.67 -20.24 13.23
N PRO M 60 49.67 -19.43 12.85
CA PRO M 60 50.91 -19.40 13.64
C PRO M 60 50.70 -18.99 15.09
N SER M 61 51.58 -19.45 15.97
CA SER M 61 51.48 -19.19 17.42
C SER M 61 51.76 -17.73 17.81
N ARG M 62 52.28 -16.94 16.89
CA ARG M 62 52.47 -15.50 17.11
C ARG M 62 51.14 -14.73 17.22
N PHE M 63 50.07 -15.29 16.66
CA PHE M 63 48.73 -14.71 16.81
C PHE M 63 48.12 -15.14 18.13
N SER M 64 47.46 -14.20 18.80
CA SER M 64 46.86 -14.46 20.10
C SER M 64 45.68 -13.54 20.30
N GLY M 65 44.63 -14.07 20.93
CA GLY M 65 43.43 -13.30 21.26
C GLY M 65 43.18 -13.28 22.74
N SER M 66 42.76 -12.13 23.26
CA SER M 66 42.45 -11.98 24.68
C SER M 66 41.18 -11.17 24.87
N ARG M 67 40.54 -11.38 26.02
CA ARG M 67 39.31 -10.69 26.39
C ARG M 67 39.50 -10.06 27.74
N SER M 68 39.10 -8.80 27.86
CA SER M 68 39.18 -8.05 29.12
C SER M 68 37.89 -7.26 29.30
N GLY M 69 36.91 -7.91 29.91
CA GLY M 69 35.58 -7.32 30.11
C GLY M 69 34.79 -7.22 28.82
N THR M 70 34.52 -6.00 28.38
CA THR M 70 33.81 -5.75 27.12
C THR M 70 34.75 -5.47 25.95
N ASP M 71 36.06 -5.48 26.21
CA ASP M 71 37.07 -5.24 25.17
C ASP M 71 37.65 -6.56 24.70
N PHE M 72 37.86 -6.68 23.38
CA PHE M 72 38.49 -7.86 22.79
C PHE M 72 39.71 -7.44 22.02
N THR M 73 40.69 -8.32 21.95
CA THR M 73 42.03 -7.99 21.49
C THR M 73 42.56 -9.04 20.54
N LEU M 74 43.25 -8.58 19.50
CA LEU M 74 44.07 -9.43 18.64
C LEU M 74 45.48 -8.92 18.67
N THR M 75 46.41 -9.80 19.03
CA THR M 75 47.82 -9.44 19.21
C THR M 75 48.69 -10.29 18.29
N ILE M 76 49.61 -9.61 17.60
CA ILE M 76 50.66 -10.27 16.82
C ILE M 76 51.98 -9.98 17.53
N SER M 77 52.59 -11.01 18.10
CA SER M 77 53.81 -10.84 18.89
C SER M 77 54.96 -10.33 18.04
N SER M 78 55.21 -11.00 16.92
CA SER M 78 56.27 -10.60 15.97
C SER M 78 55.67 -10.47 14.58
N LEU M 79 55.66 -9.25 14.05
CA LEU M 79 55.03 -9.00 12.76
C LEU M 79 55.93 -9.52 11.65
N GLN M 80 55.35 -10.34 10.77
CA GLN M 80 56.03 -10.88 9.60
C GLN M 80 55.52 -10.21 8.31
N PRO M 81 56.32 -10.25 7.23
CA PRO M 81 55.89 -9.62 5.96
C PRO M 81 54.55 -10.11 5.39
N GLU M 82 54.22 -11.37 5.64
CA GLU M 82 52.93 -11.95 5.22
C GLU M 82 51.77 -11.65 6.17
N ASP M 83 52.02 -10.88 7.24
CA ASP M 83 50.99 -10.50 8.19
C ASP M 83 50.41 -9.11 7.93
N PHE M 84 50.91 -8.42 6.91
CA PHE M 84 50.42 -7.09 6.56
C PHE M 84 49.15 -7.22 5.72
N ALA M 85 48.01 -6.92 6.33
CA ALA M 85 46.72 -7.00 5.66
C ALA M 85 45.67 -6.26 6.52
N THR M 86 44.40 -6.42 6.16
CA THR M 86 43.29 -5.83 6.88
C THR M 86 42.69 -6.85 7.82
N TYR M 87 42.49 -6.47 9.08
CA TYR M 87 41.92 -7.37 10.09
C TYR M 87 40.56 -6.87 10.53
N TYR M 88 39.56 -7.74 10.47
CA TYR M 88 38.20 -7.42 10.86
C TYR M 88 37.85 -8.16 12.15
N CYS M 89 37.18 -7.44 13.06
CA CYS M 89 36.69 -8.00 14.31
C CYS M 89 35.19 -8.26 14.23
N GLN M 90 34.79 -9.49 14.51
CA GLN M 90 33.37 -9.85 14.56
C GLN M 90 32.89 -9.66 15.98
N GLN M 91 31.88 -8.81 16.15
CA GLN M 91 31.36 -8.47 17.46
C GLN M 91 30.74 -9.71 18.10
N PRO M 92 30.54 -9.69 19.44
CA PRO M 92 29.94 -10.82 20.14
C PRO M 92 28.64 -11.30 19.51
N SER M 93 28.72 -12.44 18.83
CA SER M 93 27.60 -12.96 18.06
C SER M 93 26.79 -13.92 18.92
N TYR M 94 25.65 -13.45 19.39
CA TYR M 94 24.74 -14.29 20.17
C TYR M 94 23.93 -15.15 19.22
N ILE M 95 23.53 -16.33 19.70
CA ILE M 95 22.72 -17.24 18.91
C ILE M 95 21.31 -16.69 18.75
N TYR M 96 20.75 -16.84 17.55
CA TYR M 96 19.44 -16.27 17.12
C TYR M 96 19.46 -14.77 16.78
N TYR M 97 20.61 -14.11 16.94
CA TYR M 97 20.71 -12.66 16.77
C TYR M 97 21.61 -12.36 15.58
N PRO M 98 21.46 -11.17 14.98
CA PRO M 98 22.29 -10.81 13.83
C PRO M 98 23.77 -10.71 14.14
N VAL M 99 24.56 -10.73 13.08
CA VAL M 99 26.03 -10.69 13.17
C VAL M 99 26.50 -9.33 12.68
N THR M 100 27.50 -8.79 13.35
CA THR M 100 28.06 -7.50 13.01
C THR M 100 29.57 -7.60 12.91
N PHE M 101 30.12 -7.01 11.86
CA PHE M 101 31.58 -6.88 11.68
C PHE M 101 32.01 -5.45 11.99
N GLY M 102 33.09 -5.34 12.76
CA GLY M 102 33.64 -4.04 13.13
C GLY M 102 34.45 -3.41 12.00
N GLN M 103 34.93 -2.20 12.27
CA GLN M 103 35.77 -1.49 11.32
C GLN M 103 37.07 -2.23 11.11
N GLY M 104 37.44 -2.42 9.86
CA GLY M 104 38.68 -3.10 9.53
C GLY M 104 39.87 -2.26 9.95
N THR M 105 40.98 -2.92 10.23
CA THR M 105 42.21 -2.26 10.58
C THR M 105 43.28 -2.72 9.63
N LYS M 106 43.64 -1.85 8.69
CA LYS M 106 44.64 -2.17 7.70
C LYS M 106 46.02 -1.92 8.26
N VAL M 107 46.88 -2.92 8.17
CA VAL M 107 48.24 -2.85 8.69
C VAL M 107 49.19 -2.78 7.51
N GLU M 108 49.84 -1.61 7.36
CA GLU M 108 50.80 -1.36 6.29
C GLU M 108 52.22 -1.38 6.87
N ILE M 109 53.17 -1.65 6.00
CA ILE M 109 54.58 -1.80 6.37
C ILE M 109 55.27 -0.45 6.29
N LYS M 110 56.04 -0.12 7.32
CA LYS M 110 56.73 1.15 7.39
C LYS M 110 57.94 1.14 6.47
N ARG M 111 58.27 2.31 5.94
CA ARG M 111 59.46 2.49 5.11
C ARG M 111 59.95 3.91 5.28
N THR M 112 61.10 4.19 4.66
CA THR M 112 61.66 5.53 4.66
C THR M 112 60.83 6.46 3.80
N VAL M 113 60.83 7.73 4.18
CA VAL M 113 60.02 8.73 3.50
C VAL M 113 60.52 8.86 2.06
N ALA M 114 59.58 8.79 1.12
CA ALA M 114 59.89 8.90 -0.30
C ALA M 114 59.03 9.98 -0.93
N ALA M 115 59.66 10.95 -1.58
CA ALA M 115 58.95 12.04 -2.24
C ALA M 115 58.37 11.57 -3.58
N PRO M 116 57.15 12.03 -3.92
CA PRO M 116 56.52 11.60 -5.17
C PRO M 116 57.12 12.26 -6.39
N SER M 117 57.20 11.50 -7.48
CA SER M 117 57.59 12.03 -8.77
C SER M 117 56.32 12.44 -9.50
N VAL M 118 56.19 13.73 -9.76
CA VAL M 118 54.95 14.30 -10.30
C VAL M 118 55.01 14.41 -11.83
N PHE M 119 53.99 13.88 -12.49
CA PHE M 119 53.85 14.00 -13.94
C PHE M 119 52.46 14.49 -14.28
N ILE M 120 52.39 15.36 -15.29
CA ILE M 120 51.13 15.96 -15.73
C ILE M 120 50.95 15.61 -17.22
N PHE M 121 49.74 15.19 -17.57
CA PHE M 121 49.41 14.78 -18.93
C PHE M 121 48.23 15.61 -19.45
N PRO M 122 48.45 16.39 -20.53
CA PRO M 122 47.33 17.09 -21.16
C PRO M 122 46.41 16.11 -21.88
N PRO M 123 45.15 16.48 -22.12
CA PRO M 123 44.22 15.57 -22.78
C PRO M 123 44.56 15.37 -24.26
N SER M 124 44.43 14.13 -24.72
CA SER M 124 44.81 13.79 -26.09
C SER M 124 43.79 14.35 -27.03
N ASP M 125 44.19 14.50 -28.30
CA ASP M 125 43.31 15.05 -29.35
C ASP M 125 42.12 14.15 -29.70
N SER M 126 42.30 12.84 -29.52
CA SER M 126 41.22 11.87 -29.72
C SER M 126 40.06 12.11 -28.76
N GLN M 127 40.37 12.52 -27.53
CA GLN M 127 39.36 12.83 -26.52
C GLN M 127 38.72 14.20 -26.73
N LEU M 128 39.51 15.18 -27.16
CA LEU M 128 38.98 16.50 -27.56
C LEU M 128 38.03 16.41 -28.75
N LYS M 129 38.25 15.43 -29.61
CA LYS M 129 37.35 15.15 -30.71
C LYS M 129 35.98 14.59 -30.30
N SER M 130 35.80 14.23 -29.03
CA SER M 130 34.52 13.72 -28.53
C SER M 130 33.72 14.73 -27.69
N GLY M 131 34.35 15.81 -27.23
CA GLY M 131 33.67 16.85 -26.44
C GLY M 131 34.05 16.92 -24.97
N THR M 132 35.00 16.09 -24.52
CA THR M 132 35.44 16.06 -23.13
C THR M 132 36.96 16.10 -23.08
N ALA M 133 37.48 16.71 -22.02
CA ALA M 133 38.93 16.81 -21.79
C ALA M 133 39.22 16.33 -20.37
N SER M 134 40.18 15.41 -20.26
CA SER M 134 40.59 14.85 -18.98
C SER M 134 42.08 15.10 -18.76
N VAL M 135 42.40 15.94 -17.78
CA VAL M 135 43.77 16.21 -17.39
C VAL M 135 44.08 15.39 -16.15
N VAL M 136 45.12 14.55 -16.23
CA VAL M 136 45.51 13.65 -15.14
C VAL M 136 46.84 14.11 -14.51
N CYS M 137 46.91 14.03 -13.19
CA CYS M 137 48.12 14.39 -12.46
C CYS M 137 48.57 13.13 -11.72
N LEU M 138 49.84 12.74 -11.95
CA LEU M 138 50.39 11.48 -11.43
C LEU M 138 51.33 11.76 -10.26
N LEU M 139 51.13 11.05 -9.16
CA LEU M 139 52.06 11.04 -8.03
C LEU M 139 52.59 9.61 -7.96
N ASN M 140 53.85 9.44 -8.38
CA ASN M 140 54.42 8.09 -8.57
C ASN M 140 55.46 7.76 -7.49
N ASN M 141 55.28 6.59 -6.88
CA ASN M 141 56.25 6.02 -5.93
C ASN M 141 56.60 6.97 -4.79
N PHE M 142 55.74 7.00 -3.78
CA PHE M 142 55.96 7.86 -2.62
C PHE M 142 55.49 7.19 -1.33
N TYR M 143 55.82 7.82 -0.22
CA TYR M 143 55.45 7.35 1.11
C TYR M 143 55.63 8.49 2.09
N PRO M 144 54.66 8.70 3.02
CA PRO M 144 53.46 7.88 3.29
C PRO M 144 52.30 8.11 2.32
N ARG M 145 51.13 7.58 2.66
CA ARG M 145 49.94 7.67 1.81
C ARG M 145 49.32 9.07 1.67
N GLU M 146 49.31 9.85 2.74
CA GLU M 146 48.63 11.15 2.74
C GLU M 146 49.40 12.09 1.81
N ALA M 147 48.68 12.66 0.86
CA ALA M 147 49.25 13.59 -0.11
C ALA M 147 48.10 14.43 -0.64
N LYS M 148 48.34 15.73 -0.86
CA LYS M 148 47.31 16.66 -1.33
C LYS M 148 47.62 17.15 -2.74
N VAL M 149 46.61 17.14 -3.59
CA VAL M 149 46.74 17.61 -4.98
C VAL M 149 45.75 18.76 -5.15
N GLN M 150 46.27 19.89 -5.62
CA GLN M 150 45.47 21.10 -5.81
C GLN M 150 45.43 21.54 -7.27
N TRP M 151 44.22 21.59 -7.83
CA TRP M 151 44.04 21.98 -9.23
C TRP M 151 43.82 23.47 -9.27
N LYS M 152 44.39 24.10 -10.30
CA LYS M 152 44.18 25.52 -10.55
C LYS M 152 44.28 25.82 -12.05
N VAL M 153 43.26 26.52 -12.56
CA VAL M 153 43.20 26.90 -13.98
C VAL M 153 43.19 28.42 -14.06
N ASP M 154 44.17 28.99 -14.75
CA ASP M 154 44.38 30.45 -14.77
C ASP M 154 44.45 31.02 -13.36
N ASN M 155 45.17 30.32 -12.47
CA ASN M 155 45.29 30.67 -11.04
C ASN M 155 43.94 30.72 -10.29
N ALA M 156 42.96 29.96 -10.77
CA ALA M 156 41.66 29.83 -10.12
C ALA M 156 41.58 28.43 -9.52
N LEU M 157 41.50 28.37 -8.19
CA LEU M 157 41.50 27.11 -7.47
C LEU M 157 40.24 26.30 -7.71
N GLN M 158 40.41 25.04 -8.11
CA GLN M 158 39.31 24.15 -8.46
C GLN M 158 39.03 23.17 -7.31
N SER M 159 37.79 22.72 -7.25
CA SER M 159 37.34 21.75 -6.25
C SER M 159 36.06 21.10 -6.73
N GLY M 160 35.94 19.79 -6.51
CA GLY M 160 34.75 19.04 -6.90
C GLY M 160 34.74 18.47 -8.32
N ASN M 161 35.54 19.05 -9.20
CA ASN M 161 35.63 18.58 -10.60
C ASN M 161 36.76 17.56 -10.84
N SER M 162 37.39 17.08 -9.76
CA SER M 162 38.49 16.15 -9.86
C SER M 162 38.21 14.91 -9.00
N GLN M 163 38.68 13.77 -9.48
CA GLN M 163 38.59 12.51 -8.75
C GLN M 163 39.94 11.80 -8.77
N GLU M 164 40.38 11.36 -7.58
CA GLU M 164 41.70 10.76 -7.39
C GLU M 164 41.55 9.29 -7.01
N SER M 165 42.54 8.51 -7.41
CA SER M 165 42.59 7.09 -7.09
C SER M 165 43.97 6.78 -6.54
N VAL M 166 44.01 5.91 -5.53
CA VAL M 166 45.24 5.53 -4.85
C VAL M 166 45.47 4.04 -5.03
N THR M 167 46.71 3.68 -5.35
CA THR M 167 47.09 2.27 -5.51
C THR M 167 47.31 1.63 -4.15
N GLU M 168 47.36 0.31 -4.16
CA GLU M 168 47.70 -0.45 -2.96
C GLU M 168 49.19 -0.24 -2.66
N GLN M 169 49.59 -0.61 -1.45
CA GLN M 169 51.00 -0.51 -1.06
C GLN M 169 51.81 -1.53 -1.82
N ASP M 170 52.90 -1.09 -2.44
CA ASP M 170 53.70 -1.94 -3.31
C ASP M 170 54.31 -3.10 -2.54
N SER M 171 54.49 -4.22 -3.22
CA SER M 171 55.05 -5.44 -2.61
C SER M 171 56.59 -5.43 -2.52
N LYS M 172 57.24 -4.62 -3.35
CA LYS M 172 58.70 -4.56 -3.40
C LYS M 172 59.28 -3.43 -2.59
N ASP M 173 58.87 -2.19 -2.90
CA ASP M 173 59.39 -0.97 -2.24
C ASP M 173 58.44 -0.37 -1.20
N SER M 174 57.21 -0.89 -1.12
CA SER M 174 56.21 -0.44 -0.13
C SER M 174 55.79 1.02 -0.30
N THR M 175 55.79 1.51 -1.53
CA THR M 175 55.40 2.89 -1.83
C THR M 175 54.02 2.92 -2.46
N TYR M 176 53.45 4.12 -2.51
CA TYR M 176 52.11 4.35 -3.07
C TYR M 176 52.20 5.13 -4.36
N SER M 177 51.09 5.12 -5.09
CA SER M 177 50.95 5.90 -6.33
C SER M 177 49.53 6.47 -6.39
N LEU M 178 49.42 7.74 -6.80
CA LEU M 178 48.13 8.43 -6.85
C LEU M 178 47.92 9.06 -8.22
N SER M 179 46.68 9.00 -8.71
CA SER M 179 46.29 9.57 -10.00
C SER M 179 44.99 10.35 -9.85
N SER M 180 45.07 11.65 -10.10
CA SER M 180 43.92 12.54 -10.01
C SER M 180 43.55 13.02 -11.39
N THR M 181 42.29 12.89 -11.74
CA THR M 181 41.78 13.24 -13.06
C THR M 181 40.84 14.43 -12.95
N LEU M 182 41.13 15.47 -13.76
CA LEU M 182 40.30 16.67 -13.86
C LEU M 182 39.54 16.65 -15.18
N THR M 183 38.21 16.65 -15.07
CA THR M 183 37.35 16.51 -16.23
C THR M 183 36.56 17.79 -16.45
N LEU M 184 36.68 18.35 -17.66
CA LEU M 184 35.91 19.51 -18.10
C LEU M 184 35.34 19.24 -19.49
N SER M 185 34.38 20.08 -19.89
CA SER M 185 33.88 20.03 -21.26
C SER M 185 34.92 20.64 -22.20
N LYS M 186 34.75 20.37 -23.49
CA LYS M 186 35.66 20.90 -24.51
C LYS M 186 35.67 22.44 -24.49
N ALA M 187 34.49 23.04 -24.40
CA ALA M 187 34.37 24.50 -24.34
C ALA M 187 35.08 25.04 -23.12
N ASP M 188 34.76 24.50 -21.94
CA ASP M 188 35.40 24.95 -20.68
C ASP M 188 36.90 24.72 -20.67
N TYR M 189 37.34 23.63 -21.29
CA TYR M 189 38.78 23.37 -21.42
C TYR M 189 39.44 24.44 -22.29
N GLU M 190 38.78 24.80 -23.38
CA GLU M 190 39.27 25.84 -24.30
C GLU M 190 39.01 27.29 -23.81
N LYS M 191 38.37 27.45 -22.64
CA LYS M 191 38.15 28.76 -22.03
C LYS M 191 39.30 29.22 -21.12
N HIS M 192 40.30 28.37 -20.94
CA HIS M 192 41.42 28.71 -20.08
C HIS M 192 42.74 28.36 -20.76
N LYS M 193 43.83 28.86 -20.17
CA LYS M 193 45.16 28.74 -20.74
C LYS M 193 46.07 27.79 -19.96
N VAL M 194 46.46 28.19 -18.75
CA VAL M 194 47.44 27.46 -17.94
C VAL M 194 46.73 26.48 -17.02
N TYR M 195 47.17 25.23 -17.04
CA TYR M 195 46.65 24.18 -16.17
C TYR M 195 47.81 23.63 -15.37
N ALA M 196 47.60 23.50 -14.06
CA ALA M 196 48.65 23.05 -13.16
C ALA M 196 48.06 22.32 -11.95
N CYS M 197 48.76 21.26 -11.53
CA CYS M 197 48.44 20.54 -10.30
C CYS M 197 49.58 20.70 -9.31
N GLU M 198 49.27 21.28 -8.16
CA GLU M 198 50.25 21.50 -7.08
C GLU M 198 50.16 20.37 -6.07
N VAL M 199 51.28 19.69 -5.85
CA VAL M 199 51.36 18.52 -4.99
C VAL M 199 52.07 18.90 -3.69
N THR M 200 51.45 18.56 -2.56
CA THR M 200 52.04 18.74 -1.24
C THR M 200 52.21 17.37 -0.61
N HIS M 201 53.41 17.12 -0.08
CA HIS M 201 53.76 15.84 0.54
C HIS M 201 54.79 16.05 1.63
N GLN M 202 54.88 15.10 2.55
CA GLN M 202 55.85 15.17 3.63
C GLN M 202 57.30 15.18 3.14
N GLY M 203 57.58 14.34 2.13
CA GLY M 203 58.91 14.25 1.54
C GLY M 203 59.34 15.44 0.71
N LEU M 204 58.46 16.45 0.62
CA LEU M 204 58.73 17.67 -0.11
C LEU M 204 58.74 18.81 0.88
N SER M 205 59.85 19.54 0.93
CA SER M 205 59.97 20.71 1.82
C SER M 205 59.02 21.85 1.43
N SER M 206 58.74 21.96 0.13
CA SER M 206 57.80 22.95 -0.39
C SER M 206 56.95 22.26 -1.46
N PRO M 207 55.68 22.68 -1.63
CA PRO M 207 54.85 22.07 -2.66
C PRO M 207 55.39 22.25 -4.07
N VAL M 208 55.38 21.16 -4.83
CA VAL M 208 55.90 21.14 -6.18
C VAL M 208 54.74 21.41 -7.14
N THR M 209 55.04 22.11 -8.24
CA THR M 209 54.04 22.47 -9.24
C THR M 209 54.45 21.98 -10.62
N LYS M 210 53.54 21.26 -11.27
CA LYS M 210 53.74 20.80 -12.65
C LYS M 210 52.72 21.45 -13.57
N SER M 211 53.19 22.41 -14.36
CA SER M 211 52.32 23.25 -15.19
C SER M 211 52.47 22.93 -16.66
N PHE M 212 51.50 23.39 -17.43
CA PHE M 212 51.55 23.38 -18.90
C PHE M 212 50.48 24.31 -19.42
N ASN M 213 50.72 24.89 -20.60
CA ASN M 213 49.74 25.74 -21.25
C ASN M 213 49.00 24.93 -22.30
N ARG M 214 47.73 25.27 -22.50
CA ARG M 214 46.86 24.50 -23.38
C ARG M 214 47.39 24.52 -24.82
N GLY M 215 47.66 23.33 -25.36
CA GLY M 215 48.14 23.18 -26.73
C GLY M 215 49.59 23.59 -26.90
N GLU M 216 50.49 22.90 -26.20
CA GLU M 216 51.92 23.15 -26.30
C GLU M 216 52.73 21.86 -26.20
N ILE N 3 -26.93 -4.55 -0.52
CA ILE N 3 -26.12 -4.97 -1.73
C ILE N 3 -26.57 -6.34 -2.26
N GLN N 4 -26.85 -6.41 -3.55
CA GLN N 4 -27.30 -7.64 -4.21
C GLN N 4 -26.47 -7.89 -5.47
N MET N 5 -26.12 -9.16 -5.69
CA MET N 5 -25.35 -9.55 -6.88
C MET N 5 -26.24 -9.91 -8.05
N THR N 6 -27.25 -10.73 -7.80
CA THR N 6 -28.20 -11.17 -8.80
C THR N 6 -29.61 -10.74 -8.39
N GLN N 7 -30.60 -11.11 -9.21
CA GLN N 7 -32.00 -10.81 -8.94
C GLN N 7 -32.76 -12.09 -8.62
N SER N 8 -33.90 -11.93 -7.95
CA SER N 8 -34.80 -13.04 -7.73
C SER N 8 -35.44 -13.45 -9.06
N PRO N 9 -35.65 -14.76 -9.28
CA PRO N 9 -36.22 -15.18 -10.55
C PRO N 9 -37.66 -14.69 -10.75
N SER N 10 -37.93 -14.15 -11.94
CA SER N 10 -39.27 -13.67 -12.28
C SER N 10 -40.22 -14.86 -12.39
N SER N 11 -41.50 -14.58 -12.17
CA SER N 11 -42.53 -15.61 -12.15
C SER N 11 -43.35 -15.60 -13.44
N LEU N 12 -43.81 -16.79 -13.83
CA LEU N 12 -44.68 -16.98 -14.99
C LEU N 12 -45.76 -17.99 -14.60
N SER N 13 -47.01 -17.52 -14.59
CA SER N 13 -48.14 -18.37 -14.25
C SER N 13 -48.62 -19.05 -15.52
N ALA N 14 -48.62 -20.38 -15.52
CA ALA N 14 -48.99 -21.18 -16.69
C ALA N 14 -49.74 -22.44 -16.26
N SER N 15 -50.62 -22.91 -17.13
CA SER N 15 -51.38 -24.14 -16.91
C SER N 15 -50.77 -25.30 -17.68
N VAL N 16 -51.18 -26.51 -17.30
CA VAL N 16 -50.67 -27.73 -17.94
C VAL N 16 -51.20 -27.75 -19.37
N GLY N 17 -50.30 -28.02 -20.31
CA GLY N 17 -50.62 -28.06 -21.73
C GLY N 17 -50.43 -26.77 -22.49
N ASP N 18 -50.16 -25.68 -21.78
CA ASP N 18 -49.95 -24.39 -22.43
C ASP N 18 -48.64 -24.35 -23.20
N ARG N 19 -48.55 -23.39 -24.13
CA ARG N 19 -47.33 -23.15 -24.89
C ARG N 19 -46.62 -21.96 -24.28
N VAL N 20 -45.41 -22.20 -23.78
CA VAL N 20 -44.62 -21.20 -23.08
C VAL N 20 -43.40 -20.85 -23.93
N THR N 21 -43.15 -19.54 -24.07
CA THR N 21 -42.03 -19.03 -24.85
C THR N 21 -41.25 -18.03 -23.99
N ILE N 22 -40.01 -18.36 -23.65
CA ILE N 22 -39.18 -17.45 -22.84
C ILE N 22 -38.12 -16.82 -23.72
N THR N 23 -37.93 -15.49 -23.67
CA THR N 23 -36.89 -14.79 -24.48
C THR N 23 -35.73 -14.38 -23.56
N CYS N 24 -34.55 -14.16 -24.13
CA CYS N 24 -33.36 -13.86 -23.29
C CYS N 24 -32.52 -12.81 -24.00
N ARG N 25 -33.02 -11.59 -24.04
CA ARG N 25 -32.34 -10.57 -24.87
C ARG N 25 -30.86 -10.50 -24.53
N ALA N 26 -30.08 -10.18 -25.54
CA ALA N 26 -28.63 -10.15 -25.37
C ALA N 26 -28.02 -9.33 -26.51
N SER N 27 -28.46 -8.09 -26.65
CA SER N 27 -27.99 -7.29 -27.79
C SER N 27 -26.47 -7.38 -27.89
N GLN N 28 -25.96 -7.01 -29.04
CA GLN N 28 -24.50 -7.12 -29.24
C GLN N 28 -24.15 -8.61 -29.32
N SER N 29 -25.05 -9.42 -29.88
CA SER N 29 -24.82 -10.88 -29.93
C SER N 29 -24.18 -11.27 -31.26
N VAL N 30 -22.88 -11.52 -31.25
CA VAL N 30 -22.24 -12.01 -32.50
C VAL N 30 -22.10 -13.52 -32.47
N SER N 31 -22.83 -14.24 -31.61
CA SER N 31 -22.58 -15.70 -31.55
C SER N 31 -23.83 -16.47 -31.22
N SER N 32 -23.81 -17.76 -31.50
CA SER N 32 -24.94 -18.65 -31.25
C SER N 32 -24.65 -19.64 -30.12
N ALA N 33 -23.59 -19.39 -29.35
CA ALA N 33 -23.20 -20.31 -28.25
C ALA N 33 -23.98 -19.98 -26.98
N VAL N 34 -25.31 -20.09 -27.10
CA VAL N 34 -26.25 -19.75 -26.04
C VAL N 34 -26.79 -21.05 -25.46
N ALA N 35 -26.76 -21.17 -24.14
CA ALA N 35 -27.26 -22.35 -23.45
C ALA N 35 -28.45 -21.99 -22.57
N TRP N 36 -29.34 -22.96 -22.40
CA TRP N 36 -30.49 -22.85 -21.50
C TRP N 36 -30.40 -23.95 -20.45
N TYR N 37 -30.83 -23.62 -19.23
CA TYR N 37 -30.78 -24.56 -18.10
C TYR N 37 -32.11 -24.60 -17.38
N GLN N 38 -32.39 -25.73 -16.75
CA GLN N 38 -33.58 -25.89 -15.91
C GLN N 38 -33.12 -26.31 -14.53
N GLN N 39 -33.66 -25.64 -13.51
CA GLN N 39 -33.35 -25.92 -12.11
C GLN N 39 -34.64 -26.00 -11.30
N LYS N 40 -34.84 -27.15 -10.65
CA LYS N 40 -35.97 -27.37 -9.76
C LYS N 40 -35.57 -27.02 -8.34
N PRO N 41 -36.56 -26.63 -7.50
CA PRO N 41 -36.24 -26.24 -6.13
C PRO N 41 -35.55 -27.36 -5.37
N GLY N 42 -34.40 -27.05 -4.77
CA GLY N 42 -33.61 -28.01 -4.00
C GLY N 42 -32.72 -28.95 -4.81
N LYS N 43 -32.77 -28.85 -6.13
CA LYS N 43 -31.99 -29.70 -7.01
C LYS N 43 -31.02 -28.87 -7.83
N ALA N 44 -29.94 -29.52 -8.26
CA ALA N 44 -28.94 -28.89 -9.12
C ALA N 44 -29.54 -28.62 -10.49
N PRO N 45 -29.05 -27.57 -11.19
CA PRO N 45 -29.56 -27.27 -12.53
C PRO N 45 -29.18 -28.33 -13.57
N LYS N 46 -30.01 -28.43 -14.61
CA LYS N 46 -29.83 -29.41 -15.67
C LYS N 46 -29.74 -28.64 -16.99
N LEU N 47 -28.83 -29.09 -17.86
CA LEU N 47 -28.66 -28.50 -19.19
C LEU N 47 -29.79 -28.91 -20.14
N LEU N 48 -30.35 -27.93 -20.82
CA LEU N 48 -31.45 -28.17 -21.76
C LEU N 48 -30.96 -28.02 -23.20
N ILE N 49 -30.60 -26.80 -23.58
CA ILE N 49 -30.22 -26.49 -24.95
C ILE N 49 -28.77 -26.02 -24.96
N TYR N 50 -28.03 -26.40 -26.00
CA TYR N 50 -26.72 -25.84 -26.27
C TYR N 50 -26.66 -25.42 -27.74
N SER N 51 -25.75 -24.50 -28.05
CA SER N 51 -25.62 -23.94 -29.40
C SER N 51 -26.95 -23.39 -29.90
N ALA N 52 -27.65 -22.67 -29.01
CA ALA N 52 -28.89 -21.94 -29.32
C ALA N 52 -30.12 -22.81 -29.59
N SER N 53 -29.94 -23.92 -30.32
CA SER N 53 -31.05 -24.75 -30.78
C SER N 53 -30.91 -26.26 -30.60
N SER N 54 -29.73 -26.75 -30.25
CA SER N 54 -29.49 -28.19 -30.17
C SER N 54 -30.03 -28.76 -28.87
N LEU N 55 -30.97 -29.70 -28.97
CA LEU N 55 -31.48 -30.42 -27.79
C LEU N 55 -30.37 -31.26 -27.18
N TYR N 56 -30.35 -31.36 -25.86
CA TYR N 56 -29.40 -32.22 -25.17
C TYR N 56 -30.01 -33.61 -24.98
N SER N 57 -29.13 -34.61 -24.88
CA SER N 57 -29.57 -35.99 -24.72
C SER N 57 -30.41 -36.15 -23.45
N GLY N 58 -31.63 -36.66 -23.62
CA GLY N 58 -32.54 -36.89 -22.51
C GLY N 58 -33.53 -35.77 -22.24
N VAL N 59 -33.73 -34.89 -23.21
CA VAL N 59 -34.68 -33.80 -23.11
C VAL N 59 -35.84 -34.09 -24.06
N PRO N 60 -37.10 -34.03 -23.56
CA PRO N 60 -38.23 -34.29 -24.47
C PRO N 60 -38.29 -33.32 -25.64
N SER N 61 -38.90 -33.77 -26.73
CA SER N 61 -38.96 -32.98 -27.96
C SER N 61 -39.85 -31.73 -27.86
N ARG N 62 -40.68 -31.64 -26.81
CA ARG N 62 -41.47 -30.44 -26.56
C ARG N 62 -40.64 -29.19 -26.26
N PHE N 63 -39.41 -29.38 -25.79
CA PHE N 63 -38.47 -28.27 -25.61
C PHE N 63 -37.83 -27.94 -26.94
N SER N 64 -37.63 -26.65 -27.18
CA SER N 64 -37.03 -26.17 -28.42
C SER N 64 -36.40 -24.81 -28.21
N GLY N 65 -35.21 -24.64 -28.78
CA GLY N 65 -34.51 -23.37 -28.77
C GLY N 65 -34.42 -22.80 -30.17
N SER N 66 -34.59 -21.49 -30.29
CA SER N 66 -34.48 -20.80 -31.58
C SER N 66 -33.75 -19.47 -31.39
N ARG N 67 -33.26 -18.95 -32.51
CA ARG N 67 -32.54 -17.68 -32.55
C ARG N 67 -33.23 -16.78 -33.56
N SER N 68 -33.48 -15.54 -33.17
CA SER N 68 -34.10 -14.54 -34.04
C SER N 68 -33.28 -13.24 -33.93
N GLY N 69 -32.30 -13.11 -34.82
CA GLY N 69 -31.37 -11.99 -34.79
C GLY N 69 -30.47 -12.05 -33.57
N THR N 70 -30.60 -11.09 -32.68
CA THR N 70 -29.85 -11.06 -31.41
C THR N 70 -30.66 -11.60 -30.24
N ASP N 71 -31.89 -12.04 -30.49
CA ASP N 71 -32.75 -12.59 -29.43
C ASP N 71 -32.74 -14.11 -29.49
N PHE N 72 -32.67 -14.73 -28.32
CA PHE N 72 -32.69 -16.19 -28.19
C PHE N 72 -33.92 -16.60 -27.39
N THR N 73 -34.48 -17.75 -27.74
CA THR N 73 -35.75 -18.20 -27.16
C THR N 73 -35.67 -19.67 -26.74
N LEU N 74 -36.48 -20.02 -25.74
CA LEU N 74 -36.70 -21.40 -25.34
C LEU N 74 -38.20 -21.62 -25.22
N THR N 75 -38.72 -22.55 -26.00
CA THR N 75 -40.16 -22.76 -26.11
C THR N 75 -40.52 -24.16 -25.64
N ILE N 76 -41.57 -24.23 -24.82
CA ILE N 76 -42.19 -25.50 -24.42
C ILE N 76 -43.55 -25.57 -25.13
N SER N 77 -43.68 -26.52 -26.05
CA SER N 77 -44.88 -26.62 -26.87
C SER N 77 -46.11 -27.01 -26.04
N SER N 78 -46.00 -28.09 -25.29
CA SER N 78 -47.08 -28.57 -24.42
C SER N 78 -46.54 -28.73 -23.01
N LEU N 79 -47.03 -27.91 -22.08
CA LEU N 79 -46.52 -27.89 -20.71
C LEU N 79 -47.00 -29.11 -19.92
N GLN N 80 -46.05 -29.85 -19.35
CA GLN N 80 -46.33 -31.02 -18.53
C GLN N 80 -46.08 -30.67 -17.06
N PRO N 81 -46.67 -31.46 -16.12
CA PRO N 81 -46.47 -31.18 -14.68
C PRO N 81 -45.01 -31.18 -14.20
N GLU N 82 -44.15 -31.94 -14.88
CA GLU N 82 -42.72 -32.00 -14.55
C GLU N 82 -41.88 -30.89 -15.21
N ASP N 83 -42.52 -29.95 -15.89
CA ASP N 83 -41.83 -28.85 -16.56
C ASP N 83 -41.85 -27.54 -15.75
N PHE N 84 -42.55 -27.51 -14.63
CA PHE N 84 -42.62 -26.31 -13.81
C PHE N 84 -41.37 -26.19 -12.96
N ALA N 85 -40.50 -25.26 -13.35
CA ALA N 85 -39.25 -24.99 -12.62
C ALA N 85 -38.71 -23.62 -13.04
N THR N 86 -37.49 -23.29 -12.59
CA THR N 86 -36.82 -22.05 -12.96
C THR N 86 -35.84 -22.30 -14.10
N TYR N 87 -35.95 -21.47 -15.14
CA TYR N 87 -35.13 -21.59 -16.34
C TYR N 87 -34.16 -20.42 -16.45
N TYR N 88 -32.87 -20.74 -16.57
CA TYR N 88 -31.81 -19.75 -16.70
C TYR N 88 -31.27 -19.74 -18.12
N CYS N 89 -31.02 -18.54 -18.65
CA CYS N 89 -30.43 -18.36 -19.97
C CYS N 89 -28.98 -17.93 -19.83
N GLN N 90 -28.10 -18.67 -20.50
CA GLN N 90 -26.68 -18.32 -20.53
C GLN N 90 -26.44 -17.45 -21.74
N GLN N 91 -25.93 -16.24 -21.50
CA GLN N 91 -25.67 -15.27 -22.55
C GLN N 91 -24.59 -15.84 -23.49
N PRO N 92 -24.47 -15.28 -24.71
CA PRO N 92 -23.46 -15.76 -25.65
C PRO N 92 -22.06 -15.80 -25.05
N SER N 93 -21.58 -17.02 -24.80
CA SER N 93 -20.31 -17.24 -24.12
C SER N 93 -19.20 -17.42 -25.14
N TYR N 94 -18.41 -16.37 -25.33
CA TYR N 94 -17.28 -16.42 -26.25
C TYR N 94 -16.11 -17.10 -25.57
N ILE N 95 -15.24 -17.70 -26.36
CA ILE N 95 -14.07 -18.41 -25.84
C ILE N 95 -13.07 -17.40 -25.31
N TYR N 96 -12.50 -17.72 -24.15
CA TYR N 96 -11.57 -16.88 -23.38
C TYR N 96 -12.22 -15.72 -22.61
N TYR N 97 -13.54 -15.56 -22.73
CA TYR N 97 -14.26 -14.45 -22.10
C TYR N 97 -15.19 -15.00 -21.02
N PRO N 98 -15.48 -14.18 -19.99
CA PRO N 98 -16.35 -14.64 -18.90
C PRO N 98 -17.76 -15.00 -19.34
N VAL N 99 -18.42 -15.76 -18.46
CA VAL N 99 -19.76 -16.28 -18.71
C VAL N 99 -20.73 -15.59 -17.76
N THR N 100 -21.88 -15.19 -18.29
CA THR N 100 -22.90 -14.53 -17.48
C THR N 100 -24.23 -15.25 -17.66
N PHE N 101 -24.93 -15.47 -16.54
CA PHE N 101 -26.25 -16.09 -16.55
C PHE N 101 -27.31 -15.01 -16.41
N GLY N 102 -28.37 -15.14 -17.20
CA GLY N 102 -29.49 -14.22 -17.13
C GLY N 102 -30.39 -14.48 -15.93
N GLN N 103 -31.40 -13.63 -15.79
CA GLN N 103 -32.39 -13.77 -14.71
C GLN N 103 -33.21 -15.03 -14.93
N GLY N 104 -33.33 -15.83 -13.89
CA GLY N 104 -34.13 -17.04 -13.94
C GLY N 104 -35.61 -16.74 -14.14
N THR N 105 -36.31 -17.70 -14.72
CA THR N 105 -37.75 -17.60 -14.96
C THR N 105 -38.47 -18.76 -14.30
N LYS N 106 -39.00 -18.52 -13.10
CA LYS N 106 -39.73 -19.53 -12.36
C LYS N 106 -41.13 -19.64 -12.95
N VAL N 107 -41.51 -20.86 -13.34
CA VAL N 107 -42.82 -21.10 -13.91
C VAL N 107 -43.64 -21.89 -12.90
N GLU N 108 -44.74 -21.28 -12.46
CA GLU N 108 -45.67 -21.88 -11.51
C GLU N 108 -46.93 -22.32 -12.23
N ILE N 109 -47.60 -23.31 -11.64
CA ILE N 109 -48.84 -23.86 -12.19
C ILE N 109 -50.02 -22.98 -11.76
N LYS N 110 -50.86 -22.62 -12.74
CA LYS N 110 -52.03 -21.78 -12.47
C LYS N 110 -53.07 -22.58 -11.69
N ARG N 111 -53.83 -21.88 -10.87
CA ARG N 111 -54.83 -22.50 -10.00
C ARG N 111 -55.97 -21.50 -9.79
N THR N 112 -57.12 -22.02 -9.41
CA THR N 112 -58.25 -21.19 -9.01
C THR N 112 -57.91 -20.35 -7.78
N VAL N 113 -58.65 -19.26 -7.61
CA VAL N 113 -58.41 -18.31 -6.52
C VAL N 113 -58.69 -18.99 -5.18
N ALA N 114 -57.69 -18.96 -4.29
CA ALA N 114 -57.79 -19.56 -2.96
C ALA N 114 -57.51 -18.52 -1.89
N ALA N 115 -58.46 -18.30 -1.01
CA ALA N 115 -58.30 -17.33 0.08
C ALA N 115 -57.47 -17.96 1.20
N PRO N 116 -56.59 -17.15 1.84
CA PRO N 116 -55.72 -17.68 2.90
C PRO N 116 -56.46 -17.82 4.22
N SER N 117 -56.07 -18.87 4.96
CA SER N 117 -56.56 -19.07 6.31
C SER N 117 -55.56 -18.43 7.26
N VAL N 118 -56.00 -17.37 7.93
CA VAL N 118 -55.13 -16.56 8.78
C VAL N 118 -55.17 -17.08 10.22
N PHE N 119 -54.00 -17.27 10.81
CA PHE N 119 -53.88 -17.68 12.21
C PHE N 119 -52.80 -16.85 12.88
N ILE N 120 -53.10 -16.40 14.09
CA ILE N 120 -52.18 -15.58 14.88
C ILE N 120 -51.81 -16.38 16.12
N PHE N 121 -50.52 -16.37 16.45
CA PHE N 121 -50.00 -17.09 17.62
C PHE N 121 -49.27 -16.09 18.53
N PRO N 122 -49.70 -16.00 19.80
CA PRO N 122 -48.96 -15.19 20.76
C PRO N 122 -47.62 -15.85 21.14
N PRO N 123 -46.63 -15.05 21.55
CA PRO N 123 -45.34 -15.64 21.91
C PRO N 123 -45.44 -16.51 23.16
N SER N 124 -44.73 -17.62 23.18
CA SER N 124 -44.75 -18.54 24.31
C SER N 124 -44.04 -17.92 25.51
N ASP N 125 -44.42 -18.36 26.71
CA ASP N 125 -43.83 -17.86 27.96
C ASP N 125 -42.36 -18.26 28.14
N SER N 126 -41.96 -19.37 27.53
CA SER N 126 -40.56 -19.79 27.52
C SER N 126 -39.67 -18.80 26.75
N GLN N 127 -40.21 -18.18 25.71
CA GLN N 127 -39.49 -17.16 24.95
C GLN N 127 -39.46 -15.81 25.70
N LEU N 128 -40.56 -15.45 26.35
CA LEU N 128 -40.56 -14.28 27.24
C LEU N 128 -39.59 -14.42 28.41
N LYS N 129 -39.30 -15.66 28.80
CA LYS N 129 -38.28 -15.94 29.79
C LYS N 129 -36.85 -15.59 29.33
N SER N 130 -36.64 -15.39 28.04
CA SER N 130 -35.31 -15.04 27.50
C SER N 130 -35.10 -13.54 27.25
N GLY N 131 -36.18 -12.75 27.12
CA GLY N 131 -36.09 -11.31 26.87
C GLY N 131 -36.59 -10.80 25.54
N THR N 132 -37.04 -11.71 24.66
CA THR N 132 -37.58 -11.35 23.35
C THR N 132 -38.92 -12.03 23.13
N ALA N 133 -39.80 -11.36 22.38
CA ALA N 133 -41.14 -11.87 22.07
C ALA N 133 -41.32 -11.85 20.56
N SER N 134 -41.69 -13.00 20.00
CA SER N 134 -41.89 -13.16 18.57
C SER N 134 -43.33 -13.61 18.32
N VAL N 135 -44.10 -12.72 17.69
CA VAL N 135 -45.49 -12.99 17.32
C VAL N 135 -45.51 -13.34 15.83
N VAL N 136 -46.08 -14.49 15.53
CA VAL N 136 -46.11 -15.02 14.15
C VAL N 136 -47.54 -14.98 13.60
N CYS N 137 -47.67 -14.57 12.35
CA CYS N 137 -48.96 -14.51 11.67
C CYS N 137 -48.86 -15.44 10.47
N LEU N 138 -49.79 -16.38 10.38
CA LEU N 138 -49.76 -17.45 9.38
C LEU N 138 -50.79 -17.19 8.28
N LEU N 139 -50.34 -17.25 7.03
CA LEU N 139 -51.23 -17.23 5.87
C LEU N 139 -51.08 -18.59 5.21
N ASN N 140 -52.08 -19.45 5.38
CA ASN N 140 -51.97 -20.86 4.99
C ASN N 140 -52.84 -21.17 3.78
N ASN N 141 -52.24 -21.81 2.78
CA ASN N 141 -52.93 -22.35 1.59
C ASN N 141 -53.75 -21.31 0.85
N PHE N 142 -53.09 -20.53 -0.01
CA PHE N 142 -53.76 -19.51 -0.80
C PHE N 142 -53.18 -19.44 -2.20
N TYR N 143 -53.86 -18.68 -3.04
CA TYR N 143 -53.42 -18.44 -4.41
C TYR N 143 -54.09 -17.15 -4.91
N PRO N 144 -53.34 -16.28 -5.62
CA PRO N 144 -51.94 -16.41 -6.04
C PRO N 144 -50.93 -16.15 -4.92
N ARG N 145 -49.66 -16.07 -5.28
CA ARG N 145 -48.61 -15.79 -4.32
C ARG N 145 -48.77 -14.38 -3.73
N GLU N 146 -49.48 -13.50 -4.45
CA GLU N 146 -49.69 -12.11 -4.02
C GLU N 146 -50.42 -11.98 -2.69
N ALA N 147 -49.75 -11.39 -1.69
CA ALA N 147 -50.35 -11.16 -0.37
C ALA N 147 -49.63 -10.11 0.46
N LYS N 148 -50.42 -9.26 1.14
CA LYS N 148 -49.91 -8.18 1.95
C LYS N 148 -50.26 -8.44 3.41
N VAL N 149 -49.27 -8.26 4.29
CA VAL N 149 -49.44 -8.42 5.74
C VAL N 149 -49.04 -7.12 6.44
N GLN N 150 -49.98 -6.57 7.21
CA GLN N 150 -49.78 -5.31 7.92
C GLN N 150 -49.90 -5.52 9.42
N TRP N 151 -48.85 -5.16 10.15
CA TRP N 151 -48.82 -5.30 11.61
C TRP N 151 -49.30 -4.02 12.27
N LYS N 152 -50.11 -4.19 13.32
CA LYS N 152 -50.67 -3.07 14.07
C LYS N 152 -50.59 -3.39 15.56
N VAL N 153 -49.97 -2.48 16.31
CA VAL N 153 -49.97 -2.51 17.79
C VAL N 153 -50.66 -1.26 18.32
N ASP N 154 -51.71 -1.44 19.11
CA ASP N 154 -52.60 -0.33 19.52
C ASP N 154 -53.06 0.53 18.34
N ASN N 155 -53.39 -0.13 17.22
CA ASN N 155 -53.76 0.52 15.94
C ASN N 155 -52.67 1.47 15.38
N ALA N 156 -51.42 1.14 15.66
CA ALA N 156 -50.27 1.88 15.13
C ALA N 156 -49.54 1.00 14.10
N LEU N 157 -49.43 1.50 12.88
CA LEU N 157 -48.86 0.74 11.78
C LEU N 157 -47.36 0.51 11.99
N GLN N 158 -46.93 -0.75 11.89
CA GLN N 158 -45.54 -1.13 12.09
C GLN N 158 -44.87 -1.43 10.77
N SER N 159 -43.57 -1.22 10.74
CA SER N 159 -42.76 -1.49 9.54
C SER N 159 -41.30 -1.62 9.92
N GLY N 160 -40.64 -2.60 9.31
CA GLY N 160 -39.21 -2.85 9.53
C GLY N 160 -38.85 -3.87 10.61
N ASN N 161 -39.77 -4.10 11.55
CA ASN N 161 -39.56 -5.06 12.64
C ASN N 161 -40.17 -6.44 12.38
N SER N 162 -40.61 -6.68 11.14
CA SER N 162 -41.22 -7.95 10.78
C SER N 162 -40.47 -8.53 9.58
N GLN N 163 -40.41 -9.86 9.52
CA GLN N 163 -39.79 -10.56 8.40
C GLN N 163 -40.66 -11.75 8.02
N GLU N 164 -40.93 -11.88 6.72
CA GLU N 164 -41.81 -12.93 6.19
C GLU N 164 -41.04 -13.91 5.30
N SER N 165 -41.51 -15.15 5.29
CA SER N 165 -40.92 -16.19 4.47
C SER N 165 -42.04 -16.90 3.74
N VAL N 166 -41.81 -17.24 2.47
CA VAL N 166 -42.81 -17.86 1.60
C VAL N 166 -42.34 -19.24 1.14
N THR N 167 -43.22 -20.23 1.27
CA THR N 167 -42.91 -21.59 0.87
C THR N 167 -43.06 -21.72 -0.63
N GLU N 168 -42.58 -22.83 -1.16
CA GLU N 168 -42.76 -23.14 -2.58
C GLU N 168 -44.18 -23.64 -2.82
N GLN N 169 -44.59 -23.65 -4.08
CA GLN N 169 -45.92 -24.11 -4.46
C GLN N 169 -46.09 -25.59 -4.17
N ASP N 170 -47.19 -25.94 -3.51
CA ASP N 170 -47.44 -27.31 -3.07
C ASP N 170 -47.58 -28.25 -4.26
N SER N 171 -47.17 -29.51 -4.07
CA SER N 171 -47.21 -30.51 -5.13
C SER N 171 -48.61 -31.08 -5.38
N LYS N 172 -49.53 -30.93 -4.41
CA LYS N 172 -50.88 -31.48 -4.52
C LYS N 172 -51.95 -30.44 -4.86
N ASP N 173 -52.02 -29.40 -4.05
CA ASP N 173 -53.06 -28.36 -4.22
C ASP N 173 -52.57 -27.12 -4.96
N SER N 174 -51.26 -26.99 -5.17
CA SER N 174 -50.67 -25.85 -5.90
C SER N 174 -50.93 -24.49 -5.22
N THR N 175 -50.89 -24.48 -3.88
CA THR N 175 -51.12 -23.28 -3.10
C THR N 175 -49.85 -22.90 -2.35
N TYR N 176 -49.81 -21.63 -1.93
CA TYR N 176 -48.68 -21.07 -1.20
C TYR N 176 -49.05 -20.80 0.24
N SER N 177 -48.03 -20.67 1.07
CA SER N 177 -48.18 -20.35 2.50
C SER N 177 -47.11 -19.33 2.88
N LEU N 178 -47.51 -18.34 3.68
CA LEU N 178 -46.62 -17.27 4.13
C LEU N 178 -46.66 -17.18 5.66
N SER N 179 -45.49 -16.91 6.25
CA SER N 179 -45.36 -16.73 7.69
C SER N 179 -44.56 -15.48 7.94
N SER N 180 -45.18 -14.52 8.65
CA SER N 180 -44.53 -13.27 9.04
C SER N 180 -44.31 -13.25 10.54
N THR N 181 -43.08 -12.94 10.95
CA THR N 181 -42.70 -12.95 12.35
C THR N 181 -42.39 -11.53 12.78
N LEU N 182 -43.03 -11.09 13.86
CA LEU N 182 -42.82 -9.77 14.44
C LEU N 182 -42.08 -9.91 15.77
N THR N 183 -40.85 -9.39 15.82
CA THR N 183 -39.96 -9.57 16.97
C THR N 183 -39.77 -8.25 17.70
N LEU N 184 -40.03 -8.27 19.00
CA LEU N 184 -39.82 -7.13 19.88
C LEU N 184 -39.07 -7.57 21.12
N SER N 185 -38.54 -6.60 21.86
CA SER N 185 -37.96 -6.86 23.18
C SER N 185 -39.07 -7.14 24.19
N LYS N 186 -38.67 -7.67 25.34
CA LYS N 186 -39.64 -7.99 26.38
C LYS N 186 -40.35 -6.73 26.88
N ALA N 187 -39.60 -5.65 27.04
CA ALA N 187 -40.16 -4.39 27.53
C ALA N 187 -41.15 -3.81 26.53
N ASP N 188 -40.75 -3.69 25.27
CA ASP N 188 -41.65 -3.19 24.23
C ASP N 188 -42.87 -4.07 24.04
N TYR N 189 -42.71 -5.38 24.22
CA TYR N 189 -43.83 -6.33 24.15
C TYR N 189 -44.81 -6.08 25.31
N GLU N 190 -44.27 -5.82 26.49
CA GLU N 190 -45.07 -5.54 27.67
C GLU N 190 -45.59 -4.09 27.79
N LYS N 191 -45.20 -3.23 26.84
CA LYS N 191 -45.67 -1.84 26.82
C LYS N 191 -46.98 -1.62 26.03
N HIS N 192 -47.44 -2.65 25.32
CA HIS N 192 -48.65 -2.54 24.50
C HIS N 192 -49.61 -3.68 24.78
N LYS N 193 -50.84 -3.52 24.31
CA LYS N 193 -51.93 -4.44 24.63
C LYS N 193 -52.36 -5.28 23.42
N VAL N 194 -52.96 -4.62 22.43
CA VAL N 194 -53.59 -5.32 21.30
C VAL N 194 -52.57 -5.43 20.16
N TYR N 195 -52.39 -6.65 19.68
CA TYR N 195 -51.54 -6.95 18.52
C TYR N 195 -52.42 -7.53 17.43
N ALA N 196 -52.17 -7.13 16.19
CA ALA N 196 -52.96 -7.60 15.08
C ALA N 196 -52.15 -7.60 13.80
N CYS N 197 -52.42 -8.58 12.94
CA CYS N 197 -51.87 -8.64 11.58
C CYS N 197 -53.02 -8.58 10.59
N GLU N 198 -52.97 -7.57 9.72
CA GLU N 198 -54.00 -7.34 8.72
C GLU N 198 -53.57 -7.96 7.39
N VAL N 199 -54.44 -8.81 6.85
CA VAL N 199 -54.14 -9.58 5.65
C VAL N 199 -55.02 -9.13 4.51
N THR N 200 -54.39 -8.82 3.36
CA THR N 200 -55.09 -8.46 2.14
C THR N 200 -54.75 -9.49 1.09
N HIS N 201 -55.75 -10.00 0.39
CA HIS N 201 -55.58 -11.05 -0.62
C HIS N 201 -56.69 -10.97 -1.65
N GLN N 202 -56.45 -11.55 -2.82
CA GLN N 202 -57.44 -11.60 -3.92
C GLN N 202 -58.74 -12.29 -3.48
N GLY N 203 -58.59 -13.42 -2.80
CA GLY N 203 -59.71 -14.21 -2.29
C GLY N 203 -60.48 -13.64 -1.11
N LEU N 204 -60.17 -12.41 -0.70
CA LEU N 204 -60.89 -11.73 0.36
C LEU N 204 -61.44 -10.41 -0.17
N SER N 205 -62.76 -10.25 -0.12
CA SER N 205 -63.42 -9.02 -0.55
C SER N 205 -62.99 -7.81 0.30
N SER N 206 -62.71 -8.05 1.58
CA SER N 206 -62.20 -7.01 2.47
C SER N 206 -61.02 -7.58 3.24
N PRO N 207 -60.08 -6.71 3.64
CA PRO N 207 -58.95 -7.21 4.42
C PRO N 207 -59.39 -7.86 5.74
N VAL N 208 -58.74 -8.96 6.11
CA VAL N 208 -59.04 -9.71 7.33
C VAL N 208 -58.00 -9.35 8.39
N THR N 209 -58.47 -9.14 9.62
CA THR N 209 -57.61 -8.80 10.75
C THR N 209 -57.71 -9.87 11.82
N LYS N 210 -56.56 -10.35 12.29
CA LYS N 210 -56.49 -11.34 13.35
C LYS N 210 -55.77 -10.74 14.55
N SER N 211 -56.52 -10.54 15.64
CA SER N 211 -56.00 -9.86 16.81
C SER N 211 -55.88 -10.79 18.00
N PHE N 212 -55.14 -10.31 18.99
CA PHE N 212 -55.06 -10.93 20.32
C PHE N 212 -54.51 -9.89 21.32
N ASN N 213 -54.94 -9.99 22.58
CA ASN N 213 -54.46 -9.11 23.65
C ASN N 213 -53.43 -9.84 24.51
N ARG N 214 -52.39 -9.10 24.89
CA ARG N 214 -51.31 -9.67 25.66
C ARG N 214 -51.84 -10.13 27.01
N GLY N 215 -51.59 -11.39 27.34
CA GLY N 215 -51.95 -11.96 28.64
C GLY N 215 -53.41 -12.36 28.74
N GLU N 216 -53.79 -13.40 28.01
CA GLU N 216 -55.14 -13.97 28.09
C GLU N 216 -55.09 -15.50 27.98
#